data_1WI5
#
_entry.id   1WI5
#
_entity_poly.entity_id   1
_entity_poly.type   'polypeptide(L)'
_entity_poly.pdbx_seq_one_letter_code
;GSSGSSGKNVNRVLSAEALKPGMLLTGTVSSLEDHGYLVDIGVDGTRAFLPLLKAQEYIRQKNKGAKLKVGQYLNCIVEK
VKGNGGVVSLSVGHSEVSTAIATEQQSWNLNNLSGPSSG
;
_entity_poly.pdbx_strand_id   A
#
# COMPACT_ATOMS: atom_id res chain seq x y z
N GLY A 1 38.34 -2.86 -23.86
CA GLY A 1 37.70 -3.81 -24.74
C GLY A 1 36.19 -3.63 -24.79
N SER A 2 35.53 -3.88 -23.67
CA SER A 2 34.08 -3.75 -23.59
C SER A 2 33.69 -2.82 -22.45
N SER A 3 32.65 -2.02 -22.69
CA SER A 3 32.16 -1.08 -21.68
C SER A 3 31.51 -1.82 -20.51
N GLY A 4 31.21 -1.07 -19.45
CA GLY A 4 30.57 -1.67 -18.28
C GLY A 4 29.52 -0.77 -17.67
N SER A 5 28.40 -1.36 -17.28
CA SER A 5 27.31 -0.60 -16.68
C SER A 5 27.23 -0.87 -15.17
N SER A 6 27.25 0.19 -14.39
CA SER A 6 27.18 0.08 -12.93
C SER A 6 25.87 -0.57 -12.50
N GLY A 7 25.96 -1.55 -11.61
CA GLY A 7 24.78 -2.24 -11.13
C GLY A 7 23.91 -1.36 -10.25
N LYS A 8 23.93 -1.61 -8.95
CA LYS A 8 23.15 -0.84 -8.00
C LYS A 8 23.86 0.45 -7.63
N ASN A 9 23.17 1.32 -6.89
CA ASN A 9 23.74 2.59 -6.47
C ASN A 9 24.60 2.42 -5.21
N VAL A 10 25.57 3.31 -5.03
CA VAL A 10 26.46 3.25 -3.88
C VAL A 10 25.68 3.42 -2.58
N ASN A 11 24.96 4.53 -2.47
CA ASN A 11 24.17 4.81 -1.27
C ASN A 11 22.68 4.92 -1.61
N ARG A 12 21.89 3.96 -1.12
CA ARG A 12 20.46 3.95 -1.38
C ARG A 12 19.83 5.29 -1.02
N VAL A 13 18.79 5.67 -1.77
CA VAL A 13 18.10 6.93 -1.52
C VAL A 13 16.80 6.71 -0.74
N LEU A 14 16.07 5.68 -1.12
CA LEU A 14 14.81 5.35 -0.45
C LEU A 14 14.10 6.63 0.02
N SER A 15 14.04 7.62 -0.87
CA SER A 15 13.39 8.88 -0.54
C SER A 15 11.93 8.89 -1.00
N ALA A 16 11.08 9.56 -0.23
CA ALA A 16 9.65 9.63 -0.56
C ALA A 16 9.45 9.97 -2.03
N GLU A 17 10.41 10.68 -2.61
CA GLU A 17 10.32 11.07 -4.02
C GLU A 17 10.94 10.00 -4.91
N ALA A 18 11.92 9.27 -4.37
CA ALA A 18 12.58 8.21 -5.11
C ALA A 18 11.63 7.05 -5.39
N LEU A 19 10.55 6.98 -4.63
CA LEU A 19 9.57 5.92 -4.79
C LEU A 19 9.19 5.74 -6.26
N LYS A 20 8.75 4.54 -6.61
CA LYS A 20 8.35 4.25 -7.98
C LYS A 20 7.02 3.49 -8.01
N PRO A 21 6.22 3.76 -9.05
CA PRO A 21 4.91 3.12 -9.23
C PRO A 21 5.03 1.63 -9.57
N GLY A 22 4.55 0.79 -8.66
CA GLY A 22 4.62 -0.65 -8.87
C GLY A 22 4.97 -1.41 -7.61
N MET A 23 5.39 -0.68 -6.58
CA MET A 23 5.75 -1.30 -5.31
C MET A 23 4.52 -1.77 -4.55
N LEU A 24 4.57 -3.00 -4.06
CA LEU A 24 3.45 -3.57 -3.31
C LEU A 24 3.62 -3.34 -1.82
N LEU A 25 2.74 -2.53 -1.24
CA LEU A 25 2.80 -2.22 0.19
C LEU A 25 1.42 -2.40 0.83
N THR A 26 1.40 -3.07 1.98
CA THR A 26 0.16 -3.31 2.70
C THR A 26 -0.22 -2.10 3.56
N GLY A 27 -1.37 -1.52 3.26
CA GLY A 27 -1.83 -0.35 4.01
C GLY A 27 -3.10 -0.64 4.78
N THR A 28 -3.37 0.18 5.79
CA THR A 28 -4.57 0.02 6.61
C THR A 28 -5.43 1.28 6.59
N VAL A 29 -6.74 1.09 6.47
CA VAL A 29 -7.67 2.21 6.45
C VAL A 29 -7.65 2.99 7.75
N SER A 30 -7.32 4.27 7.66
CA SER A 30 -7.24 5.13 8.85
C SER A 30 -8.62 5.72 9.17
N SER A 31 -9.29 6.21 8.13
CA SER A 31 -10.61 6.81 8.31
C SER A 31 -11.40 6.78 7.01
N LEU A 32 -12.73 6.81 7.12
CA LEU A 32 -13.60 6.80 5.95
C LEU A 32 -13.92 8.20 5.48
N GLU A 33 -13.62 8.48 4.21
CA GLU A 33 -13.87 9.79 3.64
C GLU A 33 -15.05 9.75 2.66
N ASP A 34 -15.58 10.92 2.32
CA ASP A 34 -16.70 11.00 1.39
C ASP A 34 -16.23 10.93 -0.06
N HIS A 35 -14.96 11.27 -0.27
CA HIS A 35 -14.38 11.24 -1.62
C HIS A 35 -13.60 9.95 -1.84
N GLY A 36 -13.20 9.31 -0.74
CA GLY A 36 -12.45 8.07 -0.85
C GLY A 36 -12.10 7.49 0.51
N TYR A 37 -10.97 6.80 0.58
CA TYR A 37 -10.53 6.19 1.83
C TYR A 37 -9.04 6.47 2.07
N LEU A 38 -8.70 6.78 3.32
CA LEU A 38 -7.32 7.06 3.69
C LEU A 38 -6.56 5.78 4.01
N VAL A 39 -5.37 5.65 3.45
CA VAL A 39 -4.54 4.47 3.68
C VAL A 39 -3.30 4.81 4.49
N ASP A 40 -3.06 4.06 5.56
CA ASP A 40 -1.90 4.29 6.42
C ASP A 40 -0.65 3.69 5.80
N ILE A 41 0.39 4.52 5.69
CA ILE A 41 1.66 4.07 5.11
C ILE A 41 2.80 4.22 6.11
N GLY A 42 2.59 5.07 7.11
CA GLY A 42 3.60 5.29 8.13
C GLY A 42 4.66 6.29 7.68
N VAL A 43 4.21 7.46 7.23
CA VAL A 43 5.12 8.50 6.77
C VAL A 43 4.62 9.89 7.19
N ASP A 44 5.56 10.76 7.57
CA ASP A 44 5.21 12.11 7.99
C ASP A 44 5.21 13.06 6.79
N GLY A 45 4.04 13.62 6.49
CA GLY A 45 3.94 14.54 5.38
C GLY A 45 3.28 13.91 4.17
N THR A 46 3.66 12.68 3.86
CA THR A 46 3.10 11.96 2.73
C THR A 46 1.68 11.49 3.02
N ARG A 47 0.75 11.86 2.14
CA ARG A 47 -0.65 11.48 2.31
C ARG A 47 -1.10 10.56 1.17
N ALA A 48 -1.75 9.45 1.53
CA ALA A 48 -2.22 8.50 0.55
C ALA A 48 -3.75 8.43 0.54
N PHE A 49 -4.34 8.64 -0.63
CA PHE A 49 -5.79 8.61 -0.77
C PHE A 49 -6.22 7.59 -1.82
N LEU A 50 -7.33 6.92 -1.58
CA LEU A 50 -7.84 5.91 -2.49
C LEU A 50 -9.16 6.37 -3.12
N PRO A 51 -9.28 6.19 -4.45
CA PRO A 51 -10.49 6.58 -5.18
C PRO A 51 -11.67 5.67 -4.87
N LEU A 52 -12.87 6.26 -4.83
CA LEU A 52 -14.08 5.51 -4.53
C LEU A 52 -14.34 4.45 -5.60
N LEU A 53 -13.83 4.68 -6.81
CA LEU A 53 -14.00 3.75 -7.91
C LEU A 53 -13.28 2.43 -7.63
N LYS A 54 -12.06 2.53 -7.12
CA LYS A 54 -11.28 1.35 -6.78
C LYS A 54 -11.67 0.79 -5.43
N ALA A 55 -11.86 1.68 -4.46
CA ALA A 55 -12.24 1.28 -3.11
C ALA A 55 -13.62 0.62 -3.10
N GLN A 56 -14.59 1.27 -3.75
CA GLN A 56 -15.95 0.74 -3.81
C GLN A 56 -15.97 -0.59 -4.55
N GLU A 57 -15.11 -0.73 -5.55
CA GLU A 57 -15.04 -1.96 -6.33
C GLU A 57 -14.57 -3.13 -5.48
N TYR A 58 -13.57 -2.88 -4.65
CA TYR A 58 -13.03 -3.92 -3.77
C TYR A 58 -13.99 -4.24 -2.64
N ILE A 59 -14.67 -3.21 -2.13
CA ILE A 59 -15.62 -3.38 -1.05
C ILE A 59 -16.87 -4.13 -1.53
N ARG A 60 -17.40 -3.70 -2.67
CA ARG A 60 -18.60 -4.32 -3.23
C ARG A 60 -18.35 -5.81 -3.51
N GLN A 61 -17.16 -6.12 -4.02
CA GLN A 61 -16.80 -7.49 -4.33
C GLN A 61 -16.38 -8.24 -3.07
N LYS A 62 -15.97 -7.50 -2.06
CA LYS A 62 -15.54 -8.10 -0.80
C LYS A 62 -16.66 -8.05 0.24
N ASN A 63 -16.95 -6.86 0.75
CA ASN A 63 -18.00 -6.68 1.74
C ASN A 63 -19.36 -6.55 1.08
N LYS A 64 -19.56 -7.29 -0.01
CA LYS A 64 -20.82 -7.26 -0.74
C LYS A 64 -21.44 -5.86 -0.70
N GLY A 65 -20.58 -4.85 -0.70
CA GLY A 65 -21.06 -3.47 -0.67
C GLY A 65 -21.43 -3.03 0.73
N ALA A 66 -20.42 -2.84 1.57
CA ALA A 66 -20.64 -2.40 2.94
C ALA A 66 -19.49 -1.54 3.44
N LYS A 67 -19.81 -0.47 4.15
CA LYS A 67 -18.80 0.44 4.68
C LYS A 67 -17.65 -0.34 5.32
N LEU A 68 -16.45 0.21 5.23
CA LEU A 68 -15.26 -0.44 5.80
C LEU A 68 -15.10 -0.06 7.27
N LYS A 69 -14.00 -0.52 7.87
CA LYS A 69 -13.72 -0.23 9.27
C LYS A 69 -12.38 0.48 9.42
N VAL A 70 -12.04 0.85 10.66
CA VAL A 70 -10.79 1.53 10.94
C VAL A 70 -9.68 0.53 11.26
N GLY A 71 -8.45 0.89 10.89
CA GLY A 71 -7.32 0.01 11.15
C GLY A 71 -7.43 -1.30 10.40
N GLN A 72 -8.42 -1.40 9.51
CA GLN A 72 -8.62 -2.61 8.73
C GLN A 72 -7.54 -2.76 7.66
N TYR A 73 -7.19 -4.00 7.34
CA TYR A 73 -6.16 -4.27 6.34
C TYR A 73 -6.74 -4.18 4.94
N LEU A 74 -6.10 -3.38 4.08
CA LEU A 74 -6.55 -3.20 2.71
C LEU A 74 -5.37 -3.23 1.75
N ASN A 75 -5.53 -3.94 0.63
CA ASN A 75 -4.48 -4.04 -0.37
C ASN A 75 -4.39 -2.76 -1.20
N CYS A 76 -3.17 -2.28 -1.40
CA CYS A 76 -2.95 -1.06 -2.17
C CYS A 76 -1.57 -1.08 -2.83
N ILE A 77 -1.48 -0.52 -4.03
CA ILE A 77 -0.22 -0.46 -4.75
C ILE A 77 0.02 0.93 -5.33
N VAL A 78 1.27 1.38 -5.24
CA VAL A 78 1.63 2.69 -5.76
C VAL A 78 1.46 2.76 -7.27
N GLU A 79 0.60 3.67 -7.72
CA GLU A 79 0.33 3.84 -9.14
C GLU A 79 0.98 5.12 -9.67
N LYS A 80 1.09 6.12 -8.80
CA LYS A 80 1.69 7.40 -9.18
C LYS A 80 2.32 8.07 -7.97
N VAL A 81 3.38 8.85 -8.22
CA VAL A 81 4.07 9.56 -7.15
C VAL A 81 4.08 11.06 -7.41
N LYS A 82 3.75 11.84 -6.37
CA LYS A 82 3.72 13.28 -6.48
C LYS A 82 5.11 13.87 -6.26
N GLY A 83 5.37 15.02 -6.89
CA GLY A 83 6.66 15.67 -6.75
C GLY A 83 6.97 16.04 -5.30
N ASN A 84 6.21 16.98 -4.77
CA ASN A 84 6.41 17.43 -3.39
C ASN A 84 5.60 16.58 -2.42
N GLY A 85 5.58 15.27 -2.67
CA GLY A 85 4.83 14.37 -1.81
C GLY A 85 3.46 14.90 -1.45
N GLY A 86 2.77 15.46 -2.45
CA GLY A 86 1.45 16.01 -2.21
C GLY A 86 0.41 14.93 -1.99
N VAL A 87 0.04 14.24 -3.06
CA VAL A 87 -0.96 13.18 -2.98
C VAL A 87 -0.46 11.91 -3.66
N VAL A 88 -0.69 10.76 -3.01
CA VAL A 88 -0.27 9.48 -3.55
C VAL A 88 -1.45 8.71 -4.12
N SER A 89 -1.23 8.06 -5.26
CA SER A 89 -2.28 7.28 -5.91
C SER A 89 -2.14 5.79 -5.61
N LEU A 90 -3.11 5.25 -4.88
CA LEU A 90 -3.09 3.84 -4.51
C LEU A 90 -4.19 3.08 -5.23
N SER A 91 -3.95 1.81 -5.50
CA SER A 91 -4.93 0.97 -6.18
C SER A 91 -4.80 -0.48 -5.73
N VAL A 92 -5.91 -1.21 -5.76
CA VAL A 92 -5.93 -2.61 -5.36
C VAL A 92 -5.39 -3.51 -6.47
N GLY A 93 -4.29 -4.20 -6.19
CA GLY A 93 -3.70 -5.08 -7.18
C GLY A 93 -3.51 -6.50 -6.65
N HIS A 94 -2.93 -6.61 -5.46
CA HIS A 94 -2.70 -7.91 -4.85
C HIS A 94 -2.20 -7.75 -3.41
N SER A 95 -2.37 -8.81 -2.62
CA SER A 95 -1.94 -8.78 -1.22
C SER A 95 -0.50 -9.30 -1.09
N GLU A 96 0.02 -9.26 0.13
CA GLU A 96 1.38 -9.72 0.40
C GLU A 96 1.54 -10.12 1.86
N VAL A 97 2.32 -11.17 2.10
CA VAL A 97 2.57 -11.66 3.45
C VAL A 97 3.03 -10.52 4.36
N SER A 98 3.96 -9.71 3.86
CA SER A 98 4.49 -8.59 4.64
C SER A 98 3.37 -7.68 5.12
N THR A 99 3.14 -7.66 6.43
CA THR A 99 2.10 -6.84 7.01
C THR A 99 2.43 -6.48 8.46
N ALA A 100 2.24 -5.21 8.82
CA ALA A 100 2.52 -4.75 10.17
C ALA A 100 1.33 -3.97 10.73
N ILE A 101 1.03 -4.21 12.01
CA ILE A 101 -0.08 -3.53 12.67
C ILE A 101 0.36 -2.20 13.26
N ALA A 102 -0.57 -1.25 13.30
CA ALA A 102 -0.27 0.07 13.86
C ALA A 102 -1.27 0.44 14.96
N THR A 103 -0.98 -0.01 16.17
CA THR A 103 -1.83 0.26 17.32
C THR A 103 -1.01 0.54 18.57
N GLU A 104 -1.38 1.59 19.29
CA GLU A 104 -0.67 1.96 20.51
C GLU A 104 -1.40 1.43 21.75
N GLN A 105 -2.71 1.24 21.62
CA GLN A 105 -3.52 0.74 22.72
C GLN A 105 -4.70 -0.07 22.20
N GLN A 106 -5.43 -0.70 23.11
CA GLN A 106 -6.58 -1.51 22.75
C GLN A 106 -7.89 -0.74 22.96
N SER A 107 -8.56 -0.40 21.87
CA SER A 107 -9.80 0.35 21.93
C SER A 107 -10.54 0.29 20.61
N TRP A 108 -11.82 -0.08 20.66
CA TRP A 108 -12.63 -0.18 19.45
C TRP A 108 -14.10 0.13 19.76
N ASN A 109 -14.81 0.67 18.78
CA ASN A 109 -16.22 1.01 18.94
C ASN A 109 -17.11 0.05 18.16
N LEU A 110 -17.89 -0.75 18.88
CA LEU A 110 -18.78 -1.71 18.25
C LEU A 110 -20.23 -1.27 18.38
N ASN A 111 -20.85 -0.96 17.25
CA ASN A 111 -22.24 -0.51 17.24
C ASN A 111 -23.06 -1.33 16.23
N ASN A 112 -24.09 -2.00 16.73
CA ASN A 112 -24.95 -2.81 15.87
C ASN A 112 -25.94 -1.94 15.11
N LEU A 113 -25.48 -1.32 14.03
CA LEU A 113 -26.32 -0.46 13.22
C LEU A 113 -26.75 -1.17 11.93
N SER A 114 -28.02 -1.02 11.58
CA SER A 114 -28.55 -1.65 10.37
C SER A 114 -29.20 -0.61 9.46
N GLY A 115 -29.52 -1.04 8.23
CA GLY A 115 -30.13 -0.12 7.29
C GLY A 115 -30.57 -0.83 6.02
N PRO A 116 -30.95 -0.04 5.00
CA PRO A 116 -31.40 -0.57 3.71
C PRO A 116 -30.27 -1.20 2.91
N SER A 117 -30.60 -2.21 2.12
CA SER A 117 -29.60 -2.90 1.30
C SER A 117 -30.26 -3.90 0.37
N SER A 118 -29.73 -4.00 -0.85
CA SER A 118 -30.27 -4.92 -1.84
C SER A 118 -29.24 -5.99 -2.21
N GLY A 119 -29.72 -7.23 -2.40
CA GLY A 119 -28.83 -8.31 -2.76
C GLY A 119 -28.80 -8.57 -4.24
N GLY A 1 30.63 17.47 -19.11
CA GLY A 1 30.09 17.11 -17.81
C GLY A 1 30.18 15.63 -17.53
N SER A 2 30.91 15.28 -16.47
CA SER A 2 31.09 13.88 -16.10
C SER A 2 31.06 13.70 -14.58
N SER A 3 30.20 12.81 -14.11
CA SER A 3 30.07 12.55 -12.68
C SER A 3 30.40 11.09 -12.36
N GLY A 4 30.97 10.87 -11.19
CA GLY A 4 31.33 9.52 -10.78
C GLY A 4 31.43 9.38 -9.27
N SER A 5 30.49 9.99 -8.55
CA SER A 5 30.48 9.94 -7.09
C SER A 5 30.33 8.50 -6.61
N SER A 6 31.38 7.98 -5.97
CA SER A 6 31.37 6.62 -5.46
C SER A 6 31.74 6.60 -3.98
N GLY A 7 30.75 6.29 -3.13
CA GLY A 7 31.00 6.24 -1.71
C GLY A 7 29.74 5.94 -0.91
N LYS A 8 28.91 6.96 -0.73
CA LYS A 8 27.66 6.81 0.01
C LYS A 8 26.53 6.37 -0.91
N ASN A 9 25.50 5.75 -0.32
CA ASN A 9 24.36 5.27 -1.09
C ASN A 9 23.55 6.45 -1.64
N VAL A 10 23.75 6.77 -2.91
CA VAL A 10 23.04 7.87 -3.55
C VAL A 10 21.63 7.44 -3.96
N ASN A 11 20.73 8.42 -4.02
CA ASN A 11 19.34 8.15 -4.40
C ASN A 11 18.83 6.88 -3.71
N ARG A 12 19.20 6.71 -2.45
CA ARG A 12 18.78 5.54 -1.68
C ARG A 12 17.26 5.48 -1.59
N VAL A 13 16.72 4.26 -1.66
CA VAL A 13 15.27 4.07 -1.57
C VAL A 13 14.77 4.20 -0.15
N LEU A 14 15.21 5.26 0.53
CA LEU A 14 14.81 5.49 1.91
C LEU A 14 13.60 6.43 1.98
N SER A 15 13.61 7.46 1.15
CA SER A 15 12.51 8.42 1.11
C SER A 15 11.39 7.92 0.20
N ALA A 16 10.15 8.25 0.57
CA ALA A 16 8.99 7.84 -0.21
C ALA A 16 9.14 8.26 -1.68
N GLU A 17 9.83 9.38 -1.90
CA GLU A 17 10.05 9.88 -3.26
C GLU A 17 10.90 8.91 -4.06
N ALA A 18 11.96 8.41 -3.45
CA ALA A 18 12.86 7.47 -4.12
C ALA A 18 12.11 6.24 -4.59
N LEU A 19 11.27 5.70 -3.72
CA LEU A 19 10.49 4.51 -4.05
C LEU A 19 9.99 4.57 -5.49
N LYS A 20 9.72 3.39 -6.07
CA LYS A 20 9.24 3.31 -7.44
C LYS A 20 7.77 2.90 -7.48
N PRO A 21 7.04 3.40 -8.47
CA PRO A 21 5.61 3.10 -8.65
C PRO A 21 5.37 1.66 -9.07
N GLY A 22 4.32 1.06 -8.51
CA GLY A 22 4.00 -0.32 -8.84
C GLY A 22 4.40 -1.29 -7.74
N MET A 23 4.83 -0.74 -6.61
CA MET A 23 5.23 -1.56 -5.47
C MET A 23 4.03 -2.04 -4.68
N LEU A 24 4.06 -3.30 -4.25
CA LEU A 24 2.96 -3.88 -3.48
C LEU A 24 3.16 -3.64 -1.98
N LEU A 25 2.33 -2.75 -1.42
CA LEU A 25 2.42 -2.44 0.00
C LEU A 25 1.07 -2.67 0.68
N THR A 26 1.12 -2.99 1.97
CA THR A 26 -0.10 -3.24 2.74
C THR A 26 -0.24 -2.23 3.88
N GLY A 27 -1.30 -1.43 3.82
CA GLY A 27 -1.52 -0.44 4.85
C GLY A 27 -2.84 -0.65 5.57
N THR A 28 -3.20 0.30 6.43
CA THR A 28 -4.44 0.22 7.19
C THR A 28 -5.26 1.50 7.05
N VAL A 29 -6.57 1.34 6.93
CA VAL A 29 -7.47 2.49 6.79
C VAL A 29 -7.40 3.39 8.02
N SER A 30 -7.02 4.64 7.80
CA SER A 30 -6.91 5.60 8.89
C SER A 30 -8.26 6.28 9.16
N SER A 31 -8.99 6.57 8.09
CA SER A 31 -10.29 7.22 8.21
C SER A 31 -11.14 6.94 6.98
N LEU A 32 -12.46 7.03 7.16
CA LEU A 32 -13.40 6.79 6.07
C LEU A 32 -14.07 8.09 5.62
N GLU A 33 -13.95 8.41 4.35
CA GLU A 33 -14.55 9.62 3.80
C GLU A 33 -15.62 9.28 2.77
N ASP A 34 -16.40 10.29 2.39
CA ASP A 34 -17.47 10.10 1.41
C ASP A 34 -16.93 10.24 -0.01
N HIS A 35 -15.83 10.96 -0.15
CA HIS A 35 -15.22 11.17 -1.46
C HIS A 35 -14.17 10.10 -1.74
N GLY A 36 -13.76 9.38 -0.70
CA GLY A 36 -12.76 8.34 -0.86
C GLY A 36 -12.37 7.70 0.46
N TYR A 37 -11.29 6.92 0.45
CA TYR A 37 -10.83 6.25 1.65
C TYR A 37 -9.36 6.58 1.92
N LEU A 38 -9.03 6.84 3.18
CA LEU A 38 -7.67 7.17 3.57
C LEU A 38 -6.89 5.90 3.93
N VAL A 39 -5.72 5.74 3.33
CA VAL A 39 -4.88 4.58 3.58
C VAL A 39 -3.60 4.97 4.31
N ASP A 40 -3.24 4.21 5.33
CA ASP A 40 -2.03 4.49 6.11
C ASP A 40 -0.81 3.84 5.46
N ILE A 41 0.29 4.59 5.40
CA ILE A 41 1.52 4.09 4.80
C ILE A 41 2.67 4.12 5.80
N GLY A 42 2.45 4.82 6.91
CA GLY A 42 3.48 4.91 7.93
C GLY A 42 4.66 5.76 7.50
N VAL A 43 4.37 6.95 7.01
CA VAL A 43 5.42 7.86 6.56
C VAL A 43 5.19 9.28 7.08
N ASP A 44 6.26 10.06 7.17
CA ASP A 44 6.16 11.43 7.65
C ASP A 44 6.22 12.42 6.49
N GLY A 45 5.19 13.25 6.37
CA GLY A 45 5.13 14.22 5.30
C GLY A 45 4.64 13.62 4.00
N THR A 46 3.69 12.71 4.08
CA THR A 46 3.14 12.05 2.90
C THR A 46 1.70 11.61 3.14
N ARG A 47 0.79 12.08 2.29
CA ARG A 47 -0.62 11.74 2.39
C ARG A 47 -1.07 10.90 1.20
N ALA A 48 -1.75 9.80 1.49
CA ALA A 48 -2.24 8.91 0.44
C ALA A 48 -3.77 8.85 0.45
N PHE A 49 -4.36 8.93 -0.73
CA PHE A 49 -5.82 8.88 -0.87
C PHE A 49 -6.24 7.86 -1.92
N LEU A 50 -7.34 7.17 -1.66
CA LEU A 50 -7.85 6.16 -2.58
C LEU A 50 -9.19 6.59 -3.17
N PRO A 51 -9.33 6.45 -4.49
CA PRO A 51 -10.56 6.80 -5.21
C PRO A 51 -11.71 5.85 -4.88
N LEU A 52 -12.92 6.41 -4.80
CA LEU A 52 -14.10 5.61 -4.49
C LEU A 52 -14.35 4.57 -5.59
N LEU A 53 -13.82 4.84 -6.78
CA LEU A 53 -13.99 3.94 -7.91
C LEU A 53 -13.35 2.58 -7.61
N LYS A 54 -12.15 2.61 -7.06
CA LYS A 54 -11.42 1.39 -6.74
C LYS A 54 -11.87 0.83 -5.38
N ALA A 55 -12.23 1.74 -4.47
CA ALA A 55 -12.69 1.34 -3.15
C ALA A 55 -14.03 0.62 -3.21
N GLN A 56 -14.97 1.20 -3.97
CA GLN A 56 -16.28 0.61 -4.12
C GLN A 56 -16.21 -0.75 -4.80
N GLU A 57 -15.37 -0.85 -5.83
CA GLU A 57 -15.21 -2.09 -6.57
C GLU A 57 -14.59 -3.17 -5.68
N TYR A 58 -13.61 -2.78 -4.87
CA TYR A 58 -12.94 -3.71 -3.97
C TYR A 58 -13.86 -4.10 -2.82
N ILE A 59 -14.59 -3.12 -2.29
CA ILE A 59 -15.50 -3.36 -1.19
C ILE A 59 -16.68 -4.23 -1.60
N ARG A 60 -17.22 -3.94 -2.78
CA ARG A 60 -18.35 -4.70 -3.30
C ARG A 60 -17.94 -6.13 -3.62
N GLN A 61 -16.75 -6.29 -4.19
CA GLN A 61 -16.24 -7.61 -4.54
C GLN A 61 -15.67 -8.33 -3.32
N LYS A 62 -15.34 -7.55 -2.29
CA LYS A 62 -14.80 -8.11 -1.06
C LYS A 62 -15.87 -8.19 0.03
N ASN A 63 -16.29 -7.04 0.53
CA ASN A 63 -17.31 -6.99 1.57
C ASN A 63 -18.71 -7.05 0.97
N LYS A 64 -18.84 -7.77 -0.15
CA LYS A 64 -20.12 -7.90 -0.83
C LYS A 64 -20.91 -6.60 -0.76
N GLY A 65 -20.19 -5.48 -0.70
CA GLY A 65 -20.84 -4.18 -0.63
C GLY A 65 -21.15 -3.75 0.79
N ALA A 66 -20.12 -3.55 1.58
CA ALA A 66 -20.28 -3.13 2.97
C ALA A 66 -19.19 -2.16 3.38
N LYS A 67 -19.60 -1.04 3.99
CA LYS A 67 -18.65 -0.03 4.43
C LYS A 67 -17.48 -0.66 5.18
N LEU A 68 -16.35 0.03 5.20
CA LEU A 68 -15.15 -0.47 5.88
C LEU A 68 -15.07 0.10 7.29
N LYS A 69 -14.07 -0.36 8.05
CA LYS A 69 -13.87 0.09 9.42
C LYS A 69 -12.43 0.54 9.65
N VAL A 70 -12.26 1.69 10.29
CA VAL A 70 -10.93 2.22 10.56
C VAL A 70 -10.07 1.20 11.29
N GLY A 71 -8.79 1.16 10.94
CA GLY A 71 -7.88 0.23 11.57
C GLY A 71 -7.71 -1.05 10.76
N GLN A 72 -8.74 -1.41 9.99
CA GLN A 72 -8.70 -2.61 9.17
C GLN A 72 -7.66 -2.49 8.07
N TYR A 73 -7.07 -3.61 7.70
CA TYR A 73 -6.05 -3.63 6.66
C TYR A 73 -6.68 -3.65 5.26
N LEU A 74 -6.23 -2.75 4.40
CA LEU A 74 -6.75 -2.66 3.04
C LEU A 74 -5.63 -2.81 2.02
N ASN A 75 -5.91 -3.55 0.96
CA ASN A 75 -4.93 -3.77 -0.11
C ASN A 75 -4.89 -2.59 -1.06
N CYS A 76 -3.69 -2.15 -1.41
CA CYS A 76 -3.52 -1.02 -2.33
C CYS A 76 -2.14 -1.07 -2.98
N ILE A 77 -2.06 -0.54 -4.20
CA ILE A 77 -0.80 -0.50 -4.93
C ILE A 77 -0.47 0.90 -5.41
N VAL A 78 0.80 1.27 -5.32
CA VAL A 78 1.24 2.59 -5.75
C VAL A 78 1.09 2.76 -7.26
N GLU A 79 0.34 3.79 -7.65
CA GLU A 79 0.12 4.06 -9.06
C GLU A 79 1.10 5.12 -9.58
N LYS A 80 1.26 6.20 -8.82
CA LYS A 80 2.16 7.27 -9.19
C LYS A 80 2.82 7.88 -7.95
N VAL A 81 4.02 8.42 -8.14
CA VAL A 81 4.77 9.04 -7.04
C VAL A 81 5.10 10.49 -7.35
N LYS A 82 4.66 11.39 -6.49
CA LYS A 82 4.91 12.82 -6.67
C LYS A 82 6.33 13.18 -6.22
N GLY A 83 7.03 13.94 -7.05
CA GLY A 83 8.38 14.35 -6.71
C GLY A 83 8.56 14.62 -5.24
N ASN A 84 7.61 15.34 -4.66
CA ASN A 84 7.67 15.69 -3.24
C ASN A 84 6.60 14.93 -2.46
N GLY A 85 6.63 15.07 -1.13
CA GLY A 85 5.66 14.39 -0.30
C GLY A 85 4.32 15.08 -0.29
N GLY A 86 3.69 15.17 -1.47
CA GLY A 86 2.39 15.82 -1.57
C GLY A 86 1.24 14.84 -1.45
N VAL A 87 0.93 14.17 -2.56
CA VAL A 87 -0.15 13.19 -2.57
C VAL A 87 0.29 11.89 -3.24
N VAL A 88 -0.21 10.78 -2.71
CA VAL A 88 0.13 9.46 -3.25
C VAL A 88 -1.08 8.79 -3.89
N SER A 89 -0.86 8.13 -5.02
CA SER A 89 -1.93 7.46 -5.74
C SER A 89 -1.92 5.96 -5.43
N LEU A 90 -3.09 5.43 -5.09
CA LEU A 90 -3.22 4.01 -4.78
C LEU A 90 -4.32 3.36 -5.62
N SER A 91 -4.24 2.05 -5.78
CA SER A 91 -5.23 1.31 -6.56
C SER A 91 -5.26 -0.16 -6.15
N VAL A 92 -6.46 -0.75 -6.15
CA VAL A 92 -6.62 -2.14 -5.78
C VAL A 92 -6.06 -3.06 -6.85
N GLY A 93 -5.25 -4.04 -6.41
CA GLY A 93 -4.66 -4.97 -7.35
C GLY A 93 -5.61 -6.07 -7.76
N HIS A 94 -6.62 -5.70 -8.56
CA HIS A 94 -7.61 -6.66 -9.02
C HIS A 94 -6.95 -7.77 -9.85
N SER A 95 -6.12 -7.36 -10.79
CA SER A 95 -5.43 -8.31 -11.66
C SER A 95 -4.91 -9.50 -10.86
N GLU A 96 -5.51 -10.67 -11.07
CA GLU A 96 -5.12 -11.88 -10.37
C GLU A 96 -4.07 -12.65 -11.18
N VAL A 97 -2.81 -12.27 -11.00
CA VAL A 97 -1.72 -12.94 -11.71
C VAL A 97 -1.37 -14.27 -11.05
N SER A 98 -1.30 -14.28 -9.73
CA SER A 98 -0.98 -15.49 -8.98
C SER A 98 -2.17 -15.95 -8.16
N THR A 99 -3.35 -15.98 -8.79
CA THR A 99 -4.57 -16.40 -8.13
C THR A 99 -5.62 -16.86 -9.13
N ALA A 100 -6.18 -18.05 -8.90
CA ALA A 100 -7.20 -18.58 -9.79
C ALA A 100 -8.17 -17.51 -10.23
N ILE A 101 -8.70 -17.66 -11.44
CA ILE A 101 -9.65 -16.69 -11.99
C ILE A 101 -10.76 -16.40 -11.00
N ALA A 102 -11.14 -15.13 -10.91
CA ALA A 102 -12.20 -14.71 -10.00
C ALA A 102 -13.40 -14.16 -10.77
N THR A 103 -14.47 -14.95 -10.81
CA THR A 103 -15.69 -14.54 -11.51
C THR A 103 -16.92 -15.27 -10.96
N GLU A 104 -18.09 -14.70 -11.20
CA GLU A 104 -19.34 -15.30 -10.73
C GLU A 104 -20.22 -15.72 -11.90
N GLN A 105 -21.23 -16.53 -11.61
CA GLN A 105 -22.14 -17.01 -12.64
C GLN A 105 -22.66 -15.84 -13.49
N GLN A 106 -22.03 -15.63 -14.64
CA GLN A 106 -22.42 -14.56 -15.54
C GLN A 106 -21.65 -14.64 -16.85
N SER A 107 -22.37 -14.54 -17.96
CA SER A 107 -21.75 -14.60 -19.28
C SER A 107 -20.68 -13.53 -19.44
N TRP A 108 -19.79 -13.73 -20.40
CA TRP A 108 -18.71 -12.78 -20.65
C TRP A 108 -18.82 -12.19 -22.05
N ASN A 109 -19.27 -13.00 -23.00
CA ASN A 109 -19.42 -12.56 -24.38
C ASN A 109 -20.44 -11.42 -24.48
N LEU A 110 -20.10 -10.40 -25.26
CA LEU A 110 -20.98 -9.25 -25.43
C LEU A 110 -21.07 -8.86 -26.91
N ASN A 111 -19.92 -8.70 -27.55
CA ASN A 111 -19.87 -8.33 -28.96
C ASN A 111 -18.55 -8.76 -29.59
N ASN A 112 -18.61 -9.20 -30.84
CA ASN A 112 -17.42 -9.65 -31.55
C ASN A 112 -16.42 -8.50 -31.70
N LEU A 113 -15.18 -8.74 -31.30
CA LEU A 113 -14.13 -7.74 -31.39
C LEU A 113 -13.76 -7.47 -32.84
N SER A 114 -13.36 -6.24 -33.12
CA SER A 114 -12.97 -5.85 -34.48
C SER A 114 -11.64 -5.10 -34.48
N GLY A 115 -10.78 -5.45 -35.43
CA GLY A 115 -9.47 -4.81 -35.51
C GLY A 115 -9.01 -4.65 -36.94
N PRO A 116 -9.50 -3.60 -37.63
CA PRO A 116 -9.13 -3.32 -39.02
C PRO A 116 -7.68 -2.85 -39.16
N SER A 117 -6.99 -3.39 -40.16
CA SER A 117 -5.60 -3.02 -40.39
C SER A 117 -5.25 -3.18 -41.87
N SER A 118 -4.45 -2.25 -42.38
CA SER A 118 -4.04 -2.29 -43.77
C SER A 118 -3.62 -3.70 -44.19
N GLY A 119 -3.61 -3.94 -45.50
CA GLY A 119 -3.23 -5.25 -46.00
C GLY A 119 -3.80 -5.53 -47.38
N GLY A 1 19.00 13.67 -6.06
CA GLY A 1 17.62 13.19 -6.10
C GLY A 1 17.01 13.12 -4.71
N SER A 2 17.77 12.59 -3.77
CA SER A 2 17.29 12.44 -2.39
C SER A 2 18.36 12.88 -1.39
N SER A 3 17.95 13.04 -0.14
CA SER A 3 18.87 13.46 0.91
C SER A 3 20.14 12.61 0.89
N GLY A 4 21.24 13.20 1.35
CA GLY A 4 22.50 12.50 1.37
C GLY A 4 23.08 12.38 2.77
N SER A 5 22.45 11.54 3.60
CA SER A 5 22.91 11.35 4.97
C SER A 5 24.40 11.04 5.02
N SER A 6 25.13 11.78 5.83
CA SER A 6 26.57 11.58 5.96
C SER A 6 26.87 10.39 6.87
N GLY A 7 27.60 9.41 6.33
CA GLY A 7 27.94 8.24 7.10
C GLY A 7 27.01 7.07 6.84
N LYS A 8 25.73 7.27 7.11
CA LYS A 8 24.73 6.23 6.90
C LYS A 8 24.56 5.93 5.41
N ASN A 9 23.76 4.91 5.10
CA ASN A 9 23.53 4.52 3.72
C ASN A 9 23.03 5.70 2.90
N VAL A 10 23.62 5.87 1.71
CA VAL A 10 23.24 6.96 0.82
C VAL A 10 21.72 7.01 0.63
N ASN A 11 21.12 5.84 0.43
CA ASN A 11 19.69 5.75 0.23
C ASN A 11 19.16 4.38 0.66
N ARG A 12 18.28 4.36 1.65
CA ARG A 12 17.71 3.12 2.15
C ARG A 12 16.23 3.02 1.80
N VAL A 13 15.91 3.32 0.54
CA VAL A 13 14.53 3.26 0.06
C VAL A 13 13.56 3.68 1.17
N LEU A 14 13.79 4.86 1.74
CA LEU A 14 12.95 5.37 2.80
C LEU A 14 12.12 6.56 2.31
N SER A 15 12.74 7.43 1.53
CA SER A 15 12.07 8.61 0.99
C SER A 15 10.98 8.20 0.00
N ALA A 16 10.11 9.14 -0.33
CA ALA A 16 9.02 8.89 -1.27
C ALA A 16 9.50 9.04 -2.71
N GLU A 17 10.21 10.13 -2.98
CA GLU A 17 10.72 10.39 -4.32
C GLU A 17 11.38 9.15 -4.91
N ALA A 18 12.12 8.43 -4.07
CA ALA A 18 12.81 7.23 -4.51
C ALA A 18 11.82 6.15 -4.93
N LEU A 19 10.77 5.96 -4.14
CA LEU A 19 9.75 4.97 -4.44
C LEU A 19 9.38 5.00 -5.92
N LYS A 20 8.78 3.92 -6.39
CA LYS A 20 8.38 3.80 -7.79
C LYS A 20 6.92 3.37 -7.91
N PRO A 21 6.28 3.75 -9.02
CA PRO A 21 4.87 3.41 -9.27
C PRO A 21 4.68 1.91 -9.55
N GLY A 22 4.07 1.21 -8.60
CA GLY A 22 3.83 -0.21 -8.76
C GLY A 22 4.38 -1.02 -7.61
N MET A 23 4.42 -0.41 -6.43
CA MET A 23 4.93 -1.08 -5.23
C MET A 23 3.77 -1.67 -4.41
N LEU A 24 3.96 -2.89 -3.93
CA LEU A 24 2.94 -3.56 -3.15
C LEU A 24 3.22 -3.41 -1.66
N LEU A 25 2.36 -2.66 -0.97
CA LEU A 25 2.52 -2.44 0.46
C LEU A 25 1.21 -2.68 1.20
N THR A 26 1.31 -3.13 2.45
CA THR A 26 0.13 -3.41 3.26
C THR A 26 -0.12 -2.29 4.26
N GLY A 27 -1.30 -1.67 4.16
CA GLY A 27 -1.64 -0.59 5.07
C GLY A 27 -2.96 -0.81 5.76
N THR A 28 -3.34 0.11 6.64
CA THR A 28 -4.59 0.02 7.36
C THR A 28 -5.42 1.29 7.21
N VAL A 29 -6.73 1.12 7.00
CA VAL A 29 -7.62 2.26 6.84
C VAL A 29 -7.64 3.13 8.09
N SER A 30 -7.32 4.40 7.92
CA SER A 30 -7.29 5.34 9.03
C SER A 30 -8.67 5.93 9.28
N SER A 31 -9.33 6.36 8.20
CA SER A 31 -10.66 6.95 8.29
C SER A 31 -11.40 6.83 6.97
N LEU A 32 -12.72 6.86 7.03
CA LEU A 32 -13.55 6.76 5.83
C LEU A 32 -14.04 8.13 5.39
N GLU A 33 -13.82 8.45 4.12
CA GLU A 33 -14.24 9.73 3.57
C GLU A 33 -15.34 9.55 2.53
N ASP A 34 -16.27 10.49 2.48
CA ASP A 34 -17.37 10.43 1.53
C ASP A 34 -16.86 10.54 0.10
N HIS A 35 -15.68 11.12 -0.07
CA HIS A 35 -15.08 11.29 -1.38
C HIS A 35 -14.11 10.14 -1.68
N GLY A 36 -13.36 9.72 -0.67
CA GLY A 36 -12.40 8.65 -0.85
C GLY A 36 -12.12 7.90 0.44
N TYR A 37 -11.00 7.21 0.49
CA TYR A 37 -10.61 6.45 1.67
C TYR A 37 -9.16 6.70 2.04
N LEU A 38 -8.90 6.97 3.31
CA LEU A 38 -7.55 7.22 3.80
C LEU A 38 -6.84 5.92 4.13
N VAL A 39 -5.67 5.71 3.53
CA VAL A 39 -4.88 4.51 3.77
C VAL A 39 -3.59 4.84 4.52
N ASP A 40 -3.31 4.05 5.56
CA ASP A 40 -2.10 4.26 6.36
C ASP A 40 -0.90 3.59 5.70
N ILE A 41 0.23 4.29 5.70
CA ILE A 41 1.45 3.77 5.10
C ILE A 41 2.60 3.82 6.10
N GLY A 42 2.56 4.79 7.00
CA GLY A 42 3.62 4.92 8.00
C GLY A 42 4.82 5.70 7.47
N VAL A 43 4.55 6.83 6.84
CA VAL A 43 5.61 7.68 6.30
C VAL A 43 5.39 9.14 6.67
N ASP A 44 6.48 9.82 7.03
CA ASP A 44 6.42 11.22 7.40
C ASP A 44 6.60 12.11 6.17
N GLY A 45 5.52 12.78 5.78
CA GLY A 45 5.58 13.66 4.62
C GLY A 45 5.00 13.02 3.37
N THR A 46 3.95 12.22 3.55
CA THR A 46 3.31 11.55 2.43
C THR A 46 1.82 11.34 2.68
N ARG A 47 1.00 11.76 1.72
CA ARG A 47 -0.45 11.63 1.84
C ARG A 47 -1.00 10.66 0.80
N ALA A 48 -1.74 9.66 1.26
CA ALA A 48 -2.33 8.67 0.37
C ALA A 48 -3.86 8.74 0.38
N PHE A 49 -4.44 8.85 -0.81
CA PHE A 49 -5.89 8.93 -0.94
C PHE A 49 -6.40 7.97 -2.00
N LEU A 50 -7.36 7.13 -1.62
CA LEU A 50 -7.94 6.16 -2.54
C LEU A 50 -9.33 6.60 -3.00
N PRO A 51 -9.55 6.57 -4.32
CA PRO A 51 -10.83 6.96 -4.91
C PRO A 51 -11.93 5.96 -4.61
N LEU A 52 -13.15 6.45 -4.40
CA LEU A 52 -14.29 5.60 -4.09
C LEU A 52 -14.59 4.67 -5.27
N LEU A 53 -14.29 5.13 -6.48
CA LEU A 53 -14.53 4.35 -7.68
C LEU A 53 -13.71 3.06 -7.66
N LYS A 54 -12.44 3.18 -7.29
CA LYS A 54 -11.56 2.02 -7.23
C LYS A 54 -11.77 1.24 -5.94
N ALA A 55 -11.92 1.96 -4.83
CA ALA A 55 -12.15 1.33 -3.53
C ALA A 55 -13.46 0.56 -3.52
N GLN A 56 -14.50 1.15 -4.11
CA GLN A 56 -15.80 0.52 -4.16
C GLN A 56 -15.74 -0.85 -4.85
N GLU A 57 -14.80 -0.98 -5.79
CA GLU A 57 -14.63 -2.21 -6.54
C GLU A 57 -14.14 -3.33 -5.61
N TYR A 58 -13.18 -3.01 -4.76
CA TYR A 58 -12.62 -3.99 -3.83
C TYR A 58 -13.60 -4.28 -2.70
N ILE A 59 -14.30 -3.24 -2.25
CA ILE A 59 -15.27 -3.40 -1.17
C ILE A 59 -16.47 -4.22 -1.63
N ARG A 60 -17.06 -3.84 -2.76
CA ARG A 60 -18.21 -4.55 -3.30
C ARG A 60 -17.89 -6.02 -3.52
N GLN A 61 -16.68 -6.30 -4.00
CA GLN A 61 -16.25 -7.67 -4.26
C GLN A 61 -15.81 -8.35 -2.97
N LYS A 62 -15.27 -7.56 -2.04
CA LYS A 62 -14.80 -8.09 -0.76
C LYS A 62 -15.93 -8.09 0.27
N ASN A 63 -16.32 -6.89 0.70
CA ASN A 63 -17.40 -6.76 1.68
C ASN A 63 -18.76 -6.81 1.01
N LYS A 64 -18.87 -7.62 -0.04
CA LYS A 64 -20.13 -7.77 -0.77
C LYS A 64 -20.89 -6.44 -0.81
N GLY A 65 -20.15 -5.34 -0.85
CA GLY A 65 -20.77 -4.03 -0.88
C GLY A 65 -21.22 -3.56 0.48
N ALA A 66 -20.28 -3.46 1.42
CA ALA A 66 -20.59 -3.03 2.77
C ALA A 66 -19.55 -2.05 3.29
N LYS A 67 -20.00 -0.90 3.78
CA LYS A 67 -19.11 0.11 4.30
C LYS A 67 -17.97 -0.51 5.11
N LEU A 68 -16.75 -0.10 4.80
CA LEU A 68 -15.58 -0.63 5.50
C LEU A 68 -15.53 -0.12 6.95
N LYS A 69 -14.46 -0.46 7.65
CA LYS A 69 -14.28 -0.04 9.03
C LYS A 69 -12.93 0.64 9.23
N VAL A 70 -12.69 1.09 10.46
CA VAL A 70 -11.42 1.77 10.78
C VAL A 70 -10.39 0.77 11.30
N GLY A 71 -9.12 1.10 11.11
CA GLY A 71 -8.05 0.23 11.57
C GLY A 71 -8.06 -1.11 10.85
N GLN A 72 -8.83 -1.21 9.78
CA GLN A 72 -8.93 -2.44 9.02
C GLN A 72 -7.77 -2.57 8.03
N TYR A 73 -7.35 -3.81 7.78
CA TYR A 73 -6.25 -4.06 6.86
C TYR A 73 -6.73 -4.03 5.41
N LEU A 74 -6.06 -3.22 4.59
CA LEU A 74 -6.42 -3.10 3.19
C LEU A 74 -5.17 -3.13 2.31
N ASN A 75 -5.28 -3.77 1.15
CA ASN A 75 -4.17 -3.89 0.22
C ASN A 75 -4.26 -2.81 -0.86
N CYS A 76 -3.13 -2.14 -1.10
CA CYS A 76 -3.08 -1.09 -2.12
C CYS A 76 -1.71 -1.05 -2.78
N ILE A 77 -1.66 -0.45 -3.98
CA ILE A 77 -0.42 -0.34 -4.72
C ILE A 77 -0.24 1.05 -5.32
N VAL A 78 0.97 1.58 -5.24
CA VAL A 78 1.26 2.90 -5.77
C VAL A 78 1.06 2.94 -7.29
N GLU A 79 0.34 3.96 -7.75
CA GLU A 79 0.07 4.11 -9.17
C GLU A 79 0.93 5.22 -9.78
N LYS A 80 1.07 6.32 -9.05
CA LYS A 80 1.87 7.45 -9.50
C LYS A 80 2.46 8.21 -8.32
N VAL A 81 3.60 8.87 -8.56
CA VAL A 81 4.25 9.64 -7.51
C VAL A 81 4.45 11.09 -7.94
N LYS A 82 3.90 12.01 -7.16
CA LYS A 82 4.01 13.44 -7.45
C LYS A 82 4.52 14.20 -6.24
N GLY A 83 5.36 15.21 -6.50
CA GLY A 83 5.90 16.01 -5.41
C GLY A 83 6.60 15.16 -4.37
N ASN A 84 7.39 15.82 -3.51
CA ASN A 84 8.12 15.11 -2.45
C ASN A 84 7.34 15.13 -1.15
N GLY A 85 6.02 14.96 -1.24
CA GLY A 85 5.19 14.95 -0.06
C GLY A 85 3.85 15.63 -0.29
N GLY A 86 3.26 15.40 -1.46
CA GLY A 86 1.99 16.00 -1.78
C GLY A 86 0.85 15.00 -1.78
N VAL A 87 0.53 14.46 -2.95
CA VAL A 87 -0.55 13.48 -3.07
C VAL A 87 -0.02 12.17 -3.64
N VAL A 88 -0.47 11.05 -3.07
CA VAL A 88 -0.06 9.73 -3.51
C VAL A 88 -1.23 8.95 -4.11
N SER A 89 -0.97 8.24 -5.20
CA SER A 89 -2.00 7.45 -5.86
C SER A 89 -1.91 5.99 -5.45
N LEU A 90 -3.03 5.46 -4.96
CA LEU A 90 -3.08 4.05 -4.53
C LEU A 90 -4.14 3.29 -5.31
N SER A 91 -3.93 1.99 -5.46
CA SER A 91 -4.87 1.13 -6.18
C SER A 91 -4.69 -0.32 -5.80
N VAL A 92 -5.80 -1.06 -5.73
CA VAL A 92 -5.76 -2.47 -5.37
C VAL A 92 -5.39 -3.33 -6.58
N GLY A 93 -4.32 -4.10 -6.45
CA GLY A 93 -3.88 -4.96 -7.53
C GLY A 93 -4.05 -6.43 -7.22
N HIS A 94 -5.12 -7.02 -7.72
CA HIS A 94 -5.40 -8.43 -7.48
C HIS A 94 -4.66 -9.31 -8.49
N SER A 95 -3.41 -9.63 -8.17
CA SER A 95 -2.59 -10.46 -9.05
C SER A 95 -1.54 -11.23 -8.25
N GLU A 96 -0.77 -12.06 -8.95
CA GLU A 96 0.26 -12.85 -8.30
C GLU A 96 1.34 -11.95 -7.69
N VAL A 97 1.35 -11.87 -6.37
CA VAL A 97 2.32 -11.04 -5.66
C VAL A 97 3.74 -11.31 -6.17
N SER A 98 4.06 -12.58 -6.39
CA SER A 98 5.38 -12.96 -6.87
C SER A 98 5.35 -13.23 -8.38
N THR A 99 6.53 -13.25 -8.98
CA THR A 99 6.65 -13.50 -10.42
C THR A 99 7.94 -14.23 -10.76
N ALA A 100 8.05 -14.68 -12.00
CA ALA A 100 9.25 -15.39 -12.44
C ALA A 100 10.44 -14.44 -12.57
N ILE A 101 11.61 -14.93 -12.18
CA ILE A 101 12.82 -14.13 -12.25
C ILE A 101 13.10 -13.67 -13.68
N ALA A 102 13.60 -12.44 -13.82
CA ALA A 102 13.91 -11.89 -15.13
C ALA A 102 15.08 -12.62 -15.77
N THR A 103 15.94 -13.20 -14.94
CA THR A 103 17.11 -13.93 -15.43
C THR A 103 16.83 -15.43 -15.48
N GLU A 104 17.55 -16.12 -16.35
CA GLU A 104 17.39 -17.57 -16.49
C GLU A 104 18.12 -18.31 -15.38
N GLN A 105 17.70 -19.55 -15.13
CA GLN A 105 18.32 -20.36 -14.09
C GLN A 105 19.20 -21.45 -14.70
N GLN A 106 19.83 -21.13 -15.83
CA GLN A 106 20.69 -22.08 -16.51
C GLN A 106 22.17 -21.72 -16.31
N SER A 107 23.05 -22.70 -16.54
CA SER A 107 24.47 -22.49 -16.37
C SER A 107 25.25 -23.04 -17.56
N TRP A 108 26.26 -22.29 -18.01
CA TRP A 108 27.07 -22.71 -19.14
C TRP A 108 28.47 -22.10 -19.07
N ASN A 109 29.41 -22.69 -19.79
CA ASN A 109 30.78 -22.20 -19.81
C ASN A 109 31.00 -21.24 -20.98
N LEU A 110 31.22 -19.97 -20.65
CA LEU A 110 31.45 -18.95 -21.67
C LEU A 110 32.87 -18.39 -21.56
N ASN A 111 33.18 -17.43 -22.43
CA ASN A 111 34.49 -16.81 -22.44
C ASN A 111 34.41 -15.36 -22.92
N ASN A 112 35.02 -14.46 -22.17
CA ASN A 112 35.02 -13.04 -22.53
C ASN A 112 36.43 -12.47 -22.48
N LEU A 113 36.64 -11.35 -23.19
CA LEU A 113 37.95 -10.70 -23.22
C LEU A 113 38.35 -10.20 -21.84
N SER A 114 39.65 -10.18 -21.58
CA SER A 114 40.16 -9.73 -20.29
C SER A 114 41.65 -9.41 -20.39
N GLY A 115 41.98 -8.12 -20.34
CA GLY A 115 43.37 -7.70 -20.42
C GLY A 115 43.52 -6.21 -20.65
N PRO A 116 44.58 -5.63 -20.08
CA PRO A 116 44.86 -4.19 -20.21
C PRO A 116 45.29 -3.82 -21.63
N SER A 117 44.73 -2.72 -22.13
CA SER A 117 45.05 -2.26 -23.48
C SER A 117 46.28 -1.35 -23.45
N SER A 118 47.07 -1.40 -24.53
CA SER A 118 48.27 -0.58 -24.63
C SER A 118 48.05 0.60 -25.58
N GLY A 119 47.57 0.30 -26.77
CA GLY A 119 47.32 1.35 -27.75
C GLY A 119 47.48 0.86 -29.18
N GLY A 1 23.38 -19.98 15.21
CA GLY A 1 24.79 -19.72 14.96
C GLY A 1 25.53 -19.23 16.19
N SER A 2 26.32 -18.18 16.01
CA SER A 2 27.08 -17.61 17.11
C SER A 2 26.28 -16.52 17.82
N SER A 3 26.07 -16.69 19.11
CA SER A 3 25.32 -15.71 19.91
C SER A 3 25.80 -14.29 19.61
N GLY A 4 24.92 -13.32 19.82
CA GLY A 4 25.27 -11.94 19.58
C GLY A 4 24.04 -11.04 19.44
N SER A 5 24.14 -10.03 18.60
CA SER A 5 23.03 -9.10 18.39
C SER A 5 22.74 -8.93 16.90
N SER A 6 21.59 -9.43 16.47
CA SER A 6 21.18 -9.34 15.08
C SER A 6 20.19 -8.21 14.86
N GLY A 7 20.71 -7.00 14.66
CA GLY A 7 19.87 -5.85 14.45
C GLY A 7 20.29 -5.02 13.25
N LYS A 8 20.27 -5.65 12.07
CA LYS A 8 20.66 -4.97 10.84
C LYS A 8 19.51 -4.98 9.83
N ASN A 9 19.17 -3.80 9.32
CA ASN A 9 18.09 -3.68 8.35
C ASN A 9 18.45 -2.66 7.27
N VAL A 10 18.44 -3.11 6.01
CA VAL A 10 18.76 -2.24 4.90
C VAL A 10 18.14 -0.86 5.07
N ASN A 11 18.90 0.18 4.73
CA ASN A 11 18.42 1.55 4.85
C ASN A 11 17.11 1.74 4.10
N ARG A 12 15.99 1.52 4.79
CA ARG A 12 14.68 1.67 4.18
C ARG A 12 14.19 3.10 4.30
N VAL A 13 13.95 3.74 3.16
CA VAL A 13 13.47 5.11 3.13
C VAL A 13 11.95 5.17 3.04
N LEU A 14 11.38 4.22 2.31
CA LEU A 14 9.93 4.16 2.14
C LEU A 14 9.33 5.55 2.08
N SER A 15 9.96 6.44 1.31
CA SER A 15 9.49 7.80 1.18
C SER A 15 9.19 8.14 -0.28
N ALA A 16 8.13 8.93 -0.50
CA ALA A 16 7.74 9.31 -1.85
C ALA A 16 8.96 9.72 -2.67
N GLU A 17 10.02 10.11 -2.00
CA GLU A 17 11.24 10.54 -2.67
C GLU A 17 12.01 9.33 -3.22
N ALA A 18 12.02 8.24 -2.44
CA ALA A 18 12.70 7.02 -2.85
C ALA A 18 11.71 5.93 -3.20
N LEU A 19 10.47 6.31 -3.44
CA LEU A 19 9.42 5.36 -3.78
C LEU A 19 9.07 5.43 -5.27
N LYS A 20 8.78 4.28 -5.86
CA LYS A 20 8.44 4.21 -7.27
C LYS A 20 7.07 3.55 -7.47
N PRO A 21 6.38 3.94 -8.55
CA PRO A 21 5.05 3.40 -8.87
C PRO A 21 5.11 1.95 -9.32
N GLY A 22 4.44 1.07 -8.57
CA GLY A 22 4.43 -0.34 -8.91
C GLY A 22 4.87 -1.21 -7.74
N MET A 23 4.95 -0.62 -6.56
CA MET A 23 5.35 -1.35 -5.37
C MET A 23 4.14 -1.76 -4.54
N LEU A 24 4.09 -3.04 -4.15
CA LEU A 24 2.98 -3.56 -3.38
C LEU A 24 3.23 -3.34 -1.88
N LEU A 25 2.48 -2.41 -1.29
CA LEU A 25 2.60 -2.10 0.12
C LEU A 25 1.28 -2.32 0.85
N THR A 26 1.33 -3.04 1.97
CA THR A 26 0.14 -3.31 2.75
C THR A 26 -0.03 -2.29 3.87
N GLY A 27 -1.23 -1.71 3.96
CA GLY A 27 -1.51 -0.72 4.98
C GLY A 27 -2.84 -0.93 5.65
N THR A 28 -3.24 0.01 6.49
CA THR A 28 -4.51 -0.07 7.20
C THR A 28 -5.29 1.24 7.09
N VAL A 29 -6.60 1.11 6.90
CA VAL A 29 -7.47 2.28 6.78
C VAL A 29 -7.44 3.13 8.04
N SER A 30 -7.02 4.38 7.89
CA SER A 30 -6.94 5.29 9.03
C SER A 30 -8.27 5.99 9.26
N SER A 31 -8.94 6.36 8.17
CA SER A 31 -10.23 7.05 8.26
C SER A 31 -11.02 6.86 6.97
N LEU A 32 -12.34 6.98 7.08
CA LEU A 32 -13.21 6.82 5.92
C LEU A 32 -13.77 8.19 5.48
N GLU A 33 -13.57 8.50 4.21
CA GLU A 33 -14.06 9.77 3.65
C GLU A 33 -15.09 9.52 2.55
N ASP A 34 -16.08 10.40 2.47
CA ASP A 34 -17.12 10.29 1.47
C ASP A 34 -16.56 10.50 0.07
N HIS A 35 -15.38 11.10 0.00
CA HIS A 35 -14.73 11.36 -1.27
C HIS A 35 -13.74 10.25 -1.63
N GLY A 36 -13.20 9.60 -0.60
CA GLY A 36 -12.26 8.52 -0.82
C GLY A 36 -11.96 7.74 0.45
N TYR A 37 -10.82 7.05 0.46
CA TYR A 37 -10.42 6.27 1.62
C TYR A 37 -8.96 6.52 1.97
N LEU A 38 -8.70 6.82 3.24
CA LEU A 38 -7.35 7.09 3.71
C LEU A 38 -6.63 5.79 4.08
N VAL A 39 -5.46 5.58 3.50
CA VAL A 39 -4.67 4.38 3.78
C VAL A 39 -3.40 4.71 4.54
N ASP A 40 -3.10 3.93 5.57
CA ASP A 40 -1.91 4.14 6.38
C ASP A 40 -0.68 3.54 5.70
N ILE A 41 0.40 4.31 5.66
CA ILE A 41 1.64 3.86 5.04
C ILE A 41 2.80 3.91 6.04
N GLY A 42 2.66 4.75 7.05
CA GLY A 42 3.71 4.89 8.06
C GLY A 42 4.77 5.87 7.65
N VAL A 43 4.36 7.06 7.23
CA VAL A 43 5.30 8.10 6.81
C VAL A 43 4.81 9.48 7.21
N ASP A 44 5.75 10.37 7.51
CA ASP A 44 5.42 11.73 7.91
C ASP A 44 5.35 12.66 6.70
N GLY A 45 4.22 13.33 6.53
CA GLY A 45 4.06 14.24 5.41
C GLY A 45 3.37 13.59 4.22
N THR A 46 3.89 12.43 3.81
CA THR A 46 3.31 11.71 2.68
C THR A 46 1.86 11.33 2.95
N ARG A 47 0.98 11.74 2.04
CA ARG A 47 -0.45 11.44 2.19
C ARG A 47 -0.93 10.54 1.05
N ALA A 48 -1.65 9.47 1.41
CA ALA A 48 -2.17 8.53 0.44
C ALA A 48 -3.69 8.56 0.40
N PHE A 49 -4.25 8.77 -0.79
CA PHE A 49 -5.70 8.81 -0.96
C PHE A 49 -6.17 7.78 -1.98
N LEU A 50 -7.25 7.10 -1.67
CA LEU A 50 -7.80 6.08 -2.57
C LEU A 50 -9.15 6.52 -3.12
N PRO A 51 -9.33 6.38 -4.44
CA PRO A 51 -10.57 6.76 -5.12
C PRO A 51 -11.72 5.82 -4.77
N LEU A 52 -12.91 6.37 -4.61
CA LEU A 52 -14.09 5.59 -4.28
C LEU A 52 -14.42 4.61 -5.40
N LEU A 53 -13.91 4.90 -6.60
CA LEU A 53 -14.14 4.04 -7.75
C LEU A 53 -13.40 2.71 -7.62
N LYS A 54 -12.14 2.79 -7.19
CA LYS A 54 -11.32 1.60 -7.01
C LYS A 54 -11.65 0.90 -5.69
N ALA A 55 -11.96 1.70 -4.67
CA ALA A 55 -12.30 1.15 -3.36
C ALA A 55 -13.67 0.50 -3.37
N GLN A 56 -14.63 1.16 -4.02
CA GLN A 56 -15.99 0.65 -4.10
C GLN A 56 -16.02 -0.72 -4.76
N GLU A 57 -15.16 -0.91 -5.76
CA GLU A 57 -15.08 -2.19 -6.47
C GLU A 57 -14.59 -3.29 -5.55
N TYR A 58 -13.57 -2.98 -4.74
CA TYR A 58 -13.01 -3.97 -3.82
C TYR A 58 -13.96 -4.23 -2.66
N ILE A 59 -14.62 -3.17 -2.19
CA ILE A 59 -15.56 -3.27 -1.08
C ILE A 59 -16.77 -4.11 -1.47
N ARG A 60 -17.23 -3.92 -2.71
CA ARG A 60 -18.39 -4.66 -3.21
C ARG A 60 -18.06 -6.12 -3.40
N GLN A 61 -16.87 -6.40 -3.93
CA GLN A 61 -16.45 -7.77 -4.17
C GLN A 61 -15.92 -8.40 -2.88
N LYS A 62 -15.53 -7.56 -1.93
CA LYS A 62 -15.01 -8.05 -0.65
C LYS A 62 -16.09 -7.97 0.43
N ASN A 63 -16.47 -6.76 0.79
CA ASN A 63 -17.50 -6.55 1.81
C ASN A 63 -18.90 -6.64 1.21
N LYS A 64 -19.05 -7.48 0.19
CA LYS A 64 -20.34 -7.66 -0.47
C LYS A 64 -21.08 -6.33 -0.59
N GLY A 65 -20.32 -5.24 -0.65
CA GLY A 65 -20.92 -3.92 -0.75
C GLY A 65 -21.30 -3.35 0.59
N ALA A 66 -20.30 -3.14 1.45
CA ALA A 66 -20.53 -2.58 2.78
C ALA A 66 -19.40 -1.64 3.19
N LYS A 67 -19.77 -0.48 3.71
CA LYS A 67 -18.80 0.51 4.15
C LYS A 67 -17.61 -0.15 4.85
N LEU A 68 -16.43 0.44 4.70
CA LEU A 68 -15.22 -0.10 5.32
C LEU A 68 -15.17 0.24 6.81
N LYS A 69 -14.09 -0.16 7.47
CA LYS A 69 -13.92 0.11 8.89
C LYS A 69 -12.51 0.62 9.18
N VAL A 70 -12.40 1.52 10.15
CA VAL A 70 -11.10 2.08 10.53
C VAL A 70 -10.25 1.05 11.26
N GLY A 71 -9.01 0.88 10.80
CA GLY A 71 -8.11 -0.08 11.41
C GLY A 71 -7.95 -1.34 10.59
N GLN A 72 -8.98 -1.66 9.81
CA GLN A 72 -8.94 -2.86 8.97
C GLN A 72 -7.83 -2.77 7.93
N TYR A 73 -7.27 -3.92 7.58
CA TYR A 73 -6.18 -3.97 6.61
C TYR A 73 -6.74 -3.92 5.18
N LEU A 74 -6.16 -3.06 4.36
CA LEU A 74 -6.60 -2.92 2.97
C LEU A 74 -5.41 -3.04 2.01
N ASN A 75 -5.64 -3.70 0.88
CA ASN A 75 -4.60 -3.89 -0.12
C ASN A 75 -4.56 -2.71 -1.09
N CYS A 76 -3.35 -2.22 -1.36
CA CYS A 76 -3.17 -1.09 -2.26
C CYS A 76 -1.76 -1.10 -2.87
N ILE A 77 -1.64 -0.57 -4.07
CA ILE A 77 -0.35 -0.51 -4.76
C ILE A 77 -0.09 0.88 -5.32
N VAL A 78 1.18 1.27 -5.35
CA VAL A 78 1.57 2.58 -5.86
C VAL A 78 1.45 2.63 -7.38
N GLU A 79 0.61 3.54 -7.87
CA GLU A 79 0.41 3.69 -9.31
C GLU A 79 1.09 4.96 -9.82
N LYS A 80 0.85 6.07 -9.14
CA LYS A 80 1.43 7.35 -9.53
C LYS A 80 1.93 8.12 -8.30
N VAL A 81 3.13 8.68 -8.41
CA VAL A 81 3.72 9.44 -7.31
C VAL A 81 4.05 10.86 -7.74
N LYS A 82 3.47 11.83 -7.04
CA LYS A 82 3.71 13.24 -7.34
C LYS A 82 4.19 13.99 -6.11
N GLY A 83 5.23 14.81 -6.28
CA GLY A 83 5.76 15.58 -5.18
C GLY A 83 6.37 14.70 -4.11
N ASN A 84 6.47 15.23 -2.89
CA ASN A 84 7.05 14.49 -1.77
C ASN A 84 6.02 14.28 -0.67
N GLY A 85 5.26 15.33 -0.38
CA GLY A 85 4.24 15.24 0.66
C GLY A 85 2.90 15.76 0.20
N GLY A 86 2.60 15.58 -1.08
CA GLY A 86 1.34 16.04 -1.63
C GLY A 86 0.26 14.98 -1.56
N VAL A 87 0.00 14.33 -2.69
CA VAL A 87 -1.02 13.29 -2.76
C VAL A 87 -0.51 12.07 -3.51
N VAL A 88 -0.76 10.88 -2.95
CA VAL A 88 -0.32 9.63 -3.58
C VAL A 88 -1.51 8.87 -4.15
N SER A 89 -1.31 8.28 -5.32
CA SER A 89 -2.37 7.52 -5.99
C SER A 89 -2.19 6.02 -5.74
N LEU A 90 -3.16 5.42 -5.06
CA LEU A 90 -3.11 3.99 -4.76
C LEU A 90 -4.17 3.23 -5.56
N SER A 91 -3.94 1.93 -5.75
CA SER A 91 -4.88 1.09 -6.49
C SER A 91 -4.87 -0.34 -5.95
N VAL A 92 -6.05 -0.95 -5.91
CA VAL A 92 -6.18 -2.31 -5.42
C VAL A 92 -5.66 -3.32 -6.45
N GLY A 93 -5.00 -4.37 -5.95
CA GLY A 93 -4.47 -5.39 -6.84
C GLY A 93 -4.62 -6.78 -6.28
N HIS A 94 -5.54 -7.56 -6.86
CA HIS A 94 -5.79 -8.92 -6.41
C HIS A 94 -4.49 -9.59 -5.99
N SER A 95 -3.54 -9.69 -6.92
CA SER A 95 -2.26 -10.32 -6.65
C SER A 95 -1.29 -10.11 -7.81
N GLU A 96 -0.17 -9.46 -7.53
CA GLU A 96 0.84 -9.20 -8.56
C GLU A 96 1.92 -10.27 -8.54
N VAL A 97 1.63 -11.40 -9.19
CA VAL A 97 2.58 -12.50 -9.26
C VAL A 97 3.62 -12.26 -10.35
N SER A 98 3.18 -11.69 -11.47
CA SER A 98 4.07 -11.42 -12.59
C SER A 98 4.50 -9.96 -12.60
N THR A 99 5.81 -9.73 -12.58
CA THR A 99 6.35 -8.37 -12.59
C THR A 99 7.41 -8.21 -13.67
N ALA A 100 7.20 -8.87 -14.81
CA ALA A 100 8.14 -8.80 -15.92
C ALA A 100 7.55 -9.44 -17.18
N ILE A 101 8.23 -9.25 -18.30
CA ILE A 101 7.77 -9.81 -19.57
C ILE A 101 8.06 -11.32 -19.63
N ALA A 102 7.19 -12.05 -20.31
CA ALA A 102 7.35 -13.49 -20.45
C ALA A 102 8.69 -13.84 -21.10
N THR A 103 9.68 -14.13 -20.28
CA THR A 103 11.01 -14.47 -20.76
C THR A 103 11.86 -15.11 -19.66
N GLU A 104 12.87 -15.86 -20.08
CA GLU A 104 13.76 -16.53 -19.13
C GLU A 104 14.40 -15.51 -18.18
N GLN A 105 15.20 -16.02 -17.24
CA GLN A 105 15.87 -15.16 -16.27
C GLN A 105 17.36 -15.47 -16.19
N GLN A 106 18.15 -14.47 -15.86
CA GLN A 106 19.60 -14.65 -15.76
C GLN A 106 20.00 -15.10 -14.35
N SER A 107 20.01 -16.42 -14.14
CA SER A 107 20.36 -16.99 -12.85
C SER A 107 21.68 -16.40 -12.35
N TRP A 108 22.01 -16.71 -11.10
CA TRP A 108 23.25 -16.22 -10.49
C TRP A 108 24.45 -16.53 -11.38
N ASN A 109 25.63 -16.13 -10.93
CA ASN A 109 26.86 -16.38 -11.68
C ASN A 109 27.87 -17.16 -10.85
N LEU A 110 29.04 -17.38 -11.41
CA LEU A 110 30.10 -18.12 -10.72
C LEU A 110 31.45 -17.91 -11.41
N ASN A 111 32.41 -17.37 -10.67
CA ASN A 111 33.75 -17.13 -11.22
C ASN A 111 34.69 -18.27 -10.86
N ASN A 112 35.28 -18.89 -11.87
CA ASN A 112 36.20 -20.00 -11.66
C ASN A 112 36.95 -20.33 -12.96
N LEU A 113 38.27 -20.24 -12.90
CA LEU A 113 39.11 -20.52 -14.06
C LEU A 113 38.93 -21.96 -14.52
N SER A 114 38.78 -22.15 -15.82
CA SER A 114 38.59 -23.47 -16.40
C SER A 114 39.60 -23.73 -17.52
N GLY A 115 40.88 -23.60 -17.19
CA GLY A 115 41.92 -23.82 -18.19
C GLY A 115 41.86 -25.21 -18.79
N PRO A 116 42.31 -25.33 -20.05
CA PRO A 116 42.31 -26.62 -20.76
C PRO A 116 43.35 -27.58 -20.20
N SER A 117 44.19 -27.10 -19.29
CA SER A 117 45.21 -27.91 -18.67
C SER A 117 45.36 -27.59 -17.19
N SER A 118 45.63 -28.62 -16.39
CA SER A 118 45.79 -28.45 -14.95
C SER A 118 47.20 -28.02 -14.60
N GLY A 119 47.38 -26.72 -14.37
CA GLY A 119 48.69 -26.19 -14.02
C GLY A 119 48.65 -25.28 -12.82
N GLY A 1 29.99 -19.16 1.19
CA GLY A 1 29.61 -18.04 2.04
C GLY A 1 28.23 -18.21 2.64
N SER A 2 27.37 -17.22 2.44
CA SER A 2 26.01 -17.28 2.97
C SER A 2 25.23 -18.44 2.37
N SER A 3 25.49 -19.64 2.88
CA SER A 3 24.82 -20.84 2.39
C SER A 3 23.75 -21.29 3.37
N GLY A 4 22.51 -20.91 3.10
CA GLY A 4 21.41 -21.28 3.97
C GLY A 4 20.51 -20.10 4.33
N SER A 5 20.36 -19.87 5.63
CA SER A 5 19.52 -18.77 6.10
C SER A 5 20.00 -17.44 5.54
N SER A 6 19.23 -16.38 5.79
CA SER A 6 19.59 -15.05 5.30
C SER A 6 19.65 -14.05 6.45
N GLY A 7 19.99 -12.81 6.13
CA GLY A 7 20.08 -11.77 7.14
C GLY A 7 19.43 -10.48 6.72
N LYS A 8 19.15 -9.61 7.68
CA LYS A 8 18.53 -8.32 7.40
C LYS A 8 19.56 -7.30 6.94
N ASN A 9 19.08 -6.18 6.41
CA ASN A 9 19.95 -5.12 5.93
C ASN A 9 20.38 -4.21 7.08
N VAL A 10 21.33 -3.32 6.80
CA VAL A 10 21.83 -2.39 7.81
C VAL A 10 21.43 -0.96 7.46
N ASN A 11 21.97 -0.45 6.35
CA ASN A 11 21.67 0.90 5.91
C ASN A 11 20.75 0.90 4.70
N ARG A 12 19.48 1.22 4.92
CA ARG A 12 18.51 1.25 3.83
C ARG A 12 18.39 2.66 3.24
N VAL A 13 18.15 2.72 1.93
CA VAL A 13 18.03 4.00 1.25
C VAL A 13 16.59 4.23 0.79
N LEU A 14 15.64 3.58 1.46
CA LEU A 14 14.23 3.71 1.12
C LEU A 14 13.74 5.14 1.37
N SER A 15 13.55 5.89 0.30
CA SER A 15 13.09 7.27 0.41
C SER A 15 11.71 7.43 -0.24
N ALA A 16 11.01 8.49 0.14
CA ALA A 16 9.67 8.75 -0.39
C ALA A 16 9.75 9.08 -1.88
N GLU A 17 10.59 10.05 -2.24
CA GLU A 17 10.74 10.46 -3.61
C GLU A 17 11.42 9.36 -4.44
N ALA A 18 11.93 8.35 -3.75
CA ALA A 18 12.60 7.24 -4.41
C ALA A 18 11.61 6.14 -4.77
N LEU A 19 10.44 6.20 -4.17
CA LEU A 19 9.39 5.20 -4.42
C LEU A 19 9.00 5.18 -5.89
N LYS A 20 8.55 4.03 -6.37
CA LYS A 20 8.15 3.88 -7.75
C LYS A 20 6.75 3.28 -7.85
N PRO A 21 5.97 3.74 -8.85
CA PRO A 21 4.60 3.27 -9.07
C PRO A 21 4.56 1.82 -9.56
N GLY A 22 4.11 0.92 -8.71
CA GLY A 22 4.03 -0.48 -9.08
C GLY A 22 4.29 -1.41 -7.92
N MET A 23 4.78 -0.86 -6.82
CA MET A 23 5.07 -1.64 -5.62
C MET A 23 3.79 -1.93 -4.84
N LEU A 24 3.69 -3.14 -4.30
CA LEU A 24 2.53 -3.54 -3.52
C LEU A 24 2.78 -3.40 -2.03
N LEU A 25 2.15 -2.40 -1.42
CA LEU A 25 2.31 -2.15 0.01
C LEU A 25 0.99 -2.32 0.74
N THR A 26 0.99 -3.12 1.80
CA THR A 26 -0.21 -3.36 2.59
C THR A 26 -0.28 -2.42 3.78
N GLY A 27 -1.44 -1.79 3.96
CA GLY A 27 -1.62 -0.86 5.06
C GLY A 27 -2.97 -1.03 5.74
N THR A 28 -3.35 -0.03 6.53
CA THR A 28 -4.63 -0.07 7.23
C THR A 28 -5.41 1.22 7.05
N VAL A 29 -6.73 1.10 6.99
CA VAL A 29 -7.60 2.27 6.81
C VAL A 29 -7.49 3.22 7.99
N SER A 30 -7.11 4.46 7.71
CA SER A 30 -6.96 5.47 8.74
C SER A 30 -8.29 6.17 9.02
N SER A 31 -9.02 6.48 7.95
CA SER A 31 -10.31 7.15 8.08
C SER A 31 -11.17 6.91 6.84
N LEU A 32 -12.49 7.01 7.02
CA LEU A 32 -13.42 6.81 5.92
C LEU A 32 -14.01 8.14 5.45
N GLU A 33 -13.87 8.42 4.16
CA GLU A 33 -14.40 9.66 3.59
C GLU A 33 -15.48 9.36 2.55
N ASP A 34 -16.28 10.37 2.24
CA ASP A 34 -17.35 10.23 1.26
C ASP A 34 -16.82 10.38 -0.16
N HIS A 35 -15.69 11.07 -0.29
CA HIS A 35 -15.07 11.29 -1.59
C HIS A 35 -13.99 10.25 -1.87
N GLY A 36 -13.64 9.48 -0.85
CA GLY A 36 -12.63 8.45 -1.00
C GLY A 36 -12.34 7.72 0.30
N TYR A 37 -11.20 7.05 0.35
CA TYR A 37 -10.80 6.31 1.54
C TYR A 37 -9.36 6.62 1.93
N LEU A 38 -9.13 6.79 3.22
CA LEU A 38 -7.78 7.09 3.72
C LEU A 38 -7.03 5.81 4.07
N VAL A 39 -5.81 5.69 3.57
CA VAL A 39 -4.99 4.52 3.83
C VAL A 39 -3.76 4.88 4.64
N ASP A 40 -3.37 3.99 5.55
CA ASP A 40 -2.20 4.21 6.40
C ASP A 40 -0.95 3.58 5.79
N ILE A 41 0.14 4.33 5.77
CA ILE A 41 1.40 3.84 5.21
C ILE A 41 2.53 3.96 6.22
N GLY A 42 2.33 4.81 7.23
CA GLY A 42 3.34 5.00 8.25
C GLY A 42 4.55 5.74 7.74
N VAL A 43 4.31 6.89 7.12
CA VAL A 43 5.39 7.71 6.57
C VAL A 43 5.28 9.15 7.05
N ASP A 44 6.42 9.82 7.16
CA ASP A 44 6.44 11.21 7.60
C ASP A 44 6.44 12.16 6.40
N GLY A 45 5.41 12.99 6.32
CA GLY A 45 5.31 13.94 5.22
C GLY A 45 4.83 13.29 3.93
N THR A 46 3.82 12.44 4.06
CA THR A 46 3.26 11.74 2.90
C THR A 46 1.81 11.34 3.14
N ARG A 47 0.92 11.77 2.26
CA ARG A 47 -0.50 11.46 2.38
C ARG A 47 -0.95 10.56 1.23
N ALA A 48 -1.65 9.49 1.58
CA ALA A 48 -2.15 8.55 0.58
C ALA A 48 -3.67 8.51 0.56
N PHE A 49 -4.25 8.77 -0.61
CA PHE A 49 -5.70 8.78 -0.76
C PHE A 49 -6.14 7.79 -1.83
N LEU A 50 -7.24 7.09 -1.58
CA LEU A 50 -7.76 6.11 -2.53
C LEU A 50 -9.11 6.56 -3.08
N PRO A 51 -9.27 6.46 -4.41
CA PRO A 51 -10.50 6.85 -5.10
C PRO A 51 -11.66 5.91 -4.78
N LEU A 52 -12.87 6.45 -4.74
CA LEU A 52 -14.06 5.65 -4.46
C LEU A 52 -14.28 4.60 -5.54
N LEU A 53 -13.73 4.85 -6.72
CA LEU A 53 -13.87 3.92 -7.84
C LEU A 53 -13.18 2.59 -7.54
N LYS A 54 -11.97 2.67 -6.99
CA LYS A 54 -11.22 1.47 -6.65
C LYS A 54 -11.66 0.91 -5.30
N ALA A 55 -11.97 1.80 -4.36
CA ALA A 55 -12.41 1.40 -3.03
C ALA A 55 -13.74 0.67 -3.10
N GLN A 56 -14.68 1.22 -3.86
CA GLN A 56 -16.01 0.62 -4.01
C GLN A 56 -15.92 -0.72 -4.71
N GLU A 57 -15.05 -0.80 -5.71
CA GLU A 57 -14.86 -2.04 -6.47
C GLU A 57 -14.28 -3.14 -5.59
N TYR A 58 -13.28 -2.77 -4.79
CA TYR A 58 -12.63 -3.72 -3.90
C TYR A 58 -13.54 -4.09 -2.73
N ILE A 59 -14.21 -3.09 -2.18
CA ILE A 59 -15.12 -3.30 -1.05
C ILE A 59 -16.31 -4.17 -1.47
N ARG A 60 -16.81 -3.94 -2.68
CA ARG A 60 -17.94 -4.69 -3.19
C ARG A 60 -17.56 -6.14 -3.46
N GLN A 61 -16.39 -6.33 -4.08
CA GLN A 61 -15.92 -7.67 -4.39
C GLN A 61 -15.32 -8.34 -3.15
N LYS A 62 -14.92 -7.53 -2.18
CA LYS A 62 -14.34 -8.05 -0.94
C LYS A 62 -15.38 -8.09 0.17
N ASN A 63 -15.79 -6.92 0.63
CA ASN A 63 -16.79 -6.82 1.69
C ASN A 63 -18.20 -6.92 1.13
N LYS A 64 -18.36 -7.71 0.08
CA LYS A 64 -19.66 -7.89 -0.55
C LYS A 64 -20.47 -6.60 -0.51
N GLY A 65 -19.79 -5.47 -0.62
CA GLY A 65 -20.46 -4.18 -0.58
C GLY A 65 -20.85 -3.77 0.83
N ALA A 66 -19.87 -3.34 1.61
CA ALA A 66 -20.11 -2.91 2.98
C ALA A 66 -19.08 -1.89 3.42
N LYS A 67 -19.54 -0.69 3.76
CA LYS A 67 -18.66 0.38 4.20
C LYS A 67 -17.50 -0.18 5.03
N LEU A 68 -16.30 0.32 4.76
CA LEU A 68 -15.11 -0.14 5.49
C LEU A 68 -15.14 0.34 6.93
N LYS A 69 -14.07 0.07 7.66
CA LYS A 69 -13.97 0.47 9.06
C LYS A 69 -12.53 0.85 9.41
N VAL A 70 -12.37 2.02 10.02
CA VAL A 70 -11.05 2.51 10.42
C VAL A 70 -10.29 1.44 11.20
N GLY A 71 -9.08 1.13 10.74
CA GLY A 71 -8.26 0.13 11.41
C GLY A 71 -8.13 -1.14 10.60
N GLN A 72 -9.16 -1.46 9.82
CA GLN A 72 -9.14 -2.66 9.00
C GLN A 72 -8.04 -2.59 7.95
N TYR A 73 -7.48 -3.75 7.60
CA TYR A 73 -6.41 -3.82 6.61
C TYR A 73 -6.98 -3.75 5.20
N LEU A 74 -6.40 -2.89 4.37
CA LEU A 74 -6.83 -2.73 3.00
C LEU A 74 -5.67 -2.94 2.03
N ASN A 75 -5.97 -3.51 0.87
CA ASN A 75 -4.95 -3.76 -0.15
C ASN A 75 -4.88 -2.61 -1.14
N CYS A 76 -3.68 -2.07 -1.34
CA CYS A 76 -3.48 -0.97 -2.28
C CYS A 76 -2.11 -1.05 -2.93
N ILE A 77 -1.98 -0.45 -4.10
CA ILE A 77 -0.72 -0.47 -4.84
C ILE A 77 -0.38 0.93 -5.36
N VAL A 78 0.90 1.29 -5.27
CA VAL A 78 1.36 2.59 -5.73
C VAL A 78 1.15 2.74 -7.23
N GLU A 79 0.36 3.74 -7.62
CA GLU A 79 0.08 3.99 -9.03
C GLU A 79 0.86 5.20 -9.52
N LYS A 80 0.81 6.29 -8.76
CA LYS A 80 1.52 7.51 -9.13
C LYS A 80 2.17 8.15 -7.90
N VAL A 81 3.38 8.67 -8.09
CA VAL A 81 4.11 9.31 -7.00
C VAL A 81 4.46 10.75 -7.34
N LYS A 82 4.14 11.66 -6.44
CA LYS A 82 4.42 13.08 -6.65
C LYS A 82 5.83 13.42 -6.21
N GLY A 83 6.24 14.67 -6.42
CA GLY A 83 7.57 15.10 -6.04
C GLY A 83 7.63 15.60 -4.61
N ASN A 84 6.77 16.56 -4.29
CA ASN A 84 6.73 17.13 -2.94
C ASN A 84 5.84 16.30 -2.03
N GLY A 85 5.77 15.00 -2.29
CA GLY A 85 4.95 14.11 -1.49
C GLY A 85 3.57 14.68 -1.23
N GLY A 86 3.06 15.45 -2.18
CA GLY A 86 1.74 16.05 -2.02
C GLY A 86 0.65 15.02 -1.84
N VAL A 87 0.29 14.34 -2.93
CA VAL A 87 -0.75 13.33 -2.89
C VAL A 87 -0.30 12.05 -3.61
N VAL A 88 -0.54 10.91 -2.97
CA VAL A 88 -0.16 9.62 -3.54
C VAL A 88 -1.38 8.89 -4.09
N SER A 89 -1.21 8.26 -5.25
CA SER A 89 -2.29 7.52 -5.89
C SER A 89 -2.16 6.03 -5.62
N LEU A 90 -3.16 5.46 -4.95
CA LEU A 90 -3.16 4.04 -4.63
C LEU A 90 -4.28 3.31 -5.37
N SER A 91 -4.04 2.04 -5.68
CA SER A 91 -5.03 1.24 -6.39
C SER A 91 -4.97 -0.22 -5.92
N VAL A 92 -6.15 -0.84 -5.83
CA VAL A 92 -6.25 -2.23 -5.40
C VAL A 92 -5.77 -3.18 -6.49
N GLY A 93 -4.95 -4.16 -6.11
CA GLY A 93 -4.45 -5.12 -7.07
C GLY A 93 -4.15 -6.47 -6.44
N HIS A 94 -4.98 -7.46 -6.74
CA HIS A 94 -4.80 -8.80 -6.18
C HIS A 94 -3.87 -9.62 -7.08
N SER A 95 -2.85 -8.96 -7.63
CA SER A 95 -1.89 -9.64 -8.51
C SER A 95 -0.56 -9.81 -7.80
N GLU A 96 -0.38 -10.96 -7.14
CA GLU A 96 0.86 -11.26 -6.44
C GLU A 96 0.92 -12.72 -6.02
N VAL A 97 2.06 -13.35 -6.24
CA VAL A 97 2.25 -14.75 -5.89
C VAL A 97 0.97 -15.54 -6.11
N SER A 98 0.18 -15.13 -7.10
CA SER A 98 -1.08 -15.81 -7.40
C SER A 98 -0.87 -17.30 -7.58
N THR A 99 0.19 -17.66 -8.30
CA THR A 99 0.51 -19.06 -8.57
C THR A 99 1.66 -19.53 -7.68
N ALA A 100 1.62 -20.80 -7.29
CA ALA A 100 2.66 -21.37 -6.45
C ALA A 100 4.01 -21.32 -7.14
N ILE A 101 4.83 -20.34 -6.75
CA ILE A 101 6.16 -20.18 -7.33
C ILE A 101 7.16 -21.13 -6.68
N ALA A 102 8.07 -21.66 -7.50
CA ALA A 102 9.09 -22.57 -7.00
C ALA A 102 10.49 -22.08 -7.33
N THR A 103 11.01 -21.18 -6.49
CA THR A 103 12.33 -20.62 -6.70
C THR A 103 13.17 -20.67 -5.42
N GLU A 104 14.45 -20.36 -5.54
CA GLU A 104 15.35 -20.38 -4.38
C GLU A 104 15.78 -18.96 -4.01
N GLN A 105 15.49 -18.57 -2.78
CA GLN A 105 15.85 -17.23 -2.30
C GLN A 105 17.29 -16.90 -2.65
N GLN A 106 17.61 -15.61 -2.67
CA GLN A 106 18.96 -15.16 -2.99
C GLN A 106 19.41 -14.06 -2.03
N SER A 107 20.37 -14.41 -1.17
CA SER A 107 20.88 -13.45 -0.19
C SER A 107 22.38 -13.66 0.03
N TRP A 108 23.10 -12.56 0.18
CA TRP A 108 24.55 -12.62 0.40
C TRP A 108 24.92 -12.03 1.76
N ASN A 109 24.53 -12.72 2.82
CA ASN A 109 24.82 -12.27 4.18
C ASN A 109 24.65 -13.40 5.19
N LEU A 110 25.45 -13.38 6.24
CA LEU A 110 25.38 -14.41 7.27
C LEU A 110 25.09 -13.79 8.64
N ASN A 111 24.38 -14.55 9.48
CA ASN A 111 24.03 -14.08 10.81
C ASN A 111 23.80 -15.25 11.76
N ASN A 112 23.69 -14.95 13.04
CA ASN A 112 23.48 -15.98 14.06
C ASN A 112 22.23 -15.67 14.89
N LEU A 113 21.11 -16.29 14.53
CA LEU A 113 19.86 -16.08 15.24
C LEU A 113 19.30 -17.40 15.75
N SER A 114 18.42 -17.32 16.75
CA SER A 114 17.81 -18.52 17.33
C SER A 114 16.56 -18.16 18.12
N GLY A 115 15.48 -18.88 17.85
CA GLY A 115 14.22 -18.62 18.55
C GLY A 115 13.70 -19.84 19.27
N PRO A 116 14.36 -20.20 20.39
CA PRO A 116 13.97 -21.36 21.20
C PRO A 116 12.65 -21.14 21.92
N SER A 117 11.54 -21.39 21.23
CA SER A 117 10.22 -21.23 21.81
C SER A 117 9.56 -22.57 22.06
N SER A 118 9.40 -22.93 23.34
CA SER A 118 8.80 -24.20 23.71
C SER A 118 7.28 -24.07 23.78
N GLY A 119 6.58 -25.17 23.54
CA GLY A 119 5.13 -25.16 23.58
C GLY A 119 4.59 -25.76 24.87
N GLY A 1 10.47 21.10 0.30
CA GLY A 1 11.85 21.33 -0.05
C GLY A 1 12.00 21.99 -1.40
N SER A 2 12.96 22.91 -1.51
CA SER A 2 13.19 23.63 -2.76
C SER A 2 14.23 22.89 -3.61
N SER A 3 14.01 21.59 -3.81
CA SER A 3 14.92 20.78 -4.60
C SER A 3 14.29 20.38 -5.93
N GLY A 4 14.40 21.26 -6.91
CA GLY A 4 13.82 20.99 -8.22
C GLY A 4 14.75 20.16 -9.10
N SER A 5 14.66 18.84 -8.96
CA SER A 5 15.50 17.94 -9.75
C SER A 5 14.66 16.87 -10.43
N SER A 6 15.29 16.11 -11.31
CA SER A 6 14.60 15.05 -12.04
C SER A 6 14.38 13.82 -11.14
N GLY A 7 13.51 12.92 -11.59
CA GLY A 7 13.23 11.73 -10.81
C GLY A 7 14.21 10.59 -11.11
N LYS A 8 15.49 10.87 -10.94
CA LYS A 8 16.53 9.88 -11.19
C LYS A 8 17.39 9.67 -9.94
N ASN A 9 17.15 8.54 -9.26
CA ASN A 9 17.90 8.22 -8.06
C ASN A 9 17.92 6.72 -7.81
N VAL A 10 19.10 6.17 -7.54
CA VAL A 10 19.24 4.74 -7.28
C VAL A 10 18.10 4.22 -6.42
N ASN A 11 17.72 2.97 -6.65
CA ASN A 11 16.64 2.34 -5.90
C ASN A 11 16.74 2.70 -4.42
N ARG A 12 15.93 3.66 -3.99
CA ARG A 12 15.93 4.09 -2.59
C ARG A 12 14.51 4.29 -2.09
N VAL A 13 14.28 3.99 -0.82
CA VAL A 13 12.96 4.13 -0.21
C VAL A 13 13.00 5.13 0.95
N LEU A 14 13.36 6.37 0.64
CA LEU A 14 13.44 7.42 1.66
C LEU A 14 12.33 8.45 1.46
N SER A 15 12.11 8.84 0.22
CA SER A 15 11.09 9.83 -0.10
C SER A 15 10.06 9.25 -1.07
N ALA A 16 8.90 9.90 -1.16
CA ALA A 16 7.84 9.44 -2.05
C ALA A 16 8.27 9.54 -3.51
N GLU A 17 9.08 10.56 -3.81
CA GLU A 17 9.55 10.76 -5.18
C GLU A 17 10.39 9.58 -5.65
N ALA A 18 11.03 8.90 -4.70
CA ALA A 18 11.86 7.74 -5.02
C ALA A 18 11.01 6.51 -5.25
N LEU A 19 9.88 6.43 -4.56
CA LEU A 19 8.98 5.30 -4.70
C LEU A 19 8.47 5.17 -6.14
N LYS A 20 8.47 3.95 -6.66
CA LYS A 20 8.01 3.69 -8.02
C LYS A 20 6.59 3.14 -8.02
N PRO A 21 5.83 3.45 -9.08
CA PRO A 21 4.45 3.00 -9.22
C PRO A 21 4.36 1.50 -9.48
N GLY A 22 3.86 0.76 -8.48
CA GLY A 22 3.73 -0.68 -8.62
C GLY A 22 4.33 -1.42 -7.45
N MET A 23 4.72 -0.69 -6.41
CA MET A 23 5.31 -1.30 -5.23
C MET A 23 4.24 -1.95 -4.36
N LEU A 24 4.57 -3.11 -3.80
CA LEU A 24 3.64 -3.83 -2.95
C LEU A 24 3.73 -3.36 -1.50
N LEU A 25 2.70 -2.65 -1.05
CA LEU A 25 2.66 -2.14 0.31
C LEU A 25 1.34 -2.47 0.99
N THR A 26 1.41 -2.81 2.27
CA THR A 26 0.22 -3.16 3.03
C THR A 26 0.02 -2.22 4.22
N GLY A 27 -1.12 -1.55 4.25
CA GLY A 27 -1.40 -0.63 5.33
C GLY A 27 -2.77 -0.85 5.94
N THR A 28 -3.14 -0.01 6.91
CA THR A 28 -4.42 -0.12 7.58
C THR A 28 -5.21 1.18 7.49
N VAL A 29 -6.51 1.07 7.22
CA VAL A 29 -7.36 2.25 7.11
C VAL A 29 -7.39 3.03 8.42
N SER A 30 -7.03 4.31 8.35
CA SER A 30 -7.01 5.17 9.53
C SER A 30 -8.37 5.82 9.74
N SER A 31 -8.99 6.27 8.65
CA SER A 31 -10.29 6.92 8.71
C SER A 31 -11.02 6.80 7.37
N LEU A 32 -12.34 6.90 7.42
CA LEU A 32 -13.16 6.80 6.22
C LEU A 32 -13.58 8.19 5.73
N GLU A 33 -13.10 8.57 4.55
CA GLU A 33 -13.42 9.86 3.97
C GLU A 33 -14.56 9.74 2.97
N ASP A 34 -15.49 10.69 3.02
CA ASP A 34 -16.63 10.69 2.11
C ASP A 34 -16.17 10.71 0.66
N HIS A 35 -14.93 11.14 0.45
CA HIS A 35 -14.36 11.21 -0.90
C HIS A 35 -13.58 9.94 -1.22
N GLY A 36 -12.86 9.43 -0.22
CA GLY A 36 -12.08 8.23 -0.42
C GLY A 36 -11.72 7.55 0.89
N TYR A 37 -10.71 6.68 0.84
CA TYR A 37 -10.27 5.96 2.03
C TYR A 37 -8.83 6.32 2.38
N LEU A 38 -8.59 6.62 3.65
CA LEU A 38 -7.26 6.97 4.12
C LEU A 38 -6.50 5.74 4.62
N VAL A 39 -5.25 5.60 4.19
CA VAL A 39 -4.43 4.47 4.60
C VAL A 39 -3.27 4.93 5.48
N ASP A 40 -2.94 4.10 6.48
CA ASP A 40 -1.86 4.42 7.40
C ASP A 40 -0.54 3.87 6.89
N ILE A 41 0.45 4.76 6.72
CA ILE A 41 1.75 4.36 6.23
C ILE A 41 2.85 4.71 7.24
N GLY A 42 2.65 5.80 7.97
CA GLY A 42 3.62 6.22 8.95
C GLY A 42 4.81 6.92 8.34
N VAL A 43 4.55 7.72 7.30
CA VAL A 43 5.62 8.46 6.62
C VAL A 43 5.47 9.96 6.83
N ASP A 44 6.60 10.65 6.91
CA ASP A 44 6.59 12.10 7.11
C ASP A 44 6.74 12.83 5.77
N GLY A 45 5.62 13.28 5.22
CA GLY A 45 5.65 13.99 3.96
C GLY A 45 5.10 13.16 2.81
N THR A 46 3.97 12.51 3.04
CA THR A 46 3.33 11.68 2.03
C THR A 46 1.85 11.50 2.30
N ARG A 47 1.02 11.85 1.33
CA ARG A 47 -0.42 11.73 1.46
C ARG A 47 -0.98 10.73 0.45
N ALA A 48 -1.69 9.72 0.94
CA ALA A 48 -2.28 8.71 0.08
C ALA A 48 -3.80 8.73 0.17
N PHE A 49 -4.46 8.78 -0.99
CA PHE A 49 -5.91 8.81 -1.05
C PHE A 49 -6.44 7.76 -2.02
N LEU A 50 -7.49 7.07 -1.62
CA LEU A 50 -8.10 6.04 -2.46
C LEU A 50 -9.44 6.51 -3.02
N PRO A 51 -9.59 6.43 -4.35
CA PRO A 51 -10.82 6.84 -5.04
C PRO A 51 -11.98 5.90 -4.75
N LEU A 52 -13.13 6.47 -4.41
CA LEU A 52 -14.31 5.68 -4.10
C LEU A 52 -14.77 4.89 -5.32
N LEU A 53 -14.41 5.37 -6.50
CA LEU A 53 -14.77 4.71 -7.75
C LEU A 53 -14.09 3.34 -7.87
N LYS A 54 -12.82 3.29 -7.47
CA LYS A 54 -12.05 2.05 -7.52
C LYS A 54 -12.37 1.17 -6.32
N ALA A 55 -12.46 1.79 -5.14
CA ALA A 55 -12.76 1.06 -3.91
C ALA A 55 -14.10 0.35 -4.01
N GLN A 56 -15.04 0.96 -4.71
CA GLN A 56 -16.38 0.39 -4.89
C GLN A 56 -16.28 -0.99 -5.54
N GLU A 57 -15.32 -1.16 -6.44
CA GLU A 57 -15.13 -2.43 -7.13
C GLU A 57 -14.65 -3.51 -6.17
N TYR A 58 -13.71 -3.16 -5.31
CA TYR A 58 -13.17 -4.10 -4.34
C TYR A 58 -14.16 -4.38 -3.22
N ILE A 59 -14.89 -3.34 -2.82
CA ILE A 59 -15.89 -3.47 -1.76
C ILE A 59 -17.07 -4.32 -2.23
N ARG A 60 -17.51 -4.09 -3.46
CA ARG A 60 -18.64 -4.82 -4.02
C ARG A 60 -18.25 -6.28 -4.27
N GLN A 61 -17.01 -6.50 -4.68
CA GLN A 61 -16.52 -7.84 -4.96
C GLN A 61 -16.19 -8.58 -3.66
N LYS A 62 -15.59 -7.85 -2.71
CA LYS A 62 -15.22 -8.44 -1.43
C LYS A 62 -16.26 -8.12 -0.36
N ASN A 63 -16.27 -6.88 0.11
CA ASN A 63 -17.23 -6.45 1.12
C ASN A 63 -18.66 -6.79 0.71
N LYS A 64 -18.84 -7.07 -0.57
CA LYS A 64 -20.15 -7.41 -1.11
C LYS A 64 -21.14 -6.27 -0.88
N GLY A 65 -20.65 -5.04 -0.99
CA GLY A 65 -21.50 -3.88 -0.80
C GLY A 65 -21.60 -3.47 0.66
N ALA A 66 -20.46 -3.40 1.33
CA ALA A 66 -20.42 -3.01 2.74
C ALA A 66 -19.28 -2.03 3.01
N LYS A 67 -19.64 -0.83 3.43
CA LYS A 67 -18.65 0.19 3.73
C LYS A 67 -17.55 -0.35 4.63
N LEU A 68 -16.30 -0.03 4.30
CA LEU A 68 -15.16 -0.49 5.08
C LEU A 68 -15.20 0.06 6.50
N LYS A 69 -14.21 -0.30 7.30
CA LYS A 69 -14.14 0.15 8.68
C LYS A 69 -12.75 0.69 9.01
N VAL A 70 -12.62 1.31 10.18
CA VAL A 70 -11.34 1.86 10.61
C VAL A 70 -10.51 0.82 11.34
N GLY A 71 -9.26 0.66 10.91
CA GLY A 71 -8.38 -0.31 11.53
C GLY A 71 -8.21 -1.57 10.70
N GLN A 72 -9.17 -1.82 9.82
CA GLN A 72 -9.12 -3.00 8.97
C GLN A 72 -7.93 -2.93 8.02
N TYR A 73 -7.39 -4.09 7.68
CA TYR A 73 -6.24 -4.17 6.79
C TYR A 73 -6.67 -4.07 5.33
N LEU A 74 -6.06 -3.14 4.59
CA LEU A 74 -6.39 -2.94 3.19
C LEU A 74 -5.14 -3.02 2.32
N ASN A 75 -5.23 -3.73 1.21
CA ASN A 75 -4.11 -3.88 0.29
C ASN A 75 -4.16 -2.83 -0.80
N CYS A 76 -3.07 -2.09 -0.95
CA CYS A 76 -2.98 -1.04 -1.96
C CYS A 76 -1.60 -1.02 -2.60
N ILE A 77 -1.52 -0.46 -3.81
CA ILE A 77 -0.25 -0.37 -4.53
C ILE A 77 -0.08 1.00 -5.18
N VAL A 78 1.14 1.51 -5.14
CA VAL A 78 1.44 2.81 -5.72
C VAL A 78 1.16 2.82 -7.22
N GLU A 79 0.24 3.68 -7.65
CA GLU A 79 -0.12 3.78 -9.06
C GLU A 79 0.59 4.97 -9.71
N LYS A 80 0.54 6.12 -9.04
CA LYS A 80 1.18 7.32 -9.57
C LYS A 80 1.85 8.11 -8.44
N VAL A 81 2.89 8.86 -8.79
CA VAL A 81 3.62 9.66 -7.82
C VAL A 81 3.65 11.13 -8.21
N LYS A 82 3.23 12.00 -7.30
CA LYS A 82 3.22 13.44 -7.56
C LYS A 82 4.46 14.11 -6.99
N GLY A 83 4.68 15.36 -7.37
CA GLY A 83 5.83 16.10 -6.90
C GLY A 83 5.56 16.83 -5.60
N ASN A 84 6.61 17.38 -5.00
CA ASN A 84 6.47 18.11 -3.74
C ASN A 84 5.59 17.36 -2.76
N GLY A 85 5.76 16.04 -2.71
CA GLY A 85 4.96 15.22 -1.81
C GLY A 85 3.51 15.66 -1.76
N GLY A 86 2.91 15.86 -2.92
CA GLY A 86 1.53 16.29 -2.98
C GLY A 86 0.57 15.18 -2.60
N VAL A 87 0.01 14.52 -3.60
CA VAL A 87 -0.94 13.43 -3.36
C VAL A 87 -0.44 12.13 -3.98
N VAL A 88 -0.76 11.01 -3.34
CA VAL A 88 -0.35 9.71 -3.82
C VAL A 88 -1.55 8.87 -4.27
N SER A 89 -1.38 8.15 -5.37
CA SER A 89 -2.46 7.32 -5.91
C SER A 89 -2.27 5.87 -5.50
N LEU A 90 -3.21 5.36 -4.70
CA LEU A 90 -3.15 3.98 -4.24
C LEU A 90 -4.30 3.16 -4.83
N SER A 91 -4.04 1.87 -5.04
CA SER A 91 -5.05 0.98 -5.61
C SER A 91 -4.72 -0.48 -5.28
N VAL A 92 -5.76 -1.26 -5.00
CA VAL A 92 -5.60 -2.67 -4.66
C VAL A 92 -5.29 -3.49 -5.91
N GLY A 93 -4.42 -4.48 -5.75
CA GLY A 93 -4.04 -5.33 -6.86
C GLY A 93 -4.17 -6.80 -6.54
N HIS A 94 -3.07 -7.44 -6.17
CA HIS A 94 -3.07 -8.86 -5.84
C HIS A 94 -3.27 -9.07 -4.34
N SER A 95 -4.04 -10.09 -3.99
CA SER A 95 -4.32 -10.39 -2.59
C SER A 95 -3.85 -11.79 -2.24
N GLU A 96 -4.15 -12.22 -1.00
CA GLU A 96 -3.75 -13.54 -0.54
C GLU A 96 -4.81 -14.58 -0.89
N VAL A 97 -4.56 -15.35 -1.95
CA VAL A 97 -5.48 -16.38 -2.38
C VAL A 97 -5.34 -17.64 -1.54
N SER A 98 -4.10 -17.98 -1.19
CA SER A 98 -3.83 -19.16 -0.38
C SER A 98 -4.83 -19.28 0.77
N THR A 99 -5.12 -18.16 1.42
CA THR A 99 -6.05 -18.13 2.53
C THR A 99 -7.22 -17.21 2.25
N ALA A 100 -8.31 -17.41 2.98
CA ALA A 100 -9.51 -16.58 2.81
C ALA A 100 -10.55 -16.89 3.89
N ILE A 101 -11.16 -15.84 4.41
CA ILE A 101 -12.18 -16.00 5.45
C ILE A 101 -13.41 -16.71 4.90
N ALA A 102 -14.11 -17.43 5.78
CA ALA A 102 -15.32 -18.15 5.39
C ALA A 102 -16.46 -17.89 6.36
N THR A 103 -17.31 -16.92 6.03
CA THR A 103 -18.44 -16.57 6.87
C THR A 103 -19.63 -16.14 6.04
N GLU A 104 -20.81 -16.61 6.41
CA GLU A 104 -22.04 -16.28 5.69
C GLU A 104 -22.89 -15.29 6.50
N GLN A 105 -23.68 -14.49 5.80
CA GLN A 105 -24.53 -13.50 6.45
C GLN A 105 -25.57 -12.96 5.47
N GLN A 106 -26.55 -12.22 6.00
CA GLN A 106 -27.60 -11.65 5.18
C GLN A 106 -27.06 -11.25 3.80
N SER A 107 -27.57 -11.91 2.77
CA SER A 107 -27.13 -11.63 1.40
C SER A 107 -28.20 -10.83 0.65
N TRP A 108 -27.78 -9.71 0.08
CA TRP A 108 -28.69 -8.86 -0.68
C TRP A 108 -27.93 -7.97 -1.66
N ASN A 109 -28.28 -8.08 -2.94
CA ASN A 109 -27.62 -7.29 -3.97
C ASN A 109 -28.51 -7.16 -5.21
N LEU A 110 -28.65 -5.95 -5.71
CA LEU A 110 -29.47 -5.68 -6.88
C LEU A 110 -29.01 -4.43 -7.61
N ASN A 111 -28.61 -4.59 -8.87
CA ASN A 111 -28.14 -3.46 -9.67
C ASN A 111 -29.30 -2.58 -10.09
N ASN A 112 -29.14 -1.26 -9.95
CA ASN A 112 -30.17 -0.31 -10.30
C ASN A 112 -29.61 1.11 -10.38
N LEU A 113 -30.27 1.96 -11.15
CA LEU A 113 -29.84 3.35 -11.30
C LEU A 113 -30.92 4.18 -11.98
N SER A 114 -30.67 5.48 -12.09
CA SER A 114 -31.62 6.40 -12.72
C SER A 114 -31.01 7.79 -12.89
N GLY A 115 -31.49 8.52 -13.88
CA GLY A 115 -30.98 9.85 -14.13
C GLY A 115 -30.87 10.17 -15.60
N PRO A 116 -31.99 10.58 -16.22
CA PRO A 116 -32.04 10.93 -17.64
C PRO A 116 -31.28 12.21 -17.95
N SER A 117 -30.28 12.09 -18.82
CA SER A 117 -29.47 13.25 -19.20
C SER A 117 -28.73 13.82 -17.99
N SER A 118 -28.35 12.95 -17.07
CA SER A 118 -27.65 13.36 -15.86
C SER A 118 -26.68 14.50 -16.17
N GLY A 119 -27.02 15.70 -15.70
CA GLY A 119 -26.17 16.85 -15.93
C GLY A 119 -26.17 17.82 -14.76
N GLY A 1 22.00 2.17 -7.39
CA GLY A 1 21.60 0.86 -6.88
C GLY A 1 22.56 0.32 -5.83
N SER A 2 22.13 -0.70 -5.11
CA SER A 2 22.94 -1.30 -4.06
C SER A 2 23.04 -2.81 -4.24
N SER A 3 24.26 -3.32 -4.32
CA SER A 3 24.49 -4.75 -4.51
C SER A 3 25.21 -5.35 -3.30
N GLY A 4 24.66 -6.44 -2.78
CA GLY A 4 25.27 -7.09 -1.63
C GLY A 4 24.82 -6.47 -0.31
N SER A 5 24.88 -7.26 0.75
CA SER A 5 24.48 -6.79 2.07
C SER A 5 25.67 -6.29 2.86
N SER A 6 25.85 -4.97 2.89
CA SER A 6 26.97 -4.36 3.60
C SER A 6 26.54 -3.04 4.25
N GLY A 7 26.71 -2.95 5.56
CA GLY A 7 26.33 -1.74 6.26
C GLY A 7 24.83 -1.49 6.26
N LYS A 8 24.42 -0.36 6.80
CA LYS A 8 23.01 -0.01 6.86
C LYS A 8 22.77 1.38 6.27
N ASN A 9 21.58 1.58 5.70
CA ASN A 9 21.23 2.86 5.11
C ASN A 9 20.97 3.91 6.19
N VAL A 10 21.48 5.12 5.96
CA VAL A 10 21.31 6.21 6.91
C VAL A 10 19.85 6.32 7.36
N ASN A 11 18.97 6.68 6.43
CA ASN A 11 17.55 6.82 6.74
C ASN A 11 16.74 5.74 6.01
N ARG A 12 17.24 4.51 6.02
CA ARG A 12 16.56 3.41 5.37
C ARG A 12 15.95 3.83 4.04
N VAL A 13 16.65 4.74 3.35
CA VAL A 13 16.18 5.24 2.06
C VAL A 13 14.67 5.41 2.05
N LEU A 14 14.12 5.87 3.17
CA LEU A 14 12.69 6.08 3.29
C LEU A 14 12.31 7.52 2.95
N SER A 15 11.98 7.75 1.68
CA SER A 15 11.60 9.09 1.22
C SER A 15 10.56 9.00 0.11
N ALA A 16 9.65 9.97 0.10
CA ALA A 16 8.59 10.01 -0.91
C ALA A 16 9.19 10.00 -2.32
N GLU A 17 10.30 10.71 -2.49
CA GLU A 17 10.96 10.79 -3.79
C GLU A 17 11.63 9.46 -4.14
N ALA A 18 11.69 8.56 -3.16
CA ALA A 18 12.31 7.25 -3.37
C ALA A 18 11.28 6.22 -3.82
N LEU A 19 10.01 6.49 -3.52
CA LEU A 19 8.93 5.59 -3.89
C LEU A 19 8.76 5.56 -5.41
N LYS A 20 8.05 4.53 -5.89
CA LYS A 20 7.81 4.39 -7.32
C LYS A 20 6.53 3.60 -7.58
N PRO A 21 5.91 3.82 -8.75
CA PRO A 21 4.68 3.13 -9.14
C PRO A 21 4.90 1.66 -9.42
N GLY A 22 4.32 0.81 -8.58
CA GLY A 22 4.45 -0.62 -8.76
C GLY A 22 4.87 -1.33 -7.48
N MET A 23 4.95 -0.57 -6.39
CA MET A 23 5.33 -1.13 -5.10
C MET A 23 4.10 -1.60 -4.32
N LEU A 24 4.16 -2.82 -3.80
CA LEU A 24 3.06 -3.38 -3.04
C LEU A 24 3.23 -3.10 -1.54
N LEU A 25 2.40 -2.21 -1.02
CA LEU A 25 2.45 -1.86 0.39
C LEU A 25 1.11 -2.10 1.08
N THR A 26 1.13 -2.83 2.17
CA THR A 26 -0.08 -3.13 2.92
C THR A 26 -0.26 -2.19 4.10
N GLY A 27 -1.36 -1.43 4.09
CA GLY A 27 -1.63 -0.50 5.17
C GLY A 27 -2.95 -0.76 5.86
N THR A 28 -3.35 0.15 6.74
CA THR A 28 -4.60 0.02 7.47
C THR A 28 -5.44 1.27 7.37
N VAL A 29 -6.75 1.10 7.20
CA VAL A 29 -7.66 2.23 7.09
C VAL A 29 -7.64 3.08 8.35
N SER A 30 -7.33 4.36 8.19
CA SER A 30 -7.28 5.28 9.32
C SER A 30 -8.62 5.98 9.52
N SER A 31 -9.25 6.36 8.41
CA SER A 31 -10.54 7.04 8.46
C SER A 31 -11.30 6.87 7.15
N LEU A 32 -12.62 6.99 7.21
CA LEU A 32 -13.46 6.85 6.03
C LEU A 32 -14.05 8.19 5.61
N GLU A 33 -13.82 8.56 4.35
CA GLU A 33 -14.33 9.83 3.83
C GLU A 33 -15.36 9.60 2.73
N ASP A 34 -16.30 10.52 2.60
CA ASP A 34 -17.35 10.41 1.59
C ASP A 34 -16.76 10.60 0.18
N HIS A 35 -15.56 11.17 0.11
CA HIS A 35 -14.90 11.40 -1.16
C HIS A 35 -13.89 10.30 -1.46
N GLY A 36 -13.39 9.66 -0.42
CA GLY A 36 -12.42 8.58 -0.59
C GLY A 36 -12.11 7.86 0.70
N TYR A 37 -11.10 7.01 0.67
CA TYR A 37 -10.70 6.25 1.85
C TYR A 37 -9.24 6.54 2.22
N LEU A 38 -9.01 6.82 3.50
CA LEU A 38 -7.66 7.12 3.98
C LEU A 38 -6.93 5.84 4.35
N VAL A 39 -5.76 5.64 3.75
CA VAL A 39 -4.96 4.45 4.01
C VAL A 39 -3.67 4.81 4.76
N ASP A 40 -3.41 4.10 5.84
CA ASP A 40 -2.21 4.34 6.64
C ASP A 40 -0.99 3.68 6.00
N ILE A 41 0.12 4.41 5.98
CA ILE A 41 1.36 3.90 5.39
C ILE A 41 2.49 3.93 6.42
N GLY A 42 2.46 4.92 7.31
CA GLY A 42 3.49 5.03 8.32
C GLY A 42 4.72 5.76 7.81
N VAL A 43 4.49 6.87 7.11
CA VAL A 43 5.59 7.66 6.56
C VAL A 43 5.38 9.15 6.83
N ASP A 44 6.45 9.84 7.16
CA ASP A 44 6.39 11.28 7.43
C ASP A 44 6.72 12.09 6.18
N GLY A 45 5.72 12.77 5.64
CA GLY A 45 5.92 13.57 4.45
C GLY A 45 5.38 12.90 3.21
N THR A 46 4.24 12.24 3.33
CA THR A 46 3.62 11.55 2.21
C THR A 46 2.12 11.41 2.42
N ARG A 47 1.35 11.91 1.47
CA ARG A 47 -0.11 11.83 1.55
C ARG A 47 -0.66 10.82 0.54
N ALA A 48 -1.40 9.84 1.05
CA ALA A 48 -1.98 8.81 0.20
C ALA A 48 -3.50 8.82 0.27
N PHE A 49 -4.14 8.89 -0.88
CA PHE A 49 -5.60 8.91 -0.94
C PHE A 49 -6.13 7.89 -1.95
N LEU A 50 -7.18 7.19 -1.57
CA LEU A 50 -7.78 6.17 -2.44
C LEU A 50 -9.14 6.64 -2.96
N PRO A 51 -9.32 6.56 -4.29
CA PRO A 51 -10.57 6.96 -4.94
C PRO A 51 -11.71 6.01 -4.64
N LEU A 52 -12.92 6.56 -4.49
CA LEU A 52 -14.10 5.76 -4.20
C LEU A 52 -14.38 4.78 -5.33
N LEU A 53 -13.97 5.15 -6.54
CA LEU A 53 -14.18 4.31 -7.71
C LEU A 53 -13.43 2.99 -7.58
N LYS A 54 -12.20 3.07 -7.06
CA LYS A 54 -11.37 1.88 -6.88
C LYS A 54 -11.72 1.16 -5.59
N ALA A 55 -12.06 1.94 -4.55
CA ALA A 55 -12.42 1.37 -3.26
C ALA A 55 -13.75 0.64 -3.34
N GLN A 56 -14.75 1.28 -3.93
CA GLN A 56 -16.08 0.67 -4.06
C GLN A 56 -16.00 -0.64 -4.83
N GLU A 57 -15.10 -0.70 -5.80
CA GLU A 57 -14.92 -1.90 -6.61
C GLU A 57 -14.37 -3.05 -5.78
N TYR A 58 -13.35 -2.75 -4.99
CA TYR A 58 -12.73 -3.76 -4.13
C TYR A 58 -13.64 -4.14 -2.98
N ILE A 59 -14.36 -3.15 -2.45
CA ILE A 59 -15.29 -3.39 -1.35
C ILE A 59 -16.48 -4.22 -1.79
N ARG A 60 -16.97 -3.96 -3.00
CA ARG A 60 -18.10 -4.69 -3.54
C ARG A 60 -17.73 -6.13 -3.84
N GLN A 61 -16.54 -6.32 -4.40
CA GLN A 61 -16.06 -7.66 -4.74
C GLN A 61 -15.53 -8.38 -3.51
N LYS A 62 -15.20 -7.62 -2.48
CA LYS A 62 -14.68 -8.18 -1.23
C LYS A 62 -15.77 -8.23 -0.16
N ASN A 63 -16.15 -7.06 0.33
CA ASN A 63 -17.18 -6.96 1.36
C ASN A 63 -18.58 -6.98 0.74
N LYS A 64 -18.72 -7.71 -0.37
CA LYS A 64 -20.00 -7.81 -1.06
C LYS A 64 -20.77 -6.50 -0.97
N GLY A 65 -20.05 -5.39 -1.00
CA GLY A 65 -20.67 -4.08 -0.93
C GLY A 65 -21.09 -3.72 0.48
N ALA A 66 -20.12 -3.39 1.32
CA ALA A 66 -20.40 -3.03 2.70
C ALA A 66 -19.33 -2.07 3.24
N LYS A 67 -19.77 -0.92 3.73
CA LYS A 67 -18.86 0.08 4.27
C LYS A 67 -17.71 -0.59 5.03
N LEU A 68 -16.53 0.01 4.94
CA LEU A 68 -15.35 -0.53 5.61
C LEU A 68 -15.34 -0.12 7.08
N LYS A 69 -14.32 -0.57 7.80
CA LYS A 69 -14.18 -0.26 9.22
C LYS A 69 -12.79 0.26 9.54
N VAL A 70 -12.73 1.38 10.24
CA VAL A 70 -11.46 1.99 10.61
C VAL A 70 -10.58 1.00 11.38
N GLY A 71 -9.35 0.83 10.91
CA GLY A 71 -8.44 -0.09 11.56
C GLY A 71 -8.19 -1.34 10.74
N GLN A 72 -9.17 -1.71 9.92
CA GLN A 72 -9.06 -2.91 9.09
C GLN A 72 -7.93 -2.76 8.07
N TYR A 73 -7.29 -3.87 7.74
CA TYR A 73 -6.19 -3.87 6.78
C TYR A 73 -6.71 -3.85 5.36
N LEU A 74 -6.22 -2.89 4.57
CA LEU A 74 -6.62 -2.76 3.18
C LEU A 74 -5.43 -2.86 2.24
N ASN A 75 -5.61 -3.56 1.13
CA ASN A 75 -4.55 -3.75 0.15
C ASN A 75 -4.55 -2.61 -0.87
N CYS A 76 -3.37 -2.05 -1.12
CA CYS A 76 -3.23 -0.95 -2.08
C CYS A 76 -1.83 -0.94 -2.68
N ILE A 77 -1.72 -0.39 -3.88
CA ILE A 77 -0.44 -0.31 -4.57
C ILE A 77 -0.25 1.06 -5.23
N VAL A 78 0.98 1.55 -5.21
CA VAL A 78 1.30 2.84 -5.81
C VAL A 78 1.17 2.79 -7.33
N GLU A 79 0.30 3.65 -7.87
CA GLU A 79 0.07 3.70 -9.31
C GLU A 79 0.82 4.88 -9.93
N LYS A 80 0.77 6.02 -9.26
CA LYS A 80 1.43 7.22 -9.74
C LYS A 80 1.85 8.12 -8.58
N VAL A 81 2.85 8.96 -8.81
CA VAL A 81 3.35 9.86 -7.79
C VAL A 81 3.30 11.32 -8.26
N LYS A 82 2.52 12.13 -7.54
CA LYS A 82 2.39 13.54 -7.88
C LYS A 82 3.50 14.37 -7.25
N GLY A 83 4.08 15.26 -8.04
CA GLY A 83 5.16 16.11 -7.54
C GLY A 83 6.06 15.38 -6.56
N ASN A 84 6.62 16.12 -5.61
CA ASN A 84 7.50 15.54 -4.61
C ASN A 84 6.96 15.77 -3.20
N GLY A 85 5.90 15.05 -2.86
CA GLY A 85 5.29 15.19 -1.55
C GLY A 85 3.90 15.78 -1.60
N GLY A 86 3.24 15.63 -2.75
CA GLY A 86 1.90 16.16 -2.91
C GLY A 86 0.83 15.13 -2.63
N VAL A 87 0.46 14.36 -3.67
CA VAL A 87 -0.56 13.33 -3.52
C VAL A 87 -0.09 12.01 -4.12
N VAL A 88 -0.56 10.91 -3.55
CA VAL A 88 -0.19 9.58 -4.02
C VAL A 88 -1.41 8.80 -4.49
N SER A 89 -1.26 8.07 -5.58
CA SER A 89 -2.36 7.27 -6.13
C SER A 89 -2.22 5.81 -5.72
N LEU A 90 -3.20 5.30 -4.99
CA LEU A 90 -3.19 3.92 -4.55
C LEU A 90 -4.29 3.11 -5.22
N SER A 91 -4.05 1.82 -5.41
CA SER A 91 -5.02 0.94 -6.05
C SER A 91 -4.96 -0.45 -5.46
N VAL A 92 -6.11 -1.12 -5.41
CA VAL A 92 -6.19 -2.47 -4.87
C VAL A 92 -5.62 -3.49 -5.84
N GLY A 93 -4.82 -4.42 -5.32
CA GLY A 93 -4.22 -5.44 -6.16
C GLY A 93 -3.83 -6.68 -5.38
N HIS A 94 -4.66 -7.72 -5.47
CA HIS A 94 -4.39 -8.97 -4.76
C HIS A 94 -2.90 -9.26 -4.71
N SER A 95 -2.40 -9.61 -3.53
CA SER A 95 -0.99 -9.91 -3.34
C SER A 95 -0.75 -10.65 -2.03
N GLU A 96 0.49 -11.07 -1.81
CA GLU A 96 0.84 -11.79 -0.59
C GLU A 96 0.71 -10.89 0.63
N VAL A 97 -0.42 -11.00 1.33
CA VAL A 97 -0.67 -10.20 2.52
C VAL A 97 -0.33 -10.98 3.78
N SER A 98 -0.78 -12.22 3.85
CA SER A 98 -0.52 -13.08 5.01
C SER A 98 0.86 -12.78 5.60
N THR A 99 0.89 -12.49 6.89
CA THR A 99 2.14 -12.19 7.57
C THR A 99 2.00 -12.37 9.09
N ALA A 100 3.13 -12.65 9.75
CA ALA A 100 3.11 -12.83 11.20
C ALA A 100 3.90 -11.73 11.90
N ILE A 101 3.81 -11.69 13.22
CA ILE A 101 4.51 -10.68 14.01
C ILE A 101 5.92 -10.46 13.48
N ALA A 102 6.36 -9.20 13.48
CA ALA A 102 7.70 -8.86 13.02
C ALA A 102 8.47 -8.10 14.08
N THR A 103 7.74 -7.53 15.04
CA THR A 103 8.37 -6.77 16.11
C THR A 103 8.82 -7.69 17.24
N GLU A 104 9.73 -7.19 18.08
CA GLU A 104 10.24 -7.97 19.20
C GLU A 104 10.29 -7.12 20.47
N GLN A 105 10.75 -7.73 21.55
CA GLN A 105 10.85 -7.03 22.83
C GLN A 105 11.93 -7.65 23.71
N GLN A 106 12.86 -6.82 24.17
CA GLN A 106 13.96 -7.29 25.02
C GLN A 106 13.41 -8.00 26.26
N SER A 107 14.27 -8.77 26.91
CA SER A 107 13.88 -9.52 28.10
C SER A 107 14.17 -8.71 29.36
N TRP A 108 13.18 -7.96 29.82
CA TRP A 108 13.32 -7.14 31.02
C TRP A 108 13.38 -8.01 32.26
N ASN A 109 13.62 -7.37 33.41
CA ASN A 109 13.71 -8.09 34.68
C ASN A 109 13.08 -7.28 35.80
N LEU A 110 12.69 -7.96 36.88
CA LEU A 110 12.08 -7.31 38.03
C LEU A 110 12.09 -8.21 39.25
N ASN A 111 12.27 -7.62 40.42
CA ASN A 111 12.30 -8.39 41.67
C ASN A 111 10.91 -8.90 42.02
N ASN A 112 10.84 -10.18 42.39
CA ASN A 112 9.57 -10.80 42.76
C ASN A 112 9.39 -10.80 44.28
N LEU A 113 8.76 -9.74 44.78
CA LEU A 113 8.51 -9.61 46.22
C LEU A 113 7.10 -9.13 46.48
N SER A 114 6.63 -9.34 47.72
CA SER A 114 5.29 -8.93 48.10
C SER A 114 5.33 -7.89 49.22
N GLY A 115 4.94 -6.66 48.89
CA GLY A 115 4.94 -5.60 49.87
C GLY A 115 4.22 -4.36 49.38
N PRO A 116 3.75 -3.53 50.34
CA PRO A 116 3.02 -2.30 50.03
C PRO A 116 3.92 -1.24 49.42
N SER A 117 5.21 -1.30 49.74
CA SER A 117 6.18 -0.34 49.23
C SER A 117 6.70 -0.77 47.87
N SER A 118 6.30 -0.05 46.83
CA SER A 118 6.73 -0.36 45.47
C SER A 118 7.15 0.90 44.72
N GLY A 119 8.23 0.80 43.97
CA GLY A 119 8.73 1.94 43.22
C GLY A 119 7.65 2.59 42.38
N GLY A 1 27.60 -0.68 -15.88
CA GLY A 1 26.25 -0.48 -15.39
C GLY A 1 25.76 -1.65 -14.56
N SER A 2 26.32 -1.81 -13.37
CA SER A 2 25.94 -2.89 -12.47
C SER A 2 25.56 -2.35 -11.09
N SER A 3 24.66 -3.05 -10.42
CA SER A 3 24.21 -2.64 -9.10
C SER A 3 25.40 -2.26 -8.21
N GLY A 4 26.31 -3.21 -8.03
CA GLY A 4 27.50 -2.94 -7.22
C GLY A 4 28.02 -4.20 -6.55
N SER A 5 28.93 -4.03 -5.60
CA SER A 5 29.52 -5.16 -4.88
C SER A 5 29.47 -4.93 -3.38
N SER A 6 28.90 -3.81 -2.97
CA SER A 6 28.79 -3.47 -1.56
C SER A 6 27.33 -3.37 -1.13
N GLY A 7 26.95 -4.17 -0.14
CA GLY A 7 25.59 -4.16 0.36
C GLY A 7 25.28 -2.93 1.20
N LYS A 8 25.90 -2.85 2.38
CA LYS A 8 25.68 -1.73 3.27
C LYS A 8 25.70 -0.41 2.51
N ASN A 9 25.09 0.62 3.08
CA ASN A 9 25.05 1.93 2.46
C ASN A 9 25.31 3.04 3.48
N VAL A 10 25.71 4.20 3.01
CA VAL A 10 25.99 5.34 3.87
C VAL A 10 24.95 6.43 3.69
N ASN A 11 24.69 6.80 2.45
CA ASN A 11 23.71 7.84 2.13
C ASN A 11 22.42 7.23 1.59
N ARG A 12 21.45 7.04 2.47
CA ARG A 12 20.16 6.46 2.09
C ARG A 12 19.19 7.55 1.65
N VAL A 13 18.50 7.31 0.53
CA VAL A 13 17.55 8.27 0.01
C VAL A 13 16.12 7.72 0.09
N LEU A 14 15.84 6.97 1.15
CA LEU A 14 14.52 6.40 1.35
C LEU A 14 13.48 7.48 1.59
N SER A 15 12.98 8.06 0.51
CA SER A 15 11.98 9.12 0.60
C SER A 15 10.90 8.95 -0.48
N ALA A 16 9.76 9.59 -0.26
CA ALA A 16 8.65 9.50 -1.20
C ALA A 16 9.13 9.77 -2.63
N GLU A 17 9.78 10.90 -2.83
CA GLU A 17 10.28 11.28 -4.15
C GLU A 17 11.23 10.22 -4.68
N ALA A 18 11.72 9.36 -3.79
CA ALA A 18 12.64 8.29 -4.16
C ALA A 18 11.89 7.02 -4.52
N LEU A 19 10.66 6.91 -4.04
CA LEU A 19 9.84 5.74 -4.29
C LEU A 19 9.59 5.56 -5.79
N LYS A 20 8.83 4.53 -6.15
CA LYS A 20 8.53 4.26 -7.55
C LYS A 20 7.21 3.50 -7.67
N PRO A 21 6.49 3.75 -8.78
CA PRO A 21 5.20 3.10 -9.04
C PRO A 21 5.36 1.62 -9.37
N GLY A 22 4.67 0.78 -8.59
CA GLY A 22 4.75 -0.65 -8.81
C GLY A 22 5.14 -1.41 -7.56
N MET A 23 5.25 -0.69 -6.45
CA MET A 23 5.63 -1.30 -5.18
C MET A 23 4.41 -1.79 -4.42
N LEU A 24 4.43 -3.06 -4.01
CA LEU A 24 3.32 -3.65 -3.28
C LEU A 24 3.49 -3.45 -1.77
N LEU A 25 2.65 -2.60 -1.18
CA LEU A 25 2.71 -2.32 0.24
C LEU A 25 1.33 -2.42 0.88
N THR A 26 1.22 -3.22 1.93
CA THR A 26 -0.05 -3.40 2.63
C THR A 26 -0.27 -2.29 3.65
N GLY A 27 -1.36 -1.53 3.47
CA GLY A 27 -1.67 -0.46 4.39
C GLY A 27 -2.97 -0.69 5.13
N THR A 28 -3.17 0.06 6.21
CA THR A 28 -4.37 -0.06 7.02
C THR A 28 -5.23 1.19 6.94
N VAL A 29 -6.54 1.01 6.77
CA VAL A 29 -7.46 2.14 6.68
C VAL A 29 -7.44 2.97 7.95
N SER A 30 -7.11 4.25 7.80
CA SER A 30 -7.04 5.16 8.94
C SER A 30 -8.42 5.76 9.24
N SER A 31 -9.10 6.19 8.19
CA SER A 31 -10.43 6.79 8.33
C SER A 31 -11.21 6.69 7.03
N LEU A 32 -12.54 6.72 7.14
CA LEU A 32 -13.41 6.64 5.97
C LEU A 32 -13.93 8.01 5.58
N GLU A 33 -13.79 8.35 4.30
CA GLU A 33 -14.25 9.64 3.79
C GLU A 33 -15.36 9.45 2.76
N ASP A 34 -16.24 10.45 2.65
CA ASP A 34 -17.34 10.38 1.70
C ASP A 34 -16.83 10.53 0.27
N HIS A 35 -15.65 11.12 0.13
CA HIS A 35 -15.05 11.32 -1.19
C HIS A 35 -14.06 10.20 -1.51
N GLY A 36 -13.64 9.47 -0.49
CA GLY A 36 -12.70 8.38 -0.68
C GLY A 36 -12.35 7.68 0.61
N TYR A 37 -11.21 6.99 0.61
CA TYR A 37 -10.75 6.27 1.80
C TYR A 37 -9.29 6.59 2.10
N LEU A 38 -8.99 6.83 3.36
CA LEU A 38 -7.63 7.15 3.79
C LEU A 38 -6.85 5.87 4.09
N VAL A 39 -5.66 5.76 3.50
CA VAL A 39 -4.81 4.59 3.71
C VAL A 39 -3.56 4.96 4.50
N ASP A 40 -3.30 4.21 5.57
CA ASP A 40 -2.13 4.45 6.41
C ASP A 40 -0.87 3.86 5.79
N ILE A 41 0.19 4.65 5.75
CA ILE A 41 1.45 4.21 5.17
C ILE A 41 2.60 4.35 6.18
N GLY A 42 2.39 5.17 7.19
CA GLY A 42 3.40 5.39 8.20
C GLY A 42 4.57 6.21 7.70
N VAL A 43 4.27 7.42 7.23
CA VAL A 43 5.30 8.32 6.72
C VAL A 43 5.05 9.75 7.14
N ASP A 44 6.12 10.47 7.50
CA ASP A 44 6.01 11.84 7.93
C ASP A 44 6.23 12.80 6.75
N GLY A 45 5.13 13.22 6.13
CA GLY A 45 5.22 14.13 4.99
C GLY A 45 4.72 13.50 3.71
N THR A 46 3.64 12.74 3.81
CA THR A 46 3.05 12.08 2.65
C THR A 46 1.58 11.76 2.88
N ARG A 47 0.74 12.10 1.90
CA ARG A 47 -0.69 11.85 2.01
C ARG A 47 -1.15 10.88 0.92
N ALA A 48 -1.76 9.79 1.32
CA ALA A 48 -2.26 8.79 0.39
C ALA A 48 -3.78 8.69 0.43
N PHE A 49 -4.40 8.89 -0.73
CA PHE A 49 -5.86 8.84 -0.83
C PHE A 49 -6.29 7.83 -1.90
N LEU A 50 -7.37 7.12 -1.62
CA LEU A 50 -7.89 6.12 -2.56
C LEU A 50 -9.26 6.55 -3.10
N PRO A 51 -9.43 6.42 -4.41
CA PRO A 51 -10.68 6.78 -5.09
C PRO A 51 -11.82 5.82 -4.74
N LEU A 52 -13.03 6.36 -4.60
CA LEU A 52 -14.20 5.56 -4.27
C LEU A 52 -14.49 4.55 -5.37
N LEU A 53 -14.01 4.84 -6.58
CA LEU A 53 -14.22 3.96 -7.72
C LEU A 53 -13.46 2.65 -7.55
N LYS A 54 -12.22 2.74 -7.07
CA LYS A 54 -11.40 1.57 -6.86
C LYS A 54 -11.72 0.90 -5.52
N ALA A 55 -12.09 1.73 -4.54
CA ALA A 55 -12.43 1.22 -3.22
C ALA A 55 -13.81 0.57 -3.22
N GLN A 56 -14.81 1.30 -3.73
CA GLN A 56 -16.17 0.78 -3.78
C GLN A 56 -16.25 -0.48 -4.63
N GLU A 57 -15.45 -0.52 -5.70
CA GLU A 57 -15.44 -1.67 -6.59
C GLU A 57 -14.96 -2.93 -5.85
N TYR A 58 -13.94 -2.76 -5.02
CA TYR A 58 -13.39 -3.87 -4.25
C TYR A 58 -14.33 -4.27 -3.11
N ILE A 59 -14.90 -3.27 -2.44
CA ILE A 59 -15.82 -3.52 -1.34
C ILE A 59 -17.06 -4.26 -1.82
N ARG A 60 -17.55 -3.86 -2.99
CA ARG A 60 -18.74 -4.49 -3.57
C ARG A 60 -18.45 -5.92 -4.01
N GLN A 61 -17.24 -6.15 -4.51
CA GLN A 61 -16.84 -7.47 -4.96
C GLN A 61 -16.39 -8.34 -3.79
N LYS A 62 -15.88 -7.70 -2.74
CA LYS A 62 -15.42 -8.42 -1.55
C LYS A 62 -16.37 -8.19 -0.39
N ASN A 63 -16.47 -6.94 0.04
CA ASN A 63 -17.35 -6.59 1.16
C ASN A 63 -18.79 -6.44 0.70
N LYS A 64 -19.11 -7.06 -0.44
CA LYS A 64 -20.45 -7.02 -0.99
C LYS A 64 -21.09 -5.64 -0.75
N GLY A 65 -20.26 -4.62 -0.70
CA GLY A 65 -20.75 -3.27 -0.47
C GLY A 65 -20.94 -2.95 1.00
N ALA A 66 -20.01 -3.41 1.82
CA ALA A 66 -20.09 -3.18 3.26
C ALA A 66 -19.09 -2.10 3.69
N LYS A 67 -19.63 -0.97 4.15
CA LYS A 67 -18.79 0.14 4.59
C LYS A 67 -17.59 -0.36 5.38
N LEU A 68 -16.40 0.05 4.97
CA LEU A 68 -15.17 -0.36 5.64
C LEU A 68 -15.13 0.18 7.07
N LYS A 69 -14.01 -0.05 7.75
CA LYS A 69 -13.84 0.41 9.12
C LYS A 69 -12.45 0.98 9.33
N VAL A 70 -12.14 1.37 10.57
CA VAL A 70 -10.85 1.94 10.90
C VAL A 70 -9.91 0.88 11.47
N GLY A 71 -8.62 1.01 11.18
CA GLY A 71 -7.65 0.05 11.68
C GLY A 71 -7.70 -1.27 10.94
N GLN A 72 -8.50 -1.32 9.87
CA GLN A 72 -8.63 -2.53 9.09
C GLN A 72 -7.51 -2.65 8.07
N TYR A 73 -7.11 -3.88 7.77
CA TYR A 73 -6.03 -4.12 6.80
C TYR A 73 -6.56 -4.04 5.38
N LEU A 74 -5.87 -3.25 4.55
CA LEU A 74 -6.26 -3.08 3.16
C LEU A 74 -5.06 -3.25 2.23
N ASN A 75 -5.28 -3.86 1.08
CA ASN A 75 -4.22 -4.08 0.11
C ASN A 75 -4.26 -3.02 -1.00
N CYS A 76 -3.11 -2.43 -1.28
CA CYS A 76 -3.01 -1.41 -2.31
C CYS A 76 -1.60 -1.35 -2.90
N ILE A 77 -1.47 -0.71 -4.05
CA ILE A 77 -0.18 -0.60 -4.72
C ILE A 77 0.05 0.82 -5.22
N VAL A 78 1.32 1.23 -5.27
CA VAL A 78 1.67 2.57 -5.74
C VAL A 78 1.56 2.67 -7.25
N GLU A 79 0.73 3.59 -7.73
CA GLU A 79 0.54 3.79 -9.15
C GLU A 79 1.25 5.05 -9.62
N LYS A 80 1.19 6.10 -8.82
CA LYS A 80 1.83 7.37 -9.17
C LYS A 80 2.41 8.04 -7.92
N VAL A 81 3.49 8.77 -8.09
CA VAL A 81 4.15 9.47 -6.99
C VAL A 81 4.24 10.96 -7.26
N LYS A 82 3.74 11.76 -6.32
CA LYS A 82 3.77 13.21 -6.46
C LYS A 82 5.16 13.76 -6.13
N GLY A 83 5.57 14.81 -6.83
CA GLY A 83 6.87 15.41 -6.59
C GLY A 83 7.07 15.80 -5.14
N ASN A 84 6.29 16.76 -4.68
CA ASN A 84 6.38 17.23 -3.30
C ASN A 84 5.51 16.38 -2.38
N GLY A 85 5.47 15.08 -2.65
CA GLY A 85 4.68 14.18 -1.83
C GLY A 85 3.29 14.71 -1.57
N GLY A 86 2.71 15.37 -2.57
CA GLY A 86 1.38 15.91 -2.43
C GLY A 86 0.31 14.84 -2.30
N VAL A 87 -0.12 14.30 -3.44
CA VAL A 87 -1.13 13.25 -3.46
C VAL A 87 -0.60 11.97 -4.07
N VAL A 88 -0.86 10.84 -3.42
CA VAL A 88 -0.40 9.55 -3.89
C VAL A 88 -1.57 8.71 -4.42
N SER A 89 -1.33 8.01 -5.52
CA SER A 89 -2.36 7.18 -6.14
C SER A 89 -2.18 5.72 -5.75
N LEU A 90 -3.21 5.14 -5.12
CA LEU A 90 -3.16 3.75 -4.70
C LEU A 90 -4.23 2.93 -5.39
N SER A 91 -4.00 1.63 -5.51
CA SER A 91 -4.95 0.74 -6.16
C SER A 91 -4.79 -0.69 -5.65
N VAL A 92 -5.88 -1.46 -5.69
CA VAL A 92 -5.86 -2.84 -5.23
C VAL A 92 -5.27 -3.76 -6.29
N GLY A 93 -4.47 -4.73 -5.85
CA GLY A 93 -3.85 -5.66 -6.77
C GLY A 93 -4.21 -7.10 -6.47
N HIS A 94 -5.27 -7.59 -7.09
CA HIS A 94 -5.72 -8.96 -6.88
C HIS A 94 -4.53 -9.91 -6.76
N SER A 95 -3.53 -9.70 -7.60
CA SER A 95 -2.33 -10.54 -7.60
C SER A 95 -2.69 -11.98 -7.26
N GLU A 96 -3.79 -12.46 -7.83
CA GLU A 96 -4.24 -13.83 -7.59
C GLU A 96 -3.05 -14.78 -7.46
N VAL A 97 -2.80 -15.22 -6.23
CA VAL A 97 -1.69 -16.13 -5.97
C VAL A 97 -1.50 -17.12 -7.11
N SER A 98 -2.60 -17.72 -7.55
CA SER A 98 -2.55 -18.69 -8.64
C SER A 98 -2.16 -18.02 -9.95
N THR A 99 -0.86 -17.80 -10.12
CA THR A 99 -0.35 -17.16 -11.33
C THR A 99 0.96 -17.77 -11.77
N ALA A 100 1.07 -18.09 -13.05
CA ALA A 100 2.29 -18.69 -13.60
C ALA A 100 3.52 -17.90 -13.17
N ILE A 101 4.63 -18.62 -12.95
CA ILE A 101 5.87 -18.00 -12.53
C ILE A 101 6.57 -17.33 -13.70
N ALA A 102 7.09 -16.12 -13.48
CA ALA A 102 7.79 -15.39 -14.52
C ALA A 102 9.29 -15.40 -14.29
N THR A 103 9.69 -15.70 -13.06
CA THR A 103 11.10 -15.75 -12.71
C THR A 103 11.74 -17.07 -13.14
N GLU A 104 13.06 -17.10 -13.18
CA GLU A 104 13.79 -18.31 -13.58
C GLU A 104 14.87 -18.65 -12.56
N GLN A 105 15.38 -19.87 -12.65
CA GLN A 105 16.41 -20.34 -11.73
C GLN A 105 17.78 -20.32 -12.40
N GLN A 106 18.74 -19.67 -11.76
CA GLN A 106 20.10 -19.58 -12.30
C GLN A 106 20.77 -20.95 -12.31
N SER A 107 21.33 -21.33 -13.45
CA SER A 107 22.00 -22.61 -13.58
C SER A 107 23.46 -22.52 -13.14
N TRP A 108 23.95 -23.58 -12.51
CA TRP A 108 25.33 -23.61 -12.02
C TRP A 108 25.79 -25.05 -11.80
N ASN A 109 26.99 -25.35 -12.28
CA ASN A 109 27.55 -26.70 -12.13
C ASN A 109 29.03 -26.63 -11.75
N LEU A 110 29.42 -27.46 -10.79
CA LEU A 110 30.81 -27.50 -10.33
C LEU A 110 31.55 -28.69 -10.95
N ASN A 111 32.88 -28.65 -10.88
CA ASN A 111 33.71 -29.72 -11.43
C ASN A 111 33.88 -30.84 -10.41
N ASN A 112 34.45 -31.95 -10.85
CA ASN A 112 34.68 -33.10 -9.98
C ASN A 112 36.01 -33.77 -10.30
N LEU A 113 36.81 -34.01 -9.27
CA LEU A 113 38.11 -34.65 -9.45
C LEU A 113 38.34 -35.72 -8.39
N SER A 114 38.80 -36.89 -8.82
CA SER A 114 39.06 -37.99 -7.90
C SER A 114 40.56 -38.28 -7.80
N GLY A 115 40.92 -39.22 -6.94
CA GLY A 115 42.31 -39.58 -6.77
C GLY A 115 42.55 -40.41 -5.52
N PRO A 116 43.81 -40.43 -5.05
CA PRO A 116 44.19 -41.19 -3.86
C PRO A 116 43.61 -40.61 -2.58
N SER A 117 42.97 -41.45 -1.77
CA SER A 117 42.37 -41.00 -0.52
C SER A 117 42.60 -42.02 0.59
N SER A 118 42.51 -41.57 1.83
CA SER A 118 42.71 -42.45 2.99
C SER A 118 41.65 -42.20 4.05
N GLY A 119 41.11 -43.28 4.61
CA GLY A 119 40.09 -43.15 5.63
C GLY A 119 38.69 -43.10 5.05
N GLY A 1 22.05 -22.97 11.85
CA GLY A 1 22.02 -23.09 13.30
C GLY A 1 21.20 -21.99 13.96
N SER A 2 21.81 -20.81 14.09
CA SER A 2 21.13 -19.68 14.71
C SER A 2 20.42 -18.84 13.66
N SER A 3 19.09 -18.89 13.66
CA SER A 3 18.29 -18.14 12.71
C SER A 3 17.69 -16.90 13.36
N GLY A 4 17.28 -15.94 12.55
CA GLY A 4 16.69 -14.72 13.06
C GLY A 4 16.27 -13.77 11.96
N SER A 5 15.31 -14.20 11.14
CA SER A 5 14.82 -13.39 10.04
C SER A 5 14.03 -12.19 10.57
N SER A 6 14.29 -11.01 10.01
CA SER A 6 13.60 -9.80 10.42
C SER A 6 12.81 -9.21 9.26
N GLY A 7 12.03 -8.17 9.55
CA GLY A 7 11.23 -7.53 8.53
C GLY A 7 11.70 -6.13 8.20
N LYS A 8 10.78 -5.28 7.77
CA LYS A 8 11.12 -3.90 7.42
C LYS A 8 11.07 -3.00 8.66
N ASN A 9 12.00 -2.05 8.73
CA ASN A 9 12.07 -1.13 9.85
C ASN A 9 11.03 -0.02 9.72
N VAL A 10 10.93 0.82 10.73
CA VAL A 10 9.97 1.92 10.73
C VAL A 10 10.59 3.18 10.15
N ASN A 11 11.77 3.54 10.64
CA ASN A 11 12.47 4.73 10.15
C ASN A 11 13.55 4.36 9.15
N ARG A 12 13.20 4.39 7.87
CA ARG A 12 14.14 4.06 6.81
C ARG A 12 14.01 5.03 5.65
N VAL A 13 15.13 5.29 4.96
CA VAL A 13 15.14 6.21 3.84
C VAL A 13 14.02 5.89 2.86
N LEU A 14 13.83 4.61 2.57
CA LEU A 14 12.78 4.16 1.65
C LEU A 14 11.51 4.98 1.86
N SER A 15 11.16 5.80 0.88
CA SER A 15 9.97 6.63 0.95
C SER A 15 9.47 7.00 -0.44
N ALA A 16 8.23 7.47 -0.52
CA ALA A 16 7.64 7.86 -1.79
C ALA A 16 8.63 8.65 -2.63
N GLU A 17 9.58 9.29 -1.96
CA GLU A 17 10.59 10.09 -2.66
C GLU A 17 11.57 9.20 -3.41
N ALA A 18 11.95 8.09 -2.79
CA ALA A 18 12.89 7.15 -3.40
C ALA A 18 12.17 5.87 -3.82
N LEU A 19 10.87 5.97 -4.05
CA LEU A 19 10.08 4.81 -4.46
C LEU A 19 9.62 4.96 -5.90
N LYS A 20 9.01 3.89 -6.44
CA LYS A 20 8.53 3.89 -7.81
C LYS A 20 7.12 3.31 -7.89
N PRO A 21 6.34 3.76 -8.88
CA PRO A 21 4.97 3.29 -9.09
C PRO A 21 4.91 1.84 -9.57
N GLY A 22 4.25 0.99 -8.80
CA GLY A 22 4.13 -0.41 -9.17
C GLY A 22 4.47 -1.34 -8.03
N MET A 23 4.70 -0.76 -6.84
CA MET A 23 5.04 -1.55 -5.67
C MET A 23 3.79 -1.81 -4.81
N LEU A 24 3.62 -3.05 -4.40
CA LEU A 24 2.47 -3.44 -3.57
C LEU A 24 2.75 -3.17 -2.10
N LEU A 25 1.97 -2.27 -1.51
CA LEU A 25 2.13 -1.92 -0.10
C LEU A 25 0.85 -2.20 0.67
N THR A 26 0.97 -2.90 1.79
CA THR A 26 -0.18 -3.23 2.62
C THR A 26 -0.31 -2.25 3.79
N GLY A 27 -1.48 -1.65 3.93
CA GLY A 27 -1.70 -0.70 5.01
C GLY A 27 -3.08 -0.85 5.64
N THR A 28 -3.38 0.01 6.60
CA THR A 28 -4.67 -0.05 7.29
C THR A 28 -5.43 1.27 7.13
N VAL A 29 -6.74 1.17 6.95
CA VAL A 29 -7.58 2.36 6.81
C VAL A 29 -7.51 3.25 8.03
N SER A 30 -7.06 4.49 7.84
CA SER A 30 -6.95 5.43 8.93
C SER A 30 -8.26 6.17 9.17
N SER A 31 -8.94 6.51 8.08
CA SER A 31 -10.22 7.21 8.17
C SER A 31 -11.05 6.99 6.91
N LEU A 32 -12.36 7.14 7.04
CA LEU A 32 -13.27 6.96 5.91
C LEU A 32 -13.85 8.29 5.45
N GLU A 33 -13.63 8.61 4.18
CA GLU A 33 -14.13 9.86 3.61
C GLU A 33 -15.26 9.60 2.61
N ASP A 34 -16.09 10.60 2.39
CA ASP A 34 -17.20 10.48 1.45
C ASP A 34 -16.70 10.55 0.00
N HIS A 35 -15.54 11.16 -0.19
CA HIS A 35 -14.96 11.29 -1.52
C HIS A 35 -13.98 10.16 -1.79
N GLY A 36 -13.46 9.55 -0.73
CA GLY A 36 -12.51 8.48 -0.87
C GLY A 36 -12.21 7.78 0.44
N TYR A 37 -11.13 6.99 0.47
CA TYR A 37 -10.73 6.28 1.67
C TYR A 37 -9.28 6.55 2.01
N LEU A 38 -9.01 6.84 3.28
CA LEU A 38 -7.66 7.12 3.73
C LEU A 38 -6.93 5.83 4.09
N VAL A 39 -5.73 5.65 3.53
CA VAL A 39 -4.93 4.46 3.80
C VAL A 39 -3.68 4.81 4.59
N ASP A 40 -3.42 4.04 5.64
CA ASP A 40 -2.25 4.26 6.48
C ASP A 40 -1.00 3.68 5.84
N ILE A 41 0.09 4.44 5.89
CA ILE A 41 1.36 4.00 5.30
C ILE A 41 2.49 4.09 6.32
N GLY A 42 2.35 5.02 7.28
CA GLY A 42 3.37 5.18 8.29
C GLY A 42 4.51 6.07 7.83
N VAL A 43 4.17 7.29 7.40
CA VAL A 43 5.18 8.22 6.93
C VAL A 43 4.88 9.64 7.41
N ASP A 44 5.89 10.31 7.94
CA ASP A 44 5.73 11.68 8.42
C ASP A 44 5.96 12.69 7.30
N GLY A 45 5.35 12.44 6.15
CA GLY A 45 5.50 13.34 5.03
C GLY A 45 4.99 12.75 3.74
N THR A 46 3.84 12.09 3.80
CA THR A 46 3.24 11.46 2.63
C THR A 46 1.76 11.20 2.84
N ARG A 47 0.93 11.72 1.93
CA ARG A 47 -0.50 11.55 2.02
C ARG A 47 -1.01 10.57 0.96
N ALA A 48 -1.72 9.54 1.40
CA ALA A 48 -2.25 8.54 0.49
C ALA A 48 -3.77 8.56 0.48
N PHE A 49 -4.36 8.69 -0.70
CA PHE A 49 -5.81 8.73 -0.84
C PHE A 49 -6.27 7.74 -1.91
N LEU A 50 -7.27 6.93 -1.56
CA LEU A 50 -7.81 5.94 -2.48
C LEU A 50 -9.15 6.39 -3.06
N PRO A 51 -9.29 6.30 -4.38
CA PRO A 51 -10.53 6.69 -5.07
C PRO A 51 -11.69 5.74 -4.78
N LEU A 52 -12.90 6.29 -4.74
CA LEU A 52 -14.08 5.50 -4.46
C LEU A 52 -14.31 4.45 -5.55
N LEU A 53 -13.81 4.74 -6.75
CA LEU A 53 -13.96 3.83 -7.87
C LEU A 53 -13.33 2.47 -7.55
N LYS A 54 -12.14 2.50 -6.96
CA LYS A 54 -11.44 1.27 -6.60
C LYS A 54 -11.94 0.72 -5.27
N ALA A 55 -12.16 1.62 -4.32
CA ALA A 55 -12.64 1.23 -3.00
C ALA A 55 -13.98 0.49 -3.10
N GLN A 56 -14.89 1.04 -3.90
CA GLN A 56 -16.21 0.42 -4.08
C GLN A 56 -16.08 -0.95 -4.72
N GLU A 57 -15.16 -1.08 -5.67
CA GLU A 57 -14.94 -2.34 -6.36
C GLU A 57 -14.41 -3.41 -5.40
N TYR A 58 -13.45 -3.02 -4.58
CA TYR A 58 -12.85 -3.94 -3.60
C TYR A 58 -13.84 -4.27 -2.50
N ILE A 59 -14.62 -3.28 -2.07
CA ILE A 59 -15.60 -3.46 -1.02
C ILE A 59 -16.75 -4.34 -1.50
N ARG A 60 -17.24 -4.06 -2.71
CA ARG A 60 -18.34 -4.82 -3.28
C ARG A 60 -17.89 -6.24 -3.63
N GLN A 61 -16.66 -6.38 -4.11
CA GLN A 61 -16.12 -7.69 -4.47
C GLN A 61 -15.61 -8.43 -3.24
N LYS A 62 -15.21 -7.67 -2.23
CA LYS A 62 -14.70 -8.25 -0.99
C LYS A 62 -15.71 -8.10 0.14
N ASN A 63 -15.97 -6.85 0.53
CA ASN A 63 -16.91 -6.56 1.61
C ASN A 63 -18.34 -6.58 1.09
N LYS A 64 -18.57 -7.32 0.00
CA LYS A 64 -19.90 -7.42 -0.59
C LYS A 64 -20.67 -6.13 -0.43
N GLY A 65 -19.96 -5.00 -0.48
CA GLY A 65 -20.60 -3.71 -0.33
C GLY A 65 -20.39 -3.11 1.05
N ALA A 66 -20.57 -3.94 2.08
CA ALA A 66 -20.40 -3.48 3.45
C ALA A 66 -19.29 -2.45 3.55
N LYS A 67 -19.64 -1.26 4.03
CA LYS A 67 -18.68 -0.17 4.18
C LYS A 67 -17.47 -0.62 5.00
N LEU A 68 -16.33 0.00 4.75
CA LEU A 68 -15.10 -0.33 5.47
C LEU A 68 -15.12 0.24 6.88
N LYS A 69 -14.19 -0.21 7.72
CA LYS A 69 -14.09 0.27 9.09
C LYS A 69 -12.65 0.65 9.44
N VAL A 70 -12.48 1.84 9.99
CA VAL A 70 -11.15 2.31 10.37
C VAL A 70 -10.38 1.24 11.13
N GLY A 71 -9.14 1.02 10.73
CA GLY A 71 -8.31 0.02 11.39
C GLY A 71 -8.15 -1.24 10.55
N GLN A 72 -9.16 -1.55 9.74
CA GLN A 72 -9.11 -2.73 8.89
C GLN A 72 -7.98 -2.64 7.87
N TYR A 73 -7.42 -3.79 7.52
CA TYR A 73 -6.32 -3.82 6.57
C TYR A 73 -6.84 -3.76 5.13
N LEU A 74 -6.26 -2.86 4.35
CA LEU A 74 -6.67 -2.69 2.95
C LEU A 74 -5.48 -2.86 2.01
N ASN A 75 -5.74 -3.43 0.84
CA ASN A 75 -4.69 -3.64 -0.15
C ASN A 75 -4.63 -2.49 -1.15
N CYS A 76 -3.43 -1.94 -1.35
CA CYS A 76 -3.26 -0.84 -2.28
C CYS A 76 -1.87 -0.89 -2.91
N ILE A 77 -1.76 -0.35 -4.12
CA ILE A 77 -0.48 -0.34 -4.84
C ILE A 77 -0.17 1.05 -5.38
N VAL A 78 1.10 1.41 -5.40
CA VAL A 78 1.54 2.70 -5.91
C VAL A 78 1.36 2.80 -7.42
N GLU A 79 0.59 3.80 -7.85
CA GLU A 79 0.34 4.00 -9.27
C GLU A 79 1.13 5.20 -9.80
N LYS A 80 1.11 6.29 -9.05
CA LYS A 80 1.83 7.50 -9.44
C LYS A 80 2.51 8.13 -8.23
N VAL A 81 3.75 8.57 -8.42
CA VAL A 81 4.51 9.20 -7.35
C VAL A 81 4.98 10.60 -7.75
N LYS A 82 4.64 11.59 -6.93
CA LYS A 82 5.03 12.97 -7.20
C LYS A 82 6.38 13.29 -6.57
N GLY A 83 7.16 14.14 -7.25
CA GLY A 83 8.46 14.51 -6.74
C GLY A 83 8.48 14.66 -5.23
N ASN A 84 7.66 15.56 -4.71
CA ASN A 84 7.59 15.78 -3.27
C ASN A 84 6.49 14.95 -2.64
N GLY A 85 6.40 14.99 -1.32
CA GLY A 85 5.39 14.22 -0.61
C GLY A 85 4.04 14.92 -0.61
N GLY A 86 3.58 15.31 -1.79
CA GLY A 86 2.30 15.98 -1.90
C GLY A 86 1.14 15.03 -1.80
N VAL A 87 0.82 14.34 -2.89
CA VAL A 87 -0.29 13.40 -2.92
C VAL A 87 0.13 12.09 -3.57
N VAL A 88 -0.22 10.97 -2.94
CA VAL A 88 0.12 9.65 -3.45
C VAL A 88 -1.11 8.96 -4.03
N SER A 89 -0.93 8.28 -5.16
CA SER A 89 -2.01 7.57 -5.82
C SER A 89 -1.95 6.08 -5.51
N LEU A 90 -3.06 5.53 -5.01
CA LEU A 90 -3.13 4.12 -4.69
C LEU A 90 -4.18 3.41 -5.54
N SER A 91 -4.03 2.10 -5.68
CA SER A 91 -4.96 1.31 -6.49
C SER A 91 -5.04 -0.12 -5.97
N VAL A 92 -6.14 -0.79 -6.27
CA VAL A 92 -6.34 -2.18 -5.84
C VAL A 92 -5.56 -3.14 -6.72
N GLY A 93 -4.84 -4.06 -6.09
CA GLY A 93 -4.06 -5.04 -6.83
C GLY A 93 -4.85 -6.28 -7.17
N HIS A 94 -4.50 -7.39 -6.54
CA HIS A 94 -5.18 -8.66 -6.77
C HIS A 94 -5.46 -9.38 -5.45
N SER A 95 -6.02 -10.58 -5.55
CA SER A 95 -6.34 -11.36 -4.36
C SER A 95 -5.13 -12.14 -3.88
N GLU A 96 -5.19 -12.63 -2.64
CA GLU A 96 -4.09 -13.39 -2.06
C GLU A 96 -4.62 -14.45 -1.10
N VAL A 97 -3.93 -15.58 -1.03
CA VAL A 97 -4.32 -16.67 -0.16
C VAL A 97 -3.76 -16.48 1.25
N SER A 98 -3.63 -15.22 1.66
CA SER A 98 -3.10 -14.89 2.98
C SER A 98 -4.20 -14.99 4.03
N THR A 99 -5.05 -16.01 3.92
CA THR A 99 -6.13 -16.22 4.85
C THR A 99 -5.83 -17.37 5.80
N ALA A 100 -6.26 -17.23 7.06
CA ALA A 100 -6.04 -18.27 8.05
C ALA A 100 -6.52 -19.62 7.56
N ILE A 101 -5.84 -20.68 7.98
CA ILE A 101 -6.20 -22.04 7.58
C ILE A 101 -7.68 -22.32 7.86
N ALA A 102 -8.26 -23.19 7.05
CA ALA A 102 -9.67 -23.54 7.21
C ALA A 102 -9.84 -25.04 7.42
N THR A 103 -10.28 -25.41 8.62
CA THR A 103 -10.48 -26.82 8.95
C THR A 103 -11.69 -27.39 8.24
N GLU A 104 -11.56 -28.60 7.72
CA GLU A 104 -12.65 -29.26 7.01
C GLU A 104 -12.61 -30.76 7.24
N GLN A 105 -13.61 -31.46 6.70
CA GLN A 105 -13.69 -32.92 6.84
C GLN A 105 -12.36 -33.58 6.49
N GLN A 106 -11.81 -33.21 5.33
CA GLN A 106 -10.55 -33.76 4.88
C GLN A 106 -9.43 -32.73 4.98
N SER A 107 -8.60 -32.88 6.01
CA SER A 107 -7.49 -31.96 6.22
C SER A 107 -6.19 -32.71 6.47
N TRP A 108 -5.08 -31.98 6.56
CA TRP A 108 -3.78 -32.58 6.80
C TRP A 108 -3.49 -32.68 8.29
N ASN A 109 -2.38 -33.31 8.64
CA ASN A 109 -1.98 -33.48 10.04
C ASN A 109 -0.50 -33.20 10.22
N LEU A 110 -0.05 -33.17 11.47
CA LEU A 110 1.35 -32.92 11.79
C LEU A 110 1.75 -31.51 11.36
N ASN A 111 0.88 -30.55 11.62
CA ASN A 111 1.15 -29.15 11.26
C ASN A 111 2.22 -28.56 12.16
N ASN A 112 2.74 -27.41 11.77
CA ASN A 112 3.77 -26.72 12.55
C ASN A 112 3.18 -26.09 13.81
N LEU A 113 3.89 -26.24 14.92
CA LEU A 113 3.44 -25.68 16.20
C LEU A 113 4.57 -25.71 17.23
N SER A 114 4.39 -24.95 18.31
CA SER A 114 5.38 -24.89 19.37
C SER A 114 4.81 -24.17 20.60
N GLY A 115 5.52 -24.31 21.72
CA GLY A 115 5.07 -23.67 22.95
C GLY A 115 5.92 -24.05 24.14
N PRO A 116 5.91 -23.21 25.18
CA PRO A 116 6.68 -23.44 26.41
C PRO A 116 6.15 -24.61 27.22
N SER A 117 6.72 -24.82 28.41
CA SER A 117 6.29 -25.90 29.29
C SER A 117 6.11 -25.40 30.71
N SER A 118 7.18 -24.84 31.27
CA SER A 118 7.14 -24.33 32.64
C SER A 118 6.90 -22.82 32.65
N GLY A 119 6.04 -22.38 33.56
CA GLY A 119 5.73 -20.96 33.66
C GLY A 119 6.41 -20.30 34.85
N GLY A 1 20.00 -13.29 -11.55
CA GLY A 1 19.19 -13.42 -12.74
C GLY A 1 18.62 -14.81 -12.92
N SER A 2 17.60 -14.93 -13.75
CA SER A 2 16.96 -16.22 -14.00
C SER A 2 16.01 -16.13 -15.19
N SER A 3 15.81 -17.26 -15.86
CA SER A 3 14.92 -17.31 -17.02
C SER A 3 13.60 -16.60 -16.72
N GLY A 4 12.94 -17.03 -15.66
CA GLY A 4 11.67 -16.43 -15.28
C GLY A 4 11.85 -15.19 -14.42
N SER A 5 10.74 -14.53 -14.12
CA SER A 5 10.77 -13.32 -13.31
C SER A 5 10.23 -13.58 -11.90
N SER A 6 11.08 -13.34 -10.90
CA SER A 6 10.68 -13.56 -9.51
C SER A 6 11.35 -12.55 -8.59
N GLY A 7 10.54 -11.70 -7.97
CA GLY A 7 11.06 -10.69 -7.08
C GLY A 7 10.24 -9.42 -7.09
N LYS A 8 10.83 -8.33 -6.61
CA LYS A 8 10.14 -7.04 -6.57
C LYS A 8 11.13 -5.89 -6.77
N ASN A 9 10.60 -4.67 -6.85
CA ASN A 9 11.43 -3.49 -7.03
C ASN A 9 12.43 -3.34 -5.88
N VAL A 10 13.46 -2.54 -6.11
CA VAL A 10 14.48 -2.31 -5.09
C VAL A 10 13.86 -1.86 -3.78
N ASN A 11 12.61 -1.40 -3.86
CA ASN A 11 11.90 -0.93 -2.67
C ASN A 11 12.84 -0.19 -1.72
N ARG A 12 13.56 0.79 -2.27
CA ARG A 12 14.50 1.58 -1.48
C ARG A 12 13.75 2.49 -0.50
N VAL A 13 14.19 2.49 0.75
CA VAL A 13 13.57 3.30 1.79
C VAL A 13 14.41 4.53 2.10
N LEU A 14 14.55 5.41 1.10
CA LEU A 14 15.34 6.63 1.28
C LEU A 14 14.43 7.85 1.41
N SER A 15 13.46 7.95 0.51
CA SER A 15 12.52 9.07 0.53
C SER A 15 11.41 8.86 -0.50
N ALA A 16 10.28 9.54 -0.27
CA ALA A 16 9.14 9.42 -1.18
C ALA A 16 9.55 9.70 -2.62
N GLU A 17 10.49 10.63 -2.80
CA GLU A 17 10.97 10.98 -4.14
C GLU A 17 11.74 9.82 -4.76
N ALA A 18 12.51 9.11 -3.94
CA ALA A 18 13.29 7.98 -4.42
C ALA A 18 12.39 6.80 -4.78
N LEU A 19 11.22 6.76 -4.17
CA LEU A 19 10.26 5.68 -4.42
C LEU A 19 9.84 5.66 -5.89
N LYS A 20 8.95 4.73 -6.23
CA LYS A 20 8.46 4.62 -7.59
C LYS A 20 7.16 3.84 -7.63
N PRO A 21 6.34 4.10 -8.67
CA PRO A 21 5.05 3.43 -8.85
C PRO A 21 5.21 1.96 -9.21
N GLY A 22 4.55 1.09 -8.45
CA GLY A 22 4.63 -0.33 -8.71
C GLY A 22 5.02 -1.13 -7.47
N MET A 23 5.21 -0.42 -6.36
CA MET A 23 5.59 -1.07 -5.11
C MET A 23 4.35 -1.46 -4.30
N LEU A 24 4.30 -2.72 -3.88
CA LEU A 24 3.18 -3.22 -3.10
C LEU A 24 3.41 -3.02 -1.61
N LEU A 25 2.56 -2.22 -0.98
CA LEU A 25 2.67 -1.94 0.45
C LEU A 25 1.33 -2.14 1.15
N THR A 26 1.33 -2.91 2.22
CA THR A 26 0.12 -3.18 2.98
C THR A 26 -0.14 -2.07 4.00
N GLY A 27 -1.33 -1.48 3.93
CA GLY A 27 -1.68 -0.41 4.85
C GLY A 27 -3.03 -0.63 5.50
N THR A 28 -3.34 0.17 6.52
CA THR A 28 -4.60 0.05 7.23
C THR A 28 -5.41 1.34 7.12
N VAL A 29 -6.72 1.20 6.90
CA VAL A 29 -7.60 2.36 6.79
C VAL A 29 -7.59 3.18 8.06
N SER A 30 -7.24 4.46 7.93
CA SER A 30 -7.18 5.36 9.07
C SER A 30 -8.55 5.99 9.33
N SER A 31 -9.22 6.40 8.26
CA SER A 31 -10.54 7.02 8.36
C SER A 31 -11.31 6.87 7.06
N LEU A 32 -12.63 6.94 7.15
CA LEU A 32 -13.49 6.81 5.98
C LEU A 32 -14.09 8.16 5.59
N GLU A 33 -13.89 8.55 4.34
CA GLU A 33 -14.40 9.83 3.85
C GLU A 33 -15.48 9.60 2.80
N ASP A 34 -16.37 10.58 2.65
CA ASP A 34 -17.45 10.49 1.67
C ASP A 34 -16.92 10.65 0.25
N HIS A 35 -15.73 11.22 0.13
CA HIS A 35 -15.11 11.44 -1.17
C HIS A 35 -14.12 10.32 -1.49
N GLY A 36 -13.51 9.76 -0.45
CA GLY A 36 -12.54 8.70 -0.64
C GLY A 36 -12.24 7.95 0.65
N TYR A 37 -11.16 7.17 0.63
CA TYR A 37 -10.76 6.40 1.81
C TYR A 37 -9.30 6.65 2.14
N LEU A 38 -9.03 6.93 3.42
CA LEU A 38 -7.67 7.18 3.88
C LEU A 38 -6.95 5.88 4.21
N VAL A 39 -5.79 5.68 3.61
CA VAL A 39 -4.99 4.48 3.84
C VAL A 39 -3.71 4.80 4.59
N ASP A 40 -3.42 4.03 5.62
CA ASP A 40 -2.21 4.23 6.42
C ASP A 40 -0.99 3.64 5.72
N ILE A 41 0.08 4.42 5.65
CA ILE A 41 1.31 3.96 5.00
C ILE A 41 2.50 4.07 5.96
N GLY A 42 2.34 4.89 7.00
CA GLY A 42 3.41 5.06 7.96
C GLY A 42 4.61 5.79 7.37
N VAL A 43 4.34 6.80 6.56
CA VAL A 43 5.40 7.58 5.93
C VAL A 43 5.32 9.04 6.32
N ASP A 44 6.48 9.64 6.60
CA ASP A 44 6.54 11.05 6.99
C ASP A 44 6.57 11.95 5.76
N GLY A 45 5.68 12.92 5.72
CA GLY A 45 5.63 13.84 4.60
C GLY A 45 5.06 13.20 3.34
N THR A 46 4.07 12.33 3.52
CA THR A 46 3.45 11.64 2.40
C THR A 46 1.99 11.32 2.70
N ARG A 47 1.09 11.78 1.84
CA ARG A 47 -0.34 11.55 2.00
C ARG A 47 -0.85 10.56 0.96
N ALA A 48 -1.59 9.56 1.41
CA ALA A 48 -2.14 8.54 0.51
C ALA A 48 -3.66 8.56 0.55
N PHE A 49 -4.28 8.69 -0.62
CA PHE A 49 -5.74 8.72 -0.72
C PHE A 49 -6.22 7.77 -1.82
N LEU A 50 -7.32 7.07 -1.54
CA LEU A 50 -7.89 6.13 -2.49
C LEU A 50 -9.27 6.60 -2.96
N PRO A 51 -9.48 6.56 -4.29
CA PRO A 51 -10.75 6.97 -4.89
C PRO A 51 -11.89 5.99 -4.58
N LEU A 52 -13.09 6.54 -4.42
CA LEU A 52 -14.27 5.72 -4.11
C LEU A 52 -14.56 4.76 -5.25
N LEU A 53 -14.07 5.07 -6.45
CA LEU A 53 -14.28 4.23 -7.62
C LEU A 53 -13.49 2.93 -7.49
N LYS A 54 -12.23 3.04 -7.08
CA LYS A 54 -11.37 1.88 -6.92
C LYS A 54 -11.70 1.13 -5.63
N ALA A 55 -12.14 1.88 -4.61
CA ALA A 55 -12.49 1.29 -3.33
C ALA A 55 -13.85 0.58 -3.40
N GLN A 56 -14.82 1.24 -4.02
CA GLN A 56 -16.16 0.69 -4.15
C GLN A 56 -16.11 -0.66 -4.88
N GLU A 57 -15.19 -0.79 -5.82
CA GLU A 57 -15.05 -2.03 -6.58
C GLU A 57 -14.52 -3.16 -5.70
N TYR A 58 -13.51 -2.84 -4.88
CA TYR A 58 -12.92 -3.83 -3.99
C TYR A 58 -13.86 -4.16 -2.83
N ILE A 59 -14.58 -3.15 -2.37
CA ILE A 59 -15.51 -3.32 -1.26
C ILE A 59 -16.73 -4.15 -1.70
N ARG A 60 -17.21 -3.88 -2.90
CA ARG A 60 -18.37 -4.59 -3.42
C ARG A 60 -18.02 -6.04 -3.74
N GLN A 61 -16.81 -6.26 -4.24
CA GLN A 61 -16.34 -7.60 -4.59
C GLN A 61 -15.86 -8.34 -3.35
N LYS A 62 -15.19 -7.62 -2.46
CA LYS A 62 -14.67 -8.22 -1.23
C LYS A 62 -15.65 -8.02 -0.07
N ASN A 63 -15.99 -6.76 0.20
CA ASN A 63 -16.93 -6.45 1.28
C ASN A 63 -18.36 -6.61 0.82
N LYS A 64 -18.56 -7.42 -0.22
CA LYS A 64 -19.89 -7.65 -0.77
C LYS A 64 -20.76 -6.40 -0.66
N GLY A 65 -20.12 -5.24 -0.77
CA GLY A 65 -20.84 -3.98 -0.67
C GLY A 65 -21.14 -3.58 0.75
N ALA A 66 -20.12 -3.69 1.62
CA ALA A 66 -20.27 -3.33 3.02
C ALA A 66 -19.26 -2.27 3.43
N LYS A 67 -19.76 -1.07 3.72
CA LYS A 67 -18.89 0.03 4.13
C LYS A 67 -17.70 -0.48 4.94
N LEU A 68 -16.51 -0.01 4.59
CA LEU A 68 -15.29 -0.40 5.29
C LEU A 68 -15.31 0.07 6.74
N LYS A 69 -14.22 -0.18 7.44
CA LYS A 69 -14.10 0.23 8.83
C LYS A 69 -12.65 0.59 9.18
N VAL A 70 -12.49 1.63 9.99
CA VAL A 70 -11.15 2.07 10.40
C VAL A 70 -10.38 0.95 11.08
N GLY A 71 -9.06 1.00 10.97
CA GLY A 71 -8.23 -0.02 11.58
C GLY A 71 -8.13 -1.28 10.74
N GLN A 72 -9.10 -1.46 9.85
CA GLN A 72 -9.12 -2.63 8.98
C GLN A 72 -7.94 -2.61 8.02
N TYR A 73 -7.46 -3.79 7.65
CA TYR A 73 -6.33 -3.91 6.74
C TYR A 73 -6.80 -3.86 5.28
N LEU A 74 -6.18 -2.99 4.50
CA LEU A 74 -6.53 -2.83 3.09
C LEU A 74 -5.31 -2.98 2.21
N ASN A 75 -5.45 -3.73 1.12
CA ASN A 75 -4.35 -3.95 0.19
C ASN A 75 -4.37 -2.92 -0.94
N CYS A 76 -3.22 -2.31 -1.20
CA CYS A 76 -3.11 -1.31 -2.26
C CYS A 76 -1.70 -1.25 -2.81
N ILE A 77 -1.55 -0.65 -3.98
CA ILE A 77 -0.25 -0.53 -4.62
C ILE A 77 -0.04 0.87 -5.21
N VAL A 78 1.19 1.35 -5.15
CA VAL A 78 1.52 2.67 -5.68
C VAL A 78 1.37 2.70 -7.20
N GLU A 79 0.48 3.57 -7.68
CA GLU A 79 0.24 3.70 -9.11
C GLU A 79 0.84 4.99 -9.65
N LYS A 80 0.58 6.09 -8.94
CA LYS A 80 1.10 7.40 -9.34
C LYS A 80 1.74 8.11 -8.17
N VAL A 81 2.90 8.71 -8.40
CA VAL A 81 3.61 9.44 -7.36
C VAL A 81 3.79 10.91 -7.72
N LYS A 82 3.48 11.79 -6.78
CA LYS A 82 3.60 13.23 -7.00
C LYS A 82 5.03 13.70 -6.75
N GLY A 83 5.38 14.84 -7.32
CA GLY A 83 6.72 15.38 -7.15
C GLY A 83 7.12 15.47 -5.69
N ASN A 84 6.91 16.65 -5.10
CA ASN A 84 7.25 16.87 -3.70
C ASN A 84 6.26 16.16 -2.78
N GLY A 85 6.23 14.83 -2.86
CA GLY A 85 5.33 14.06 -2.02
C GLY A 85 3.99 14.74 -1.83
N GLY A 86 3.46 15.30 -2.91
CA GLY A 86 2.17 15.98 -2.83
C GLY A 86 1.03 15.03 -2.52
N VAL A 87 0.64 14.24 -3.51
CA VAL A 87 -0.44 13.28 -3.34
C VAL A 87 -0.07 11.91 -3.90
N VAL A 88 -0.34 10.87 -3.12
CA VAL A 88 -0.03 9.51 -3.54
C VAL A 88 -1.29 8.76 -3.95
N SER A 89 -1.19 8.00 -5.04
CA SER A 89 -2.33 7.25 -5.55
C SER A 89 -2.23 5.77 -5.13
N LEU A 90 -3.36 5.21 -4.73
CA LEU A 90 -3.41 3.81 -4.31
C LEU A 90 -4.37 3.01 -5.17
N SER A 91 -4.06 1.72 -5.35
CA SER A 91 -4.90 0.84 -6.16
C SER A 91 -4.77 -0.60 -5.69
N VAL A 92 -5.89 -1.32 -5.71
CA VAL A 92 -5.91 -2.71 -5.29
C VAL A 92 -5.39 -3.63 -6.38
N GLY A 93 -4.64 -4.65 -5.98
CA GLY A 93 -4.09 -5.59 -6.94
C GLY A 93 -3.74 -6.93 -6.32
N HIS A 94 -3.09 -6.89 -5.16
CA HIS A 94 -2.70 -8.12 -4.46
C HIS A 94 -3.87 -8.66 -3.64
N SER A 95 -4.18 -9.94 -3.86
CA SER A 95 -5.27 -10.58 -3.14
C SER A 95 -4.76 -11.41 -1.98
N GLU A 96 -4.67 -10.80 -0.80
CA GLU A 96 -4.19 -11.48 0.39
C GLU A 96 -4.90 -12.81 0.58
N VAL A 97 -4.27 -13.89 0.17
CA VAL A 97 -4.85 -15.23 0.30
C VAL A 97 -5.59 -15.38 1.62
N SER A 98 -4.98 -14.87 2.70
CA SER A 98 -5.57 -14.94 4.03
C SER A 98 -7.08 -14.68 3.96
N THR A 99 -7.46 -13.65 3.22
CA THR A 99 -8.87 -13.30 3.07
C THR A 99 -9.62 -13.48 4.39
N ALA A 100 -8.98 -13.11 5.49
CA ALA A 100 -9.58 -13.22 6.81
C ALA A 100 -10.15 -11.89 7.28
N ILE A 101 -11.44 -11.68 7.06
CA ILE A 101 -12.10 -10.45 7.45
C ILE A 101 -12.93 -10.65 8.72
N ALA A 102 -13.10 -9.58 9.48
CA ALA A 102 -13.87 -9.64 10.72
C ALA A 102 -15.37 -9.54 10.43
N THR A 103 -15.74 -9.72 9.17
CA THR A 103 -17.13 -9.65 8.76
C THR A 103 -17.56 -10.91 8.02
N GLU A 104 -18.74 -11.43 8.36
CA GLU A 104 -19.25 -12.63 7.73
C GLU A 104 -20.78 -12.61 7.69
N GLN A 105 -21.36 -13.45 6.83
CA GLN A 105 -22.80 -13.52 6.69
C GLN A 105 -23.22 -14.80 5.96
N GLN A 106 -23.97 -15.66 6.64
CA GLN A 106 -24.43 -16.90 6.05
C GLN A 106 -25.31 -16.64 4.83
N SER A 107 -25.41 -17.63 3.95
CA SER A 107 -26.22 -17.50 2.75
C SER A 107 -27.71 -17.46 3.08
N TRP A 108 -28.31 -16.30 2.91
CA TRP A 108 -29.73 -16.12 3.19
C TRP A 108 -30.34 -15.05 2.30
N ASN A 109 -31.58 -15.25 1.89
CA ASN A 109 -32.28 -14.30 1.03
C ASN A 109 -31.36 -13.80 -0.07
N LEU A 110 -30.64 -14.73 -0.70
CA LEU A 110 -29.73 -14.38 -1.79
C LEU A 110 -30.24 -14.90 -3.12
N ASN A 111 -30.96 -14.04 -3.84
CA ASN A 111 -31.51 -14.40 -5.14
C ASN A 111 -31.51 -13.21 -6.10
N ASN A 112 -31.82 -13.48 -7.36
CA ASN A 112 -31.84 -12.43 -8.37
C ASN A 112 -33.13 -11.61 -8.28
N LEU A 113 -33.02 -10.30 -8.51
CA LEU A 113 -34.18 -9.42 -8.44
C LEU A 113 -35.40 -10.07 -9.09
N SER A 114 -36.54 -9.98 -8.40
CA SER A 114 -37.77 -10.57 -8.91
C SER A 114 -38.99 -9.91 -8.27
N GLY A 115 -39.77 -9.21 -9.09
CA GLY A 115 -40.95 -8.53 -8.58
C GLY A 115 -41.89 -8.11 -9.69
N PRO A 116 -43.20 -8.23 -9.44
CA PRO A 116 -44.23 -7.86 -10.42
C PRO A 116 -44.32 -6.35 -10.62
N SER A 117 -45.15 -5.93 -11.57
CA SER A 117 -45.31 -4.51 -11.86
C SER A 117 -46.64 -4.00 -11.32
N SER A 118 -46.56 -3.18 -10.28
CA SER A 118 -47.76 -2.61 -9.66
C SER A 118 -48.17 -1.32 -10.34
N GLY A 119 -49.13 -1.41 -11.26
CA GLY A 119 -49.60 -0.24 -11.98
C GLY A 119 -50.82 -0.53 -12.82
N GLY A 1 31.14 -2.36 25.28
CA GLY A 1 30.26 -1.27 24.92
C GLY A 1 30.43 -0.83 23.49
N SER A 2 29.40 -0.20 22.93
CA SER A 2 29.44 0.27 21.55
C SER A 2 30.57 1.29 21.35
N SER A 3 31.69 0.82 20.83
CA SER A 3 32.84 1.68 20.59
C SER A 3 33.14 1.80 19.10
N GLY A 4 32.08 1.93 18.31
CA GLY A 4 32.25 2.05 16.87
C GLY A 4 31.70 3.35 16.32
N SER A 5 30.89 3.26 15.27
CA SER A 5 30.29 4.44 14.66
C SER A 5 28.79 4.27 14.49
N SER A 6 28.07 5.38 14.45
CA SER A 6 26.62 5.35 14.29
C SER A 6 26.23 5.71 12.86
N GLY A 7 25.17 5.06 12.36
CA GLY A 7 24.71 5.32 11.01
C GLY A 7 23.26 4.94 10.81
N LYS A 8 22.61 5.56 9.83
CA LYS A 8 21.21 5.27 9.54
C LYS A 8 21.04 4.76 8.10
N ASN A 9 19.88 4.21 7.81
CA ASN A 9 19.59 3.69 6.48
C ASN A 9 19.48 4.82 5.46
N VAL A 10 20.39 4.84 4.50
CA VAL A 10 20.40 5.86 3.47
C VAL A 10 19.44 5.51 2.34
N ASN A 11 19.09 4.24 2.24
CA ASN A 11 18.18 3.76 1.20
C ASN A 11 16.99 3.03 1.81
N ARG A 12 15.88 3.73 1.97
CA ARG A 12 14.68 3.14 2.55
C ARG A 12 13.49 3.27 1.59
N VAL A 13 12.71 2.20 1.48
CA VAL A 13 11.56 2.18 0.59
C VAL A 13 10.28 2.55 1.35
N LEU A 14 10.37 3.57 2.19
CA LEU A 14 9.23 4.03 2.96
C LEU A 14 8.86 5.47 2.61
N SER A 15 9.86 6.32 2.51
CA SER A 15 9.64 7.73 2.18
C SER A 15 9.33 7.88 0.69
N ALA A 16 8.49 8.86 0.37
CA ALA A 16 8.11 9.12 -1.02
C ALA A 16 9.34 9.49 -1.86
N GLU A 17 10.47 9.70 -1.19
CA GLU A 17 11.70 10.06 -1.88
C GLU A 17 12.33 8.83 -2.55
N ALA A 18 11.84 7.65 -2.18
CA ALA A 18 12.34 6.40 -2.73
C ALA A 18 11.21 5.55 -3.29
N LEU A 19 9.98 5.97 -3.01
CA LEU A 19 8.80 5.25 -3.48
C LEU A 19 8.72 5.26 -5.00
N LYS A 20 7.94 4.33 -5.56
CA LYS A 20 7.79 4.23 -7.00
C LYS A 20 6.50 3.50 -7.35
N PRO A 21 5.96 3.80 -8.55
CA PRO A 21 4.72 3.16 -9.04
C PRO A 21 4.92 1.69 -9.37
N GLY A 22 4.37 0.82 -8.53
CA GLY A 22 4.49 -0.60 -8.77
C GLY A 22 4.93 -1.36 -7.52
N MET A 23 5.01 -0.65 -6.40
CA MET A 23 5.42 -1.27 -5.14
C MET A 23 4.21 -1.75 -4.35
N LEU A 24 4.29 -2.99 -3.86
CA LEU A 24 3.21 -3.57 -3.09
C LEU A 24 3.45 -3.41 -1.59
N LEU A 25 2.63 -2.60 -0.94
CA LEU A 25 2.75 -2.36 0.49
C LEU A 25 1.41 -2.51 1.19
N THR A 26 1.38 -3.30 2.26
CA THR A 26 0.16 -3.53 3.01
C THR A 26 -0.17 -2.33 3.91
N GLY A 27 -1.31 -1.71 3.66
CA GLY A 27 -1.72 -0.56 4.45
C GLY A 27 -3.05 -0.79 5.13
N THR A 28 -3.24 -0.12 6.27
CA THR A 28 -4.48 -0.24 7.04
C THR A 28 -5.33 1.02 6.92
N VAL A 29 -6.64 0.85 6.82
CA VAL A 29 -7.56 1.97 6.71
C VAL A 29 -7.56 2.81 7.98
N SER A 30 -7.22 4.09 7.85
CA SER A 30 -7.18 5.00 8.98
C SER A 30 -8.55 5.61 9.24
N SER A 31 -9.20 6.07 8.17
CA SER A 31 -10.51 6.68 8.28
C SER A 31 -11.26 6.61 6.95
N LEU A 32 -12.59 6.67 7.02
CA LEU A 32 -13.42 6.62 5.82
C LEU A 32 -13.94 8.00 5.45
N GLU A 33 -13.71 8.39 4.20
CA GLU A 33 -14.16 9.69 3.73
C GLU A 33 -15.21 9.54 2.63
N ASP A 34 -16.03 10.57 2.46
CA ASP A 34 -17.07 10.55 1.44
C ASP A 34 -16.48 10.69 0.05
N HIS A 35 -15.29 11.28 -0.03
CA HIS A 35 -14.62 11.48 -1.31
C HIS A 35 -13.76 10.26 -1.66
N GLY A 36 -13.23 9.60 -0.65
CA GLY A 36 -12.40 8.43 -0.87
C GLY A 36 -12.04 7.71 0.42
N TYR A 37 -10.99 6.91 0.38
CA TYR A 37 -10.55 6.17 1.55
C TYR A 37 -9.08 6.46 1.87
N LEU A 38 -8.77 6.58 3.15
CA LEU A 38 -7.41 6.86 3.59
C LEU A 38 -6.71 5.58 4.02
N VAL A 39 -5.50 5.37 3.52
CA VAL A 39 -4.72 4.18 3.85
C VAL A 39 -3.49 4.54 4.68
N ASP A 40 -3.12 3.66 5.59
CA ASP A 40 -1.96 3.89 6.44
C ASP A 40 -0.70 3.33 5.81
N ILE A 41 0.35 4.15 5.75
CA ILE A 41 1.62 3.73 5.16
C ILE A 41 2.76 3.86 6.17
N GLY A 42 2.60 4.78 7.11
CA GLY A 42 3.63 4.99 8.12
C GLY A 42 4.59 6.10 7.75
N VAL A 43 4.08 7.13 7.08
CA VAL A 43 4.91 8.26 6.67
C VAL A 43 4.28 9.58 7.07
N ASP A 44 5.05 10.41 7.76
CA ASP A 44 4.56 11.71 8.21
C ASP A 44 5.03 12.82 7.27
N GLY A 45 4.18 13.17 6.31
CA GLY A 45 4.52 14.22 5.36
C GLY A 45 3.84 14.02 4.02
N THR A 46 3.66 12.77 3.63
CA THR A 46 3.01 12.45 2.35
C THR A 46 1.52 12.25 2.52
N ARG A 47 0.76 12.55 1.47
CA ARG A 47 -0.69 12.41 1.50
C ARG A 47 -1.15 11.33 0.53
N ALA A 48 -1.83 10.32 1.06
CA ALA A 48 -2.34 9.22 0.25
C ALA A 48 -3.86 9.18 0.26
N PHE A 49 -4.46 9.15 -0.93
CA PHE A 49 -5.92 9.12 -1.05
C PHE A 49 -6.34 8.04 -2.04
N LEU A 50 -7.39 7.29 -1.68
CA LEU A 50 -7.90 6.23 -2.53
C LEU A 50 -9.21 6.64 -3.19
N PRO A 51 -9.32 6.43 -4.50
CA PRO A 51 -10.51 6.78 -5.26
C PRO A 51 -11.69 5.87 -4.94
N LEU A 52 -12.88 6.45 -4.84
CA LEU A 52 -14.08 5.68 -4.54
C LEU A 52 -14.38 4.67 -5.64
N LEU A 53 -13.83 4.91 -6.82
CA LEU A 53 -14.03 4.01 -7.96
C LEU A 53 -13.29 2.69 -7.75
N LYS A 54 -12.04 2.78 -7.30
CA LYS A 54 -11.22 1.61 -7.06
C LYS A 54 -11.54 0.99 -5.70
N ALA A 55 -11.98 1.83 -4.77
CA ALA A 55 -12.32 1.37 -3.43
C ALA A 55 -13.70 0.73 -3.40
N GLN A 56 -14.68 1.42 -3.97
CA GLN A 56 -16.05 0.91 -4.02
C GLN A 56 -16.11 -0.43 -4.72
N GLU A 57 -15.41 -0.55 -5.85
CA GLU A 57 -15.38 -1.78 -6.61
C GLU A 57 -14.80 -2.93 -5.78
N TYR A 58 -13.76 -2.63 -5.01
CA TYR A 58 -13.12 -3.63 -4.17
C TYR A 58 -13.99 -3.97 -2.97
N ILE A 59 -14.66 -2.96 -2.43
CA ILE A 59 -15.53 -3.15 -1.28
C ILE A 59 -16.78 -3.95 -1.65
N ARG A 60 -17.34 -3.64 -2.81
CA ARG A 60 -18.53 -4.33 -3.28
C ARG A 60 -18.21 -5.79 -3.64
N GLN A 61 -17.06 -6.00 -4.25
CA GLN A 61 -16.64 -7.34 -4.64
C GLN A 61 -16.07 -8.10 -3.45
N LYS A 62 -15.65 -7.36 -2.42
CA LYS A 62 -15.08 -7.97 -1.22
C LYS A 62 -16.07 -7.91 -0.07
N ASN A 63 -16.37 -6.72 0.40
CA ASN A 63 -17.30 -6.53 1.51
C ASN A 63 -18.75 -6.50 1.01
N LYS A 64 -18.99 -7.21 -0.09
CA LYS A 64 -20.32 -7.26 -0.68
C LYS A 64 -21.03 -5.91 -0.57
N GLY A 65 -20.25 -4.84 -0.54
CA GLY A 65 -20.81 -3.51 -0.44
C GLY A 65 -21.10 -3.11 0.99
N ALA A 66 -20.11 -3.27 1.87
CA ALA A 66 -20.26 -2.93 3.27
C ALA A 66 -19.17 -1.97 3.73
N LYS A 67 -19.58 -0.81 4.23
CA LYS A 67 -18.64 0.20 4.69
C LYS A 67 -17.47 -0.45 5.42
N LEU A 68 -16.26 0.06 5.17
CA LEU A 68 -15.06 -0.48 5.81
C LEU A 68 -15.01 -0.08 7.29
N LYS A 69 -13.91 -0.42 7.94
CA LYS A 69 -13.73 -0.11 9.35
C LYS A 69 -12.41 0.62 9.59
N VAL A 70 -12.09 0.87 10.85
CA VAL A 70 -10.86 1.55 11.21
C VAL A 70 -9.75 0.54 11.52
N GLY A 71 -8.51 0.89 11.14
CA GLY A 71 -7.39 0.02 11.39
C GLY A 71 -7.49 -1.28 10.61
N GLN A 72 -8.52 -1.40 9.79
CA GLN A 72 -8.72 -2.60 8.99
C GLN A 72 -7.62 -2.75 7.95
N TYR A 73 -7.24 -4.00 7.67
CA TYR A 73 -6.20 -4.28 6.70
C TYR A 73 -6.75 -4.24 5.28
N LEU A 74 -6.11 -3.44 4.42
CA LEU A 74 -6.54 -3.32 3.03
C LEU A 74 -5.34 -3.34 2.09
N ASN A 75 -5.48 -4.07 0.99
CA ASN A 75 -4.40 -4.16 0.00
C ASN A 75 -4.39 -2.96 -0.92
N CYS A 76 -3.22 -2.37 -1.12
CA CYS A 76 -3.08 -1.21 -1.99
C CYS A 76 -1.70 -1.18 -2.64
N ILE A 77 -1.63 -0.57 -3.82
CA ILE A 77 -0.37 -0.48 -4.56
C ILE A 77 -0.18 0.91 -5.15
N VAL A 78 1.07 1.36 -5.21
CA VAL A 78 1.38 2.67 -5.76
C VAL A 78 1.26 2.67 -7.28
N GLU A 79 0.37 3.53 -7.80
CA GLU A 79 0.16 3.63 -9.23
C GLU A 79 0.87 4.84 -9.80
N LYS A 80 0.76 5.97 -9.11
CA LYS A 80 1.39 7.21 -9.55
C LYS A 80 1.90 8.01 -8.35
N VAL A 81 3.03 8.68 -8.53
CA VAL A 81 3.62 9.49 -7.47
C VAL A 81 3.81 10.94 -7.91
N LYS A 82 3.22 11.86 -7.16
CA LYS A 82 3.33 13.28 -7.48
C LYS A 82 4.57 13.89 -6.82
N GLY A 83 5.44 14.47 -7.65
CA GLY A 83 6.65 15.08 -7.13
C GLY A 83 7.25 14.29 -5.98
N ASN A 84 7.81 15.01 -5.01
CA ASN A 84 8.43 14.37 -3.85
C ASN A 84 7.89 14.96 -2.55
N GLY A 85 6.59 14.78 -2.32
CA GLY A 85 5.97 15.29 -1.11
C GLY A 85 4.61 15.89 -1.38
N GLY A 86 3.87 15.29 -2.32
CA GLY A 86 2.54 15.80 -2.64
C GLY A 86 1.46 14.76 -2.40
N VAL A 87 0.89 14.25 -3.49
CA VAL A 87 -0.17 13.25 -3.39
C VAL A 87 0.30 11.91 -3.94
N VAL A 88 -0.23 10.83 -3.36
CA VAL A 88 0.13 9.48 -3.80
C VAL A 88 -1.10 8.74 -4.33
N SER A 89 -0.90 7.99 -5.42
CA SER A 89 -1.97 7.23 -6.02
C SER A 89 -1.92 5.77 -5.60
N LEU A 90 -2.99 5.30 -4.96
CA LEU A 90 -3.06 3.92 -4.50
C LEU A 90 -4.17 3.15 -5.23
N SER A 91 -3.99 1.84 -5.35
CA SER A 91 -4.97 1.00 -6.03
C SER A 91 -4.86 -0.44 -5.55
N VAL A 92 -5.98 -1.16 -5.61
CA VAL A 92 -6.02 -2.56 -5.18
C VAL A 92 -5.68 -3.50 -6.34
N GLY A 93 -4.74 -4.40 -6.09
CA GLY A 93 -4.32 -5.34 -7.12
C GLY A 93 -4.81 -6.75 -6.83
N HIS A 94 -3.91 -7.58 -6.31
CA HIS A 94 -4.24 -8.96 -5.98
C HIS A 94 -3.25 -9.53 -4.96
N SER A 95 -3.79 -10.13 -3.90
CA SER A 95 -2.97 -10.72 -2.86
C SER A 95 -3.07 -12.24 -2.85
N GLU A 96 -1.92 -12.91 -2.73
CA GLU A 96 -1.89 -14.36 -2.73
C GLU A 96 -2.18 -14.91 -1.33
N VAL A 97 -3.42 -15.31 -1.10
CA VAL A 97 -3.83 -15.85 0.19
C VAL A 97 -2.90 -16.97 0.63
N SER A 98 -2.73 -17.96 -0.23
CA SER A 98 -1.86 -19.09 0.07
C SER A 98 -0.45 -18.63 0.44
N THR A 99 0.40 -19.57 0.81
CA THR A 99 1.78 -19.25 1.19
C THR A 99 2.75 -20.26 0.60
N ALA A 100 4.03 -19.89 0.57
CA ALA A 100 5.06 -20.77 0.03
C ALA A 100 5.56 -21.75 1.09
N ILE A 101 6.31 -22.75 0.65
CA ILE A 101 6.85 -23.75 1.56
C ILE A 101 7.61 -23.10 2.70
N ALA A 102 7.50 -23.69 3.89
CA ALA A 102 8.19 -23.17 5.06
C ALA A 102 9.71 -23.21 4.88
N THR A 103 10.29 -22.07 4.55
CA THR A 103 11.73 -21.98 4.34
C THR A 103 12.22 -20.54 4.48
N GLU A 104 13.38 -20.37 5.11
CA GLU A 104 13.95 -19.05 5.31
C GLU A 104 15.27 -18.91 4.56
N GLN A 105 15.59 -17.69 4.16
CA GLN A 105 16.83 -17.41 3.42
C GLN A 105 18.03 -18.00 4.16
N GLN A 106 18.49 -19.16 3.70
CA GLN A 106 19.63 -19.82 4.32
C GLN A 106 20.70 -18.81 4.72
N SER A 107 20.76 -18.49 5.99
CA SER A 107 21.73 -17.53 6.50
C SER A 107 22.44 -18.08 7.74
N TRP A 108 23.73 -17.77 7.86
CA TRP A 108 24.53 -18.24 8.99
C TRP A 108 24.18 -17.44 10.25
N ASN A 109 23.28 -17.97 11.06
CA ASN A 109 22.87 -17.32 12.29
C ASN A 109 24.04 -17.20 13.27
N LEU A 110 24.29 -16.00 13.76
CA LEU A 110 25.38 -15.76 14.70
C LEU A 110 24.90 -14.94 15.89
N ASN A 111 24.85 -15.57 17.06
CA ASN A 111 24.41 -14.89 18.28
C ASN A 111 25.22 -15.36 19.48
N ASN A 112 25.54 -14.44 20.37
CA ASN A 112 26.31 -14.75 21.56
C ASN A 112 25.39 -15.15 22.72
N LEU A 113 25.98 -15.69 23.78
CA LEU A 113 25.21 -16.12 24.95
C LEU A 113 24.28 -15.01 25.42
N SER A 114 23.37 -15.34 26.33
CA SER A 114 22.42 -14.37 26.86
C SER A 114 21.71 -14.93 28.09
N GLY A 115 21.23 -14.03 28.94
CA GLY A 115 20.53 -14.44 30.15
C GLY A 115 19.03 -14.27 30.04
N PRO A 116 18.36 -14.19 31.20
CA PRO A 116 16.90 -14.03 31.25
C PRO A 116 16.45 -12.65 30.77
N SER A 117 17.40 -11.73 30.65
CA SER A 117 17.10 -10.38 30.21
C SER A 117 16.12 -10.39 29.04
N SER A 118 16.44 -11.19 28.02
CA SER A 118 15.61 -11.29 26.84
C SER A 118 14.18 -11.68 27.22
N GLY A 119 13.21 -10.94 26.69
CA GLY A 119 11.81 -11.22 26.99
C GLY A 119 11.02 -9.97 27.30
N GLY A 1 25.71 -9.27 -2.87
CA GLY A 1 25.98 -8.10 -2.05
C GLY A 1 26.31 -8.47 -0.61
N SER A 2 25.54 -7.92 0.32
CA SER A 2 25.75 -8.18 1.74
C SER A 2 27.06 -7.58 2.23
N SER A 3 27.35 -6.36 1.77
CA SER A 3 28.57 -5.67 2.16
C SER A 3 28.31 -4.68 3.29
N GLY A 4 28.70 -5.06 4.50
CA GLY A 4 28.50 -4.20 5.65
C GLY A 4 27.41 -4.70 6.57
N SER A 5 26.52 -3.80 6.97
CA SER A 5 25.42 -4.16 7.86
C SER A 5 24.61 -5.31 7.28
N SER A 6 23.91 -6.03 8.16
CA SER A 6 23.09 -7.17 7.74
C SER A 6 21.63 -6.93 8.07
N GLY A 7 20.85 -6.54 7.06
CA GLY A 7 19.43 -6.29 7.27
C GLY A 7 18.79 -5.65 6.07
N LYS A 8 17.99 -4.62 6.31
CA LYS A 8 17.29 -3.91 5.24
C LYS A 8 18.29 -3.27 4.27
N ASN A 9 17.81 -2.93 3.08
CA ASN A 9 18.67 -2.31 2.07
C ASN A 9 18.95 -0.85 2.43
N VAL A 10 20.14 -0.58 2.95
CA VAL A 10 20.53 0.77 3.33
C VAL A 10 20.90 1.59 2.11
N ASN A 11 21.16 0.92 0.99
CA ASN A 11 21.52 1.58 -0.25
C ASN A 11 20.64 1.11 -1.41
N ARG A 12 19.59 1.86 -1.70
CA ARG A 12 18.67 1.52 -2.77
C ARG A 12 17.84 2.73 -3.18
N VAL A 13 17.27 2.68 -4.39
CA VAL A 13 16.45 3.76 -4.90
C VAL A 13 15.01 3.63 -4.43
N LEU A 14 14.83 3.46 -3.12
CA LEU A 14 13.50 3.32 -2.54
C LEU A 14 13.32 4.27 -1.36
N SER A 15 12.41 5.23 -1.51
CA SER A 15 12.15 6.20 -0.46
C SER A 15 10.98 7.11 -0.84
N ALA A 16 10.36 7.72 0.17
CA ALA A 16 9.23 8.61 -0.05
C ALA A 16 9.49 9.53 -1.24
N GLU A 17 10.76 9.81 -1.52
CA GLU A 17 11.13 10.68 -2.63
C GLU A 17 11.65 9.86 -3.80
N ALA A 18 12.03 8.61 -3.53
CA ALA A 18 12.53 7.73 -4.57
C ALA A 18 11.52 6.64 -4.90
N LEU A 19 10.27 6.88 -4.53
CA LEU A 19 9.20 5.91 -4.80
C LEU A 19 9.08 5.62 -6.28
N LYS A 20 8.11 4.79 -6.64
CA LYS A 20 7.88 4.44 -8.04
C LYS A 20 6.57 3.67 -8.20
N PRO A 21 5.86 3.94 -9.31
CA PRO A 21 4.58 3.28 -9.60
C PRO A 21 4.75 1.81 -9.95
N GLY A 22 4.19 0.94 -9.12
CA GLY A 22 4.29 -0.48 -9.36
C GLY A 22 4.78 -1.24 -8.14
N MET A 23 4.84 -0.56 -7.00
CA MET A 23 5.28 -1.18 -5.76
C MET A 23 4.10 -1.61 -4.91
N LEU A 24 4.17 -2.81 -4.35
CA LEU A 24 3.11 -3.33 -3.52
C LEU A 24 3.37 -3.03 -2.04
N LEU A 25 2.46 -2.30 -1.42
CA LEU A 25 2.58 -1.94 -0.02
C LEU A 25 1.29 -2.21 0.74
N THR A 26 1.41 -2.82 1.92
CA THR A 26 0.26 -3.14 2.74
C THR A 26 0.06 -2.11 3.85
N GLY A 27 -1.10 -1.47 3.87
CA GLY A 27 -1.39 -0.47 4.88
C GLY A 27 -2.72 -0.69 5.56
N THR A 28 -3.00 0.10 6.58
CA THR A 28 -4.26 -0.02 7.33
C THR A 28 -5.08 1.26 7.22
N VAL A 29 -6.38 1.10 6.99
CA VAL A 29 -7.28 2.25 6.87
C VAL A 29 -7.30 3.06 8.17
N SER A 30 -7.08 4.36 8.04
CA SER A 30 -7.08 5.26 9.20
C SER A 30 -8.46 5.86 9.42
N SER A 31 -9.09 6.33 8.35
CA SER A 31 -10.41 6.94 8.43
C SER A 31 -11.12 6.87 7.09
N LEU A 32 -12.45 6.90 7.13
CA LEU A 32 -13.24 6.85 5.90
C LEU A 32 -13.73 8.24 5.51
N GLU A 33 -13.59 8.57 4.23
CA GLU A 33 -14.01 9.88 3.73
C GLU A 33 -14.98 9.72 2.56
N ASP A 34 -15.86 10.70 2.39
CA ASP A 34 -16.83 10.67 1.30
C ASP A 34 -16.14 10.74 -0.05
N HIS A 35 -14.92 11.26 -0.07
CA HIS A 35 -14.15 11.38 -1.30
C HIS A 35 -13.33 10.11 -1.55
N GLY A 36 -12.63 9.66 -0.51
CA GLY A 36 -11.82 8.46 -0.64
C GLY A 36 -11.49 7.83 0.70
N TYR A 37 -10.52 6.94 0.71
CA TYR A 37 -10.12 6.26 1.94
C TYR A 37 -8.67 6.57 2.29
N LEU A 38 -8.43 6.92 3.55
CA LEU A 38 -7.08 7.25 4.01
C LEU A 38 -6.37 6.01 4.55
N VAL A 39 -5.13 5.81 4.12
CA VAL A 39 -4.34 4.66 4.57
C VAL A 39 -3.16 5.11 5.43
N ASP A 40 -2.82 4.29 6.42
CA ASP A 40 -1.72 4.59 7.31
C ASP A 40 -0.41 4.03 6.77
N ILE A 41 0.58 4.90 6.61
CA ILE A 41 1.89 4.49 6.09
C ILE A 41 3.00 4.83 7.09
N GLY A 42 2.75 5.83 7.94
CA GLY A 42 3.74 6.22 8.93
C GLY A 42 4.87 7.02 8.31
N VAL A 43 4.53 8.02 7.50
CA VAL A 43 5.52 8.87 6.86
C VAL A 43 5.26 10.34 7.15
N ASP A 44 6.32 11.09 7.35
CA ASP A 44 6.22 12.52 7.63
C ASP A 44 6.34 13.34 6.34
N GLY A 45 5.25 14.01 5.97
CA GLY A 45 5.25 14.81 4.76
C GLY A 45 4.78 14.05 3.55
N THR A 46 3.81 13.16 3.74
CA THR A 46 3.27 12.36 2.66
C THR A 46 1.78 12.07 2.87
N ARG A 47 0.97 12.44 1.89
CA ARG A 47 -0.47 12.22 1.96
C ARG A 47 -0.91 11.16 0.96
N ALA A 48 -1.69 10.19 1.43
CA ALA A 48 -2.18 9.13 0.56
C ALA A 48 -3.71 9.15 0.49
N PHE A 49 -4.23 9.00 -0.72
CA PHE A 49 -5.68 9.00 -0.94
C PHE A 49 -6.10 7.81 -1.80
N LEU A 50 -7.25 7.23 -1.48
CA LEU A 50 -7.77 6.09 -2.22
C LEU A 50 -9.14 6.40 -2.81
N PRO A 51 -9.28 6.21 -4.12
CA PRO A 51 -10.54 6.45 -4.84
C PRO A 51 -11.62 5.44 -4.47
N LEU A 52 -12.81 5.95 -4.14
CA LEU A 52 -13.93 5.09 -3.77
C LEU A 52 -14.34 4.19 -4.94
N LEU A 53 -13.98 4.60 -6.15
CA LEU A 53 -14.31 3.84 -7.34
C LEU A 53 -13.60 2.49 -7.34
N LYS A 54 -12.31 2.51 -7.00
CA LYS A 54 -11.51 1.29 -6.95
C LYS A 54 -11.93 0.41 -5.78
N ALA A 55 -12.26 1.04 -4.65
CA ALA A 55 -12.69 0.31 -3.47
C ALA A 55 -14.12 -0.19 -3.61
N GLN A 56 -14.90 0.50 -4.43
CA GLN A 56 -16.30 0.12 -4.65
C GLN A 56 -16.38 -1.24 -5.35
N GLU A 57 -15.38 -1.54 -6.19
CA GLU A 57 -15.34 -2.81 -6.90
C GLU A 57 -14.97 -3.95 -5.97
N TYR A 58 -13.96 -3.73 -5.13
CA TYR A 58 -13.51 -4.75 -4.19
C TYR A 58 -14.51 -4.92 -3.05
N ILE A 59 -15.09 -3.80 -2.61
CA ILE A 59 -16.06 -3.84 -1.53
C ILE A 59 -17.36 -4.49 -1.97
N ARG A 60 -17.80 -4.16 -3.18
CA ARG A 60 -19.03 -4.72 -3.72
C ARG A 60 -18.89 -6.22 -3.98
N GLN A 61 -17.72 -6.62 -4.48
CA GLN A 61 -17.46 -8.02 -4.77
C GLN A 61 -17.08 -8.77 -3.48
N LYS A 62 -16.65 -8.03 -2.47
CA LYS A 62 -16.26 -8.63 -1.20
C LYS A 62 -17.34 -8.42 -0.15
N ASN A 63 -17.52 -7.16 0.27
CA ASN A 63 -18.52 -6.82 1.27
C ASN A 63 -19.90 -6.64 0.63
N LYS A 64 -20.16 -7.41 -0.42
CA LYS A 64 -21.43 -7.34 -1.12
C LYS A 64 -21.97 -5.91 -1.13
N GLY A 65 -21.07 -4.94 -1.17
CA GLY A 65 -21.47 -3.54 -1.18
C GLY A 65 -21.73 -3.01 0.22
N ALA A 66 -20.67 -2.86 1.00
CA ALA A 66 -20.79 -2.36 2.37
C ALA A 66 -19.68 -1.37 2.68
N LYS A 67 -19.66 -0.89 3.92
CA LYS A 67 -18.65 0.07 4.35
C LYS A 67 -17.46 -0.64 4.98
N LEU A 68 -16.29 0.00 4.93
CA LEU A 68 -15.08 -0.58 5.49
C LEU A 68 -14.91 -0.17 6.95
N LYS A 69 -14.23 -1.01 7.72
CA LYS A 69 -13.99 -0.74 9.13
C LYS A 69 -12.63 -0.07 9.34
N VAL A 70 -12.59 0.91 10.24
CA VAL A 70 -11.36 1.62 10.53
C VAL A 70 -10.34 0.72 11.21
N GLY A 71 -9.09 0.79 10.76
CA GLY A 71 -8.05 -0.03 11.34
C GLY A 71 -7.84 -1.33 10.58
N GLN A 72 -8.83 -1.71 9.77
CA GLN A 72 -8.75 -2.93 8.99
C GLN A 72 -7.61 -2.86 7.98
N TYR A 73 -7.00 -4.01 7.70
CA TYR A 73 -5.90 -4.08 6.75
C TYR A 73 -6.41 -4.09 5.31
N LEU A 74 -5.89 -3.18 4.50
CA LEU A 74 -6.29 -3.09 3.10
C LEU A 74 -5.07 -3.14 2.18
N ASN A 75 -5.20 -3.88 1.09
CA ASN A 75 -4.12 -4.01 0.12
C ASN A 75 -4.21 -2.93 -0.96
N CYS A 76 -3.07 -2.34 -1.28
CA CYS A 76 -3.02 -1.29 -2.31
C CYS A 76 -1.66 -1.27 -3.01
N ILE A 77 -1.60 -0.62 -4.16
CA ILE A 77 -0.37 -0.53 -4.92
C ILE A 77 -0.16 0.89 -5.45
N VAL A 78 1.11 1.30 -5.51
CA VAL A 78 1.45 2.63 -6.00
C VAL A 78 1.16 2.76 -7.49
N GLU A 79 0.32 3.73 -7.84
CA GLU A 79 -0.03 3.97 -9.23
C GLU A 79 0.75 5.15 -9.81
N LYS A 80 0.84 6.22 -9.04
CA LYS A 80 1.55 7.42 -9.47
C LYS A 80 2.26 8.07 -8.29
N VAL A 81 3.43 8.65 -8.56
CA VAL A 81 4.20 9.33 -7.51
C VAL A 81 4.37 10.80 -7.83
N LYS A 82 4.05 11.65 -6.86
CA LYS A 82 4.18 13.10 -7.03
C LYS A 82 5.40 13.63 -6.31
N GLY A 83 6.24 14.37 -7.03
CA GLY A 83 7.44 14.93 -6.43
C GLY A 83 7.18 15.53 -5.07
N ASN A 84 8.26 15.82 -4.33
CA ASN A 84 8.14 16.40 -3.00
C ASN A 84 7.08 15.67 -2.18
N GLY A 85 6.99 14.36 -2.36
CA GLY A 85 6.03 13.57 -1.63
C GLY A 85 4.71 14.30 -1.46
N GLY A 86 4.20 14.86 -2.55
CA GLY A 86 2.94 15.58 -2.49
C GLY A 86 1.76 14.66 -2.22
N VAL A 87 1.22 14.07 -3.28
CA VAL A 87 0.09 13.16 -3.15
C VAL A 87 0.41 11.79 -3.71
N VAL A 88 0.01 10.75 -2.97
CA VAL A 88 0.26 9.37 -3.40
C VAL A 88 -1.03 8.70 -3.86
N SER A 89 -0.94 7.95 -4.95
CA SER A 89 -2.09 7.25 -5.51
C SER A 89 -2.05 5.77 -5.14
N LEU A 90 -3.11 5.30 -4.48
CA LEU A 90 -3.20 3.90 -4.07
C LEU A 90 -4.33 3.20 -4.80
N SER A 91 -4.11 1.93 -5.16
CA SER A 91 -5.12 1.15 -5.86
C SER A 91 -4.88 -0.34 -5.65
N VAL A 92 -5.97 -1.11 -5.59
CA VAL A 92 -5.89 -2.55 -5.40
C VAL A 92 -5.65 -3.27 -6.73
N GLY A 93 -4.57 -4.04 -6.79
CA GLY A 93 -4.25 -4.77 -8.00
C GLY A 93 -4.36 -6.27 -7.82
N HIS A 94 -3.22 -6.92 -7.58
CA HIS A 94 -3.18 -8.36 -7.39
C HIS A 94 -2.84 -8.71 -5.94
N SER A 95 -1.71 -8.20 -5.47
CA SER A 95 -1.27 -8.46 -4.10
C SER A 95 -0.82 -9.92 -3.94
N GLU A 96 0.06 -10.35 -4.84
CA GLU A 96 0.57 -11.71 -4.80
C GLU A 96 1.59 -11.88 -3.68
N VAL A 97 1.12 -11.86 -2.44
CA VAL A 97 1.98 -12.01 -1.28
C VAL A 97 1.60 -13.24 -0.47
N SER A 98 2.10 -14.40 -0.91
CA SER A 98 1.81 -15.66 -0.23
C SER A 98 2.01 -15.52 1.28
N THR A 99 3.06 -14.82 1.68
CA THR A 99 3.36 -14.60 3.09
C THR A 99 3.62 -13.14 3.38
N ALA A 100 2.84 -12.57 4.29
CA ALA A 100 2.97 -11.17 4.66
C ALA A 100 3.69 -11.03 6.00
N ILE A 101 4.98 -10.72 5.94
CA ILE A 101 5.78 -10.56 7.16
C ILE A 101 5.37 -9.31 7.92
N ALA A 102 5.43 -9.38 9.25
CA ALA A 102 5.07 -8.25 10.09
C ALA A 102 6.23 -7.86 11.01
N THR A 103 7.01 -6.87 10.59
CA THR A 103 8.14 -6.42 11.37
C THR A 103 7.68 -5.66 12.62
N GLU A 104 8.40 -5.85 13.72
CA GLU A 104 8.06 -5.18 14.98
C GLU A 104 8.85 -3.89 15.13
N GLN A 105 8.43 -3.06 16.09
CA GLN A 105 9.10 -1.79 16.34
C GLN A 105 9.69 -1.75 17.74
N GLN A 106 10.85 -1.12 17.87
CA GLN A 106 11.52 -1.01 19.16
C GLN A 106 11.25 0.35 19.81
N SER A 107 11.67 0.50 21.05
CA SER A 107 11.47 1.75 21.78
C SER A 107 12.19 2.91 21.08
N TRP A 108 11.83 4.13 21.46
CA TRP A 108 12.44 5.31 20.87
C TRP A 108 13.83 5.57 21.46
N ASN A 109 14.60 6.41 20.79
CA ASN A 109 15.95 6.73 21.26
C ASN A 109 16.06 8.21 21.60
N LEU A 110 15.12 9.01 21.10
CA LEU A 110 15.10 10.45 21.36
C LEU A 110 14.35 10.76 22.65
N ASN A 111 14.50 9.89 23.64
CA ASN A 111 13.84 10.08 24.93
C ASN A 111 12.34 10.27 24.75
N ASN A 112 11.74 9.42 23.93
CA ASN A 112 10.30 9.49 23.67
C ASN A 112 9.57 8.29 24.26
N LEU A 113 8.76 8.54 25.29
CA LEU A 113 8.01 7.48 25.95
C LEU A 113 6.52 7.82 25.99
N SER A 114 5.82 7.52 24.90
CA SER A 114 4.39 7.78 24.81
C SER A 114 3.72 6.83 23.82
N GLY A 115 2.39 6.88 23.78
CA GLY A 115 1.65 6.03 22.86
C GLY A 115 1.00 6.81 21.74
N PRO A 116 0.91 6.19 20.56
CA PRO A 116 0.31 6.81 19.38
C PRO A 116 -1.20 6.96 19.51
N SER A 117 -1.85 5.91 20.00
CA SER A 117 -3.29 5.92 20.18
C SER A 117 -3.79 7.31 20.57
N SER A 118 -4.23 8.08 19.57
CA SER A 118 -4.72 9.43 19.79
C SER A 118 -5.44 9.96 18.56
N GLY A 119 -6.60 10.57 18.78
CA GLY A 119 -7.37 11.11 17.67
C GLY A 119 -8.36 12.17 18.12
N GLY A 1 18.90 26.25 -19.05
CA GLY A 1 18.57 25.29 -20.10
C GLY A 1 19.31 23.98 -19.94
N SER A 2 18.69 22.90 -20.38
CA SER A 2 19.29 21.58 -20.28
C SER A 2 18.46 20.53 -21.00
N SER A 3 19.05 19.87 -21.99
CA SER A 3 18.35 18.86 -22.77
C SER A 3 19.04 17.50 -22.63
N GLY A 4 18.27 16.43 -22.76
CA GLY A 4 18.82 15.09 -22.65
C GLY A 4 19.38 14.81 -21.28
N SER A 5 19.84 13.58 -21.07
CA SER A 5 20.41 13.19 -19.78
C SER A 5 21.60 14.05 -19.41
N SER A 6 21.95 14.07 -18.13
CA SER A 6 23.07 14.87 -17.65
C SER A 6 23.63 14.28 -16.35
N GLY A 7 24.94 14.47 -16.14
CA GLY A 7 25.57 13.96 -14.94
C GLY A 7 25.03 12.60 -14.54
N LYS A 8 24.96 12.37 -13.23
CA LYS A 8 24.46 11.10 -12.72
C LYS A 8 23.22 11.31 -11.85
N ASN A 9 22.40 10.26 -11.73
CA ASN A 9 21.18 10.34 -10.93
C ASN A 9 21.41 11.13 -9.65
N VAL A 10 20.57 12.13 -9.41
CA VAL A 10 20.69 12.96 -8.22
C VAL A 10 20.60 12.11 -6.95
N ASN A 11 19.56 11.31 -6.85
CA ASN A 11 19.36 10.44 -5.69
C ASN A 11 18.33 9.36 -5.98
N ARG A 12 18.59 8.15 -5.49
CA ARG A 12 17.69 7.03 -5.71
C ARG A 12 16.24 7.49 -5.71
N VAL A 13 15.40 6.78 -6.47
CA VAL A 13 13.99 7.12 -6.57
C VAL A 13 13.18 6.41 -5.50
N LEU A 14 13.65 5.24 -5.08
CA LEU A 14 12.97 4.46 -4.06
C LEU A 14 12.47 5.36 -2.92
N SER A 15 13.11 6.52 -2.77
CA SER A 15 12.72 7.46 -1.72
C SER A 15 11.20 7.64 -1.68
N ALA A 16 10.70 8.13 -0.55
CA ALA A 16 9.27 8.34 -0.39
C ALA A 16 8.80 9.54 -1.19
N GLU A 17 9.75 10.36 -1.63
CA GLU A 17 9.42 11.55 -2.42
C GLU A 17 9.48 11.24 -3.91
N ALA A 18 10.17 10.16 -4.27
CA ALA A 18 10.30 9.76 -5.66
C ALA A 18 9.86 8.32 -5.86
N LEU A 19 8.89 7.88 -5.06
CA LEU A 19 8.37 6.52 -5.14
C LEU A 19 8.11 6.12 -6.59
N LYS A 20 8.02 4.83 -6.84
CA LYS A 20 7.76 4.32 -8.19
C LYS A 20 6.52 3.44 -8.21
N PRO A 21 5.77 3.51 -9.33
CA PRO A 21 4.54 2.72 -9.50
C PRO A 21 4.83 1.23 -9.66
N GLY A 22 4.04 0.40 -8.98
CA GLY A 22 4.22 -1.03 -9.05
C GLY A 22 4.48 -1.66 -7.70
N MET A 23 5.09 -0.89 -6.80
CA MET A 23 5.39 -1.37 -5.45
C MET A 23 4.12 -1.75 -4.71
N LEU A 24 4.13 -2.92 -4.10
CA LEU A 24 2.97 -3.41 -3.35
C LEU A 24 3.17 -3.20 -1.86
N LEU A 25 2.44 -2.24 -1.29
CA LEU A 25 2.53 -1.95 0.14
C LEU A 25 1.18 -2.10 0.81
N THR A 26 1.16 -2.79 1.95
CA THR A 26 -0.08 -3.02 2.69
C THR A 26 -0.32 -1.89 3.69
N GLY A 27 -1.45 -1.21 3.54
CA GLY A 27 -1.78 -0.11 4.43
C GLY A 27 -3.03 -0.39 5.24
N THR A 28 -3.25 0.41 6.28
CA THR A 28 -4.42 0.25 7.14
C THR A 28 -5.31 1.48 7.09
N VAL A 29 -6.62 1.25 6.91
CA VAL A 29 -7.57 2.35 6.85
C VAL A 29 -7.59 3.15 8.15
N SER A 30 -7.32 4.44 8.05
CA SER A 30 -7.29 5.31 9.22
C SER A 30 -8.68 5.90 9.49
N SER A 31 -9.33 6.36 8.43
CA SER A 31 -10.66 6.94 8.55
C SER A 31 -11.41 6.87 7.22
N LEU A 32 -12.73 6.80 7.30
CA LEU A 32 -13.57 6.73 6.11
C LEU A 32 -14.10 8.10 5.73
N GLU A 33 -13.81 8.52 4.49
CA GLU A 33 -14.26 9.82 4.00
C GLU A 33 -15.31 9.65 2.91
N ASP A 34 -16.10 10.70 2.70
CA ASP A 34 -17.14 10.68 1.67
C ASP A 34 -16.54 10.82 0.28
N HIS A 35 -15.34 11.38 0.21
CA HIS A 35 -14.66 11.58 -1.07
C HIS A 35 -13.75 10.40 -1.38
N GLY A 36 -13.40 9.63 -0.36
CA GLY A 36 -12.53 8.48 -0.55
C GLY A 36 -12.16 7.81 0.76
N TYR A 37 -11.24 6.85 0.69
CA TYR A 37 -10.80 6.13 1.87
C TYR A 37 -9.34 6.47 2.21
N LEU A 38 -9.10 6.79 3.47
CA LEU A 38 -7.75 7.13 3.92
C LEU A 38 -6.97 5.87 4.29
N VAL A 39 -5.76 5.76 3.75
CA VAL A 39 -4.90 4.61 4.02
C VAL A 39 -3.66 5.02 4.80
N ASP A 40 -3.29 4.21 5.78
CA ASP A 40 -2.12 4.49 6.60
C ASP A 40 -0.87 3.84 6.01
N ILE A 41 0.21 4.61 5.97
CA ILE A 41 1.48 4.12 5.41
C ILE A 41 2.61 4.27 6.42
N GLY A 42 2.42 5.17 7.38
CA GLY A 42 3.44 5.40 8.39
C GLY A 42 4.55 6.31 7.91
N VAL A 43 4.17 7.50 7.43
CA VAL A 43 5.14 8.47 6.93
C VAL A 43 4.66 9.89 7.18
N ASP A 44 5.59 10.76 7.60
CA ASP A 44 5.26 12.15 7.87
C ASP A 44 5.47 13.01 6.62
N GLY A 45 4.42 13.74 6.23
CA GLY A 45 4.52 14.58 5.06
C GLY A 45 3.82 13.98 3.85
N THR A 46 4.13 12.73 3.56
CA THR A 46 3.53 12.04 2.42
C THR A 46 2.10 11.61 2.73
N ARG A 47 1.17 12.04 1.89
CA ARG A 47 -0.23 11.70 2.07
C ARG A 47 -0.75 10.86 0.90
N ALA A 48 -1.37 9.72 1.23
CA ALA A 48 -1.91 8.83 0.21
C ALA A 48 -3.42 8.75 0.30
N PHE A 49 -4.09 8.95 -0.84
CA PHE A 49 -5.55 8.90 -0.88
C PHE A 49 -6.02 7.91 -1.93
N LEU A 50 -7.02 7.10 -1.57
CA LEU A 50 -7.56 6.10 -2.48
C LEU A 50 -8.92 6.54 -3.02
N PRO A 51 -9.09 6.46 -4.35
CA PRO A 51 -10.34 6.85 -5.01
C PRO A 51 -11.48 5.87 -4.71
N LEU A 52 -12.69 6.40 -4.61
CA LEU A 52 -13.86 5.57 -4.32
C LEU A 52 -14.10 4.56 -5.45
N LEU A 53 -13.53 4.84 -6.61
CA LEU A 53 -13.67 3.96 -7.77
C LEU A 53 -13.03 2.59 -7.50
N LYS A 54 -11.83 2.62 -6.93
CA LYS A 54 -11.11 1.39 -6.63
C LYS A 54 -11.60 0.79 -5.31
N ALA A 55 -12.08 1.64 -4.42
CA ALA A 55 -12.58 1.20 -3.12
C ALA A 55 -13.94 0.49 -3.28
N GLN A 56 -14.83 1.11 -4.03
CA GLN A 56 -16.16 0.56 -4.25
C GLN A 56 -16.08 -0.77 -4.99
N GLU A 57 -15.15 -0.86 -5.94
CA GLU A 57 -14.97 -2.08 -6.72
C GLU A 57 -14.48 -3.22 -5.83
N TYR A 58 -13.52 -2.92 -4.98
CA TYR A 58 -12.95 -3.92 -4.08
C TYR A 58 -13.94 -4.28 -2.97
N ILE A 59 -14.62 -3.26 -2.44
CA ILE A 59 -15.60 -3.46 -1.38
C ILE A 59 -16.82 -4.20 -1.91
N ARG A 60 -17.27 -3.82 -3.10
CA ARG A 60 -18.44 -4.44 -3.72
C ARG A 60 -18.14 -5.87 -4.14
N GLN A 61 -16.91 -6.11 -4.59
CA GLN A 61 -16.50 -7.44 -5.02
C GLN A 61 -16.12 -8.30 -3.82
N LYS A 62 -15.50 -7.68 -2.82
CA LYS A 62 -15.09 -8.39 -1.62
C LYS A 62 -16.10 -8.20 -0.49
N ASN A 63 -16.33 -6.95 -0.12
CA ASN A 63 -17.27 -6.63 0.94
C ASN A 63 -18.70 -6.64 0.43
N LYS A 64 -18.90 -7.30 -0.71
CA LYS A 64 -20.23 -7.39 -1.32
C LYS A 64 -20.99 -6.07 -1.17
N GLY A 65 -20.24 -4.98 -1.06
CA GLY A 65 -20.86 -3.67 -0.92
C GLY A 65 -21.14 -3.32 0.53
N ALA A 66 -20.17 -3.58 1.40
CA ALA A 66 -20.33 -3.29 2.82
C ALA A 66 -19.57 -2.02 3.20
N LYS A 67 -19.62 -1.67 4.49
CA LYS A 67 -18.94 -0.48 4.98
C LYS A 67 -17.67 -0.86 5.74
N LEU A 68 -16.53 -0.38 5.24
CA LEU A 68 -15.24 -0.66 5.88
C LEU A 68 -15.20 -0.11 7.30
N LYS A 69 -14.08 -0.30 7.97
CA LYS A 69 -13.90 0.18 9.33
C LYS A 69 -12.52 0.83 9.51
N VAL A 70 -12.22 1.23 10.74
CA VAL A 70 -10.94 1.85 11.05
C VAL A 70 -9.93 0.82 11.55
N GLY A 71 -8.65 1.07 11.27
CA GLY A 71 -7.61 0.15 11.70
C GLY A 71 -7.68 -1.18 11.00
N GLN A 72 -8.44 -1.24 9.91
CA GLN A 72 -8.60 -2.47 9.14
C GLN A 72 -7.50 -2.60 8.09
N TYR A 73 -7.10 -3.83 7.81
CA TYR A 73 -6.06 -4.09 6.83
C TYR A 73 -6.63 -4.05 5.41
N LEU A 74 -5.97 -3.27 4.55
CA LEU A 74 -6.40 -3.14 3.16
C LEU A 74 -5.21 -3.27 2.21
N ASN A 75 -5.47 -3.87 1.05
CA ASN A 75 -4.43 -4.06 0.05
C ASN A 75 -4.49 -2.97 -1.03
N CYS A 76 -3.33 -2.43 -1.39
CA CYS A 76 -3.26 -1.39 -2.41
C CYS A 76 -1.91 -1.40 -3.10
N ILE A 77 -1.83 -0.74 -4.26
CA ILE A 77 -0.58 -0.67 -5.02
C ILE A 77 -0.35 0.73 -5.55
N VAL A 78 0.91 1.09 -5.72
CA VAL A 78 1.27 2.41 -6.23
C VAL A 78 0.92 2.53 -7.71
N GLU A 79 0.14 3.56 -8.04
CA GLU A 79 -0.26 3.79 -9.43
C GLU A 79 0.54 4.94 -10.05
N LYS A 80 0.66 6.03 -9.31
CA LYS A 80 1.40 7.19 -9.78
C LYS A 80 2.12 7.89 -8.63
N VAL A 81 3.29 8.46 -8.92
CA VAL A 81 4.06 9.17 -7.91
C VAL A 81 4.36 10.60 -8.33
N LYS A 82 4.13 11.55 -7.43
CA LYS A 82 4.37 12.95 -7.72
C LYS A 82 5.85 13.28 -7.61
N GLY A 83 6.30 14.27 -8.38
CA GLY A 83 7.70 14.66 -8.35
C GLY A 83 8.30 14.56 -6.97
N ASN A 84 7.52 14.93 -5.96
CA ASN A 84 7.97 14.89 -4.57
C ASN A 84 7.03 14.08 -3.70
N GLY A 85 7.30 14.03 -2.40
CA GLY A 85 6.46 13.28 -1.49
C GLY A 85 5.17 14.01 -1.17
N GLY A 86 4.49 14.49 -2.21
CA GLY A 86 3.24 15.20 -2.02
C GLY A 86 2.07 14.27 -1.80
N VAL A 87 1.48 13.79 -2.90
CA VAL A 87 0.34 12.89 -2.83
C VAL A 87 0.62 11.59 -3.57
N VAL A 88 0.29 10.47 -2.95
CA VAL A 88 0.51 9.17 -3.55
C VAL A 88 -0.81 8.53 -3.99
N SER A 89 -0.80 7.89 -5.15
CA SER A 89 -1.99 7.24 -5.68
C SER A 89 -1.98 5.75 -5.39
N LEU A 90 -3.00 5.27 -4.67
CA LEU A 90 -3.10 3.86 -4.33
C LEU A 90 -4.27 3.21 -5.05
N SER A 91 -4.18 1.89 -5.25
CA SER A 91 -5.23 1.15 -5.94
C SER A 91 -5.25 -0.30 -5.48
N VAL A 92 -6.45 -0.86 -5.35
CA VAL A 92 -6.61 -2.24 -4.92
C VAL A 92 -6.21 -3.21 -6.03
N GLY A 93 -5.45 -4.24 -5.67
CA GLY A 93 -5.01 -5.21 -6.64
C GLY A 93 -5.65 -6.57 -6.43
N HIS A 94 -5.19 -7.29 -5.42
CA HIS A 94 -5.73 -8.62 -5.11
C HIS A 94 -5.13 -9.16 -3.82
N SER A 95 -5.89 -10.00 -3.13
CA SER A 95 -5.43 -10.59 -1.87
C SER A 95 -5.54 -12.11 -1.92
N GLU A 96 -4.90 -12.77 -0.96
CA GLU A 96 -4.92 -14.23 -0.88
C GLU A 96 -6.31 -14.73 -0.49
N VAL A 97 -7.21 -14.78 -1.46
CA VAL A 97 -8.58 -15.24 -1.21
C VAL A 97 -8.85 -16.55 -1.95
N SER A 98 -8.51 -16.58 -3.23
CA SER A 98 -8.72 -17.77 -4.06
C SER A 98 -8.35 -19.03 -3.28
N THR A 99 -7.24 -18.98 -2.56
CA THR A 99 -6.77 -20.11 -1.78
C THR A 99 -7.86 -20.60 -0.82
N ALA A 100 -8.42 -21.76 -1.11
CA ALA A 100 -9.46 -22.34 -0.27
C ALA A 100 -9.20 -22.05 1.21
N ILE A 101 -10.07 -21.25 1.81
CA ILE A 101 -9.94 -20.88 3.21
C ILE A 101 -10.75 -21.84 4.10
N ALA A 102 -10.15 -22.24 5.21
CA ALA A 102 -10.80 -23.15 6.15
C ALA A 102 -11.33 -22.39 7.36
N THR A 103 -11.58 -21.10 7.19
CA THR A 103 -12.08 -20.27 8.27
C THR A 103 -13.61 -20.23 8.28
N GLU A 104 -14.19 -20.63 9.40
CA GLU A 104 -15.64 -20.65 9.54
C GLU A 104 -16.21 -19.23 9.54
N GLN A 105 -17.46 -19.11 9.12
CA GLN A 105 -18.11 -17.80 9.07
C GLN A 105 -19.63 -17.96 8.99
N GLN A 106 -20.35 -17.15 9.77
CA GLN A 106 -21.81 -17.21 9.78
C GLN A 106 -22.39 -16.32 8.69
N SER A 107 -23.04 -16.94 7.71
CA SER A 107 -23.64 -16.21 6.61
C SER A 107 -24.65 -15.18 7.12
N TRP A 108 -24.63 -13.98 6.53
CA TRP A 108 -25.53 -12.91 6.92
C TRP A 108 -26.84 -12.99 6.15
N ASN A 109 -27.94 -12.62 6.81
CA ASN A 109 -29.25 -12.64 6.19
C ASN A 109 -29.20 -12.05 4.78
N LEU A 110 -29.55 -12.86 3.79
CA LEU A 110 -29.55 -12.42 2.40
C LEU A 110 -30.57 -11.31 2.18
N ASN A 111 -30.27 -10.39 1.27
CA ASN A 111 -31.16 -9.28 0.97
C ASN A 111 -30.71 -8.55 -0.29
N ASN A 112 -31.62 -7.75 -0.86
CA ASN A 112 -31.32 -7.00 -2.07
C ASN A 112 -30.82 -5.60 -1.73
N LEU A 113 -29.58 -5.30 -2.10
CA LEU A 113 -28.98 -4.00 -1.83
C LEU A 113 -29.53 -2.95 -2.79
N SER A 114 -29.93 -1.80 -2.23
CA SER A 114 -30.48 -0.71 -3.04
C SER A 114 -29.37 0.18 -3.58
N GLY A 115 -29.43 0.46 -4.88
CA GLY A 115 -28.42 1.30 -5.50
C GLY A 115 -28.42 1.20 -7.01
N PRO A 116 -27.51 1.93 -7.66
CA PRO A 116 -27.39 1.93 -9.12
C PRO A 116 -26.86 0.61 -9.67
N SER A 117 -27.77 -0.30 -9.98
CA SER A 117 -27.39 -1.61 -10.50
C SER A 117 -27.25 -1.56 -12.02
N SER A 118 -26.02 -1.61 -12.50
CA SER A 118 -25.75 -1.57 -13.94
C SER A 118 -25.44 -2.97 -14.47
N GLY A 119 -24.55 -3.68 -13.79
CA GLY A 119 -24.18 -5.02 -14.21
C GLY A 119 -22.88 -5.48 -13.60
N GLY A 1 31.25 21.47 6.56
CA GLY A 1 29.80 21.44 6.57
C GLY A 1 29.24 20.65 7.73
N SER A 2 28.62 19.50 7.41
CA SER A 2 28.03 18.65 8.44
C SER A 2 26.82 19.33 9.07
N SER A 3 25.96 19.87 8.22
CA SER A 3 24.74 20.55 8.69
C SER A 3 23.62 19.55 8.94
N GLY A 4 23.45 18.62 8.00
CA GLY A 4 22.41 17.61 8.13
C GLY A 4 22.71 16.36 7.33
N SER A 5 23.64 15.55 7.83
CA SER A 5 24.02 14.33 7.17
C SER A 5 23.39 13.11 7.84
N SER A 6 22.11 13.24 8.21
CA SER A 6 21.40 12.16 8.87
C SER A 6 21.38 10.90 8.00
N GLY A 7 21.57 9.75 8.63
CA GLY A 7 21.57 8.50 7.90
C GLY A 7 22.97 7.99 7.63
N LYS A 8 23.09 6.69 7.40
CA LYS A 8 24.38 6.07 7.11
C LYS A 8 24.85 6.42 5.70
N ASN A 9 24.10 5.97 4.71
CA ASN A 9 24.44 6.23 3.32
C ASN A 9 24.41 7.73 3.02
N VAL A 10 24.88 8.09 1.83
CA VAL A 10 24.90 9.50 1.42
C VAL A 10 23.75 9.82 0.49
N ASN A 11 23.17 8.79 -0.11
CA ASN A 11 22.05 8.97 -1.04
C ASN A 11 20.88 8.08 -0.64
N ARG A 12 20.58 8.04 0.66
CA ARG A 12 19.48 7.22 1.17
C ARG A 12 18.20 7.49 0.38
N VAL A 13 17.31 6.49 0.36
CA VAL A 13 16.05 6.63 -0.35
C VAL A 13 14.86 6.58 0.60
N LEU A 14 14.69 7.66 1.37
CA LEU A 14 13.60 7.75 2.33
C LEU A 14 12.64 8.89 1.97
N SER A 15 12.94 9.58 0.87
CA SER A 15 12.11 10.68 0.41
C SER A 15 10.95 10.18 -0.43
N ALA A 16 9.86 10.96 -0.46
CA ALA A 16 8.68 10.59 -1.23
C ALA A 16 8.91 10.82 -2.73
N GLU A 17 9.88 11.68 -3.04
CA GLU A 17 10.19 11.98 -4.43
C GLU A 17 11.06 10.89 -5.05
N ALA A 18 11.74 10.14 -4.20
CA ALA A 18 12.59 9.05 -4.66
C ALA A 18 11.80 7.75 -4.83
N LEU A 19 10.50 7.82 -4.56
CA LEU A 19 9.64 6.65 -4.68
C LEU A 19 9.20 6.45 -6.13
N LYS A 20 8.60 5.29 -6.40
CA LYS A 20 8.13 4.97 -7.75
C LYS A 20 6.86 4.13 -7.69
N PRO A 21 5.97 4.36 -8.66
CA PRO A 21 4.69 3.63 -8.75
C PRO A 21 4.89 2.17 -9.14
N GLY A 22 4.27 1.27 -8.37
CA GLY A 22 4.40 -0.15 -8.66
C GLY A 22 4.77 -0.95 -7.43
N MET A 23 4.97 -0.26 -6.31
CA MET A 23 5.33 -0.93 -5.06
C MET A 23 4.10 -1.35 -4.28
N LEU A 24 4.16 -2.53 -3.68
CA LEU A 24 3.03 -3.05 -2.90
C LEU A 24 3.29 -2.89 -1.40
N LEU A 25 2.48 -2.04 -0.76
CA LEU A 25 2.62 -1.79 0.67
C LEU A 25 1.31 -2.05 1.39
N THR A 26 1.37 -2.78 2.50
CA THR A 26 0.19 -3.10 3.28
C THR A 26 0.01 -2.11 4.44
N GLY A 27 -1.12 -1.41 4.43
CA GLY A 27 -1.40 -0.45 5.49
C GLY A 27 -2.73 -0.69 6.17
N THR A 28 -3.15 0.26 6.99
CA THR A 28 -4.41 0.14 7.71
C THR A 28 -5.23 1.42 7.59
N VAL A 29 -6.54 1.26 7.37
CA VAL A 29 -7.43 2.40 7.24
C VAL A 29 -7.45 3.25 8.51
N SER A 30 -7.22 4.55 8.35
CA SER A 30 -7.20 5.46 9.49
C SER A 30 -8.56 6.15 9.66
N SER A 31 -9.16 6.53 8.54
CA SER A 31 -10.45 7.20 8.55
C SER A 31 -11.19 6.99 7.24
N LEU A 32 -12.52 7.10 7.30
CA LEU A 32 -13.34 6.92 6.10
C LEU A 32 -13.76 8.27 5.52
N GLU A 33 -13.21 8.59 4.35
CA GLU A 33 -13.52 9.85 3.69
C GLU A 33 -14.65 9.67 2.67
N ASP A 34 -15.55 10.63 2.63
CA ASP A 34 -16.69 10.58 1.70
C ASP A 34 -16.20 10.60 0.26
N HIS A 35 -14.95 11.00 0.07
CA HIS A 35 -14.36 11.06 -1.27
C HIS A 35 -13.54 9.83 -1.57
N GLY A 36 -12.85 9.32 -0.55
CA GLY A 36 -12.03 8.14 -0.72
C GLY A 36 -11.74 7.43 0.59
N TYR A 37 -10.59 6.77 0.67
CA TYR A 37 -10.19 6.05 1.88
C TYR A 37 -8.75 6.36 2.24
N LEU A 38 -8.52 6.67 3.52
CA LEU A 38 -7.19 6.99 4.00
C LEU A 38 -6.49 5.75 4.53
N VAL A 39 -5.25 5.53 4.10
CA VAL A 39 -4.48 4.37 4.53
C VAL A 39 -3.25 4.80 5.32
N ASP A 40 -2.88 4.00 6.31
CA ASP A 40 -1.73 4.30 7.16
C ASP A 40 -0.47 3.62 6.60
N ILE A 41 0.59 4.40 6.44
CA ILE A 41 1.86 3.89 5.92
C ILE A 41 3.00 4.16 6.89
N GLY A 42 2.90 5.26 7.63
CA GLY A 42 3.93 5.61 8.58
C GLY A 42 5.12 6.28 7.93
N VAL A 43 4.85 7.30 7.13
CA VAL A 43 5.91 8.03 6.44
C VAL A 43 5.80 9.53 6.69
N ASP A 44 6.93 10.22 6.65
CA ASP A 44 6.96 11.67 6.87
C ASP A 44 6.86 12.42 5.54
N GLY A 45 5.73 13.09 5.34
CA GLY A 45 5.53 13.84 4.12
C GLY A 45 5.01 12.98 2.99
N THR A 46 3.89 12.30 3.22
CA THR A 46 3.29 11.42 2.22
C THR A 46 1.80 11.23 2.47
N ARG A 47 0.99 11.58 1.47
CA ARG A 47 -0.45 11.45 1.58
C ARG A 47 -1.00 10.43 0.58
N ALA A 48 -1.79 9.49 1.06
CA ALA A 48 -2.37 8.47 0.21
C ALA A 48 -3.90 8.52 0.23
N PHE A 49 -4.50 8.55 -0.95
CA PHE A 49 -5.96 8.61 -1.06
C PHE A 49 -6.46 7.58 -2.06
N LEU A 50 -7.52 6.87 -1.68
CA LEU A 50 -8.11 5.85 -2.55
C LEU A 50 -9.45 6.32 -3.11
N PRO A 51 -9.58 6.25 -4.44
CA PRO A 51 -10.80 6.67 -5.13
C PRO A 51 -11.97 5.71 -4.87
N LEU A 52 -13.10 6.26 -4.47
CA LEU A 52 -14.29 5.46 -4.19
C LEU A 52 -14.70 4.65 -5.41
N LEU A 53 -14.28 5.10 -6.58
CA LEU A 53 -14.60 4.41 -7.83
C LEU A 53 -13.96 3.03 -7.87
N LYS A 54 -12.69 2.96 -7.48
CA LYS A 54 -11.97 1.68 -7.47
C LYS A 54 -12.25 0.92 -6.19
N ALA A 55 -12.50 1.65 -5.10
CA ALA A 55 -12.79 1.02 -3.82
C ALA A 55 -14.13 0.29 -3.85
N GLN A 56 -15.09 0.86 -4.56
CA GLN A 56 -16.42 0.26 -4.67
C GLN A 56 -16.34 -1.10 -5.35
N GLU A 57 -15.50 -1.21 -6.37
CA GLU A 57 -15.33 -2.46 -7.11
C GLU A 57 -14.81 -3.56 -6.19
N TYR A 58 -13.83 -3.22 -5.37
CA TYR A 58 -13.23 -4.19 -4.45
C TYR A 58 -14.18 -4.48 -3.29
N ILE A 59 -14.74 -3.43 -2.70
CA ILE A 59 -15.66 -3.58 -1.58
C ILE A 59 -16.90 -4.38 -2.00
N ARG A 60 -17.50 -3.99 -3.12
CA ARG A 60 -18.69 -4.68 -3.62
C ARG A 60 -18.40 -6.15 -3.86
N GLN A 61 -17.24 -6.44 -4.45
CA GLN A 61 -16.86 -7.82 -4.74
C GLN A 61 -16.30 -8.50 -3.49
N LYS A 62 -15.87 -7.69 -2.53
CA LYS A 62 -15.31 -8.21 -1.29
C LYS A 62 -16.34 -8.16 -0.16
N ASN A 63 -16.59 -6.96 0.36
CA ASN A 63 -17.55 -6.78 1.44
C ASN A 63 -18.97 -6.74 0.89
N LYS A 64 -19.26 -7.62 -0.06
CA LYS A 64 -20.59 -7.69 -0.66
C LYS A 64 -21.23 -6.30 -0.74
N GLY A 65 -20.39 -5.28 -0.95
CA GLY A 65 -20.89 -3.92 -1.04
C GLY A 65 -21.24 -3.35 0.31
N ALA A 66 -20.29 -3.39 1.24
CA ALA A 66 -20.51 -2.86 2.58
C ALA A 66 -19.37 -1.95 3.01
N LYS A 67 -19.69 -0.70 3.31
CA LYS A 67 -18.69 0.27 3.74
C LYS A 67 -17.59 -0.40 4.55
N LEU A 68 -16.37 0.11 4.42
CA LEU A 68 -15.23 -0.44 5.15
C LEU A 68 -15.23 0.03 6.60
N LYS A 69 -14.24 -0.42 7.36
CA LYS A 69 -14.13 -0.04 8.77
C LYS A 69 -12.77 0.61 9.04
N VAL A 70 -12.63 1.15 10.25
CA VAL A 70 -11.38 1.81 10.64
C VAL A 70 -10.45 0.82 11.35
N GLY A 71 -9.16 0.92 11.05
CA GLY A 71 -8.19 0.04 11.66
C GLY A 71 -7.98 -1.24 10.87
N GLN A 72 -8.94 -1.58 10.02
CA GLN A 72 -8.85 -2.78 9.20
C GLN A 72 -7.66 -2.70 8.24
N TYR A 73 -7.08 -3.85 7.95
CA TYR A 73 -5.93 -3.91 7.04
C TYR A 73 -6.38 -3.87 5.59
N LEU A 74 -5.82 -2.95 4.82
CA LEU A 74 -6.16 -2.81 3.41
C LEU A 74 -4.91 -2.86 2.54
N ASN A 75 -5.03 -3.53 1.40
CA ASN A 75 -3.90 -3.66 0.47
C ASN A 75 -4.10 -2.76 -0.75
N CYS A 76 -3.04 -2.07 -1.15
CA CYS A 76 -3.09 -1.18 -2.31
C CYS A 76 -1.73 -1.07 -2.98
N ILE A 77 -1.72 -0.59 -4.22
CA ILE A 77 -0.48 -0.43 -4.97
C ILE A 77 -0.32 1.00 -5.46
N VAL A 78 0.91 1.50 -5.42
CA VAL A 78 1.20 2.87 -5.86
C VAL A 78 1.06 2.98 -7.37
N GLU A 79 0.18 3.87 -7.81
CA GLU A 79 -0.05 4.08 -9.23
C GLU A 79 0.69 5.32 -9.74
N LYS A 80 0.68 6.36 -8.91
CA LYS A 80 1.35 7.61 -9.26
C LYS A 80 1.96 8.28 -8.02
N VAL A 81 3.14 8.86 -8.19
CA VAL A 81 3.81 9.52 -7.08
C VAL A 81 4.07 11.00 -7.39
N LYS A 82 3.71 11.87 -6.45
CA LYS A 82 3.89 13.30 -6.63
C LYS A 82 5.31 13.71 -6.29
N GLY A 83 5.82 14.71 -7.01
CA GLY A 83 7.18 15.18 -6.77
C GLY A 83 7.49 15.34 -5.30
N ASN A 84 6.86 16.32 -4.66
CA ASN A 84 7.07 16.58 -3.24
C ASN A 84 6.18 15.67 -2.39
N GLY A 85 6.03 14.43 -2.82
CA GLY A 85 5.20 13.48 -2.07
C GLY A 85 3.95 14.14 -1.51
N GLY A 86 3.40 15.10 -2.25
CA GLY A 86 2.20 15.78 -1.80
C GLY A 86 0.99 14.87 -1.77
N VAL A 87 0.71 14.21 -2.89
CA VAL A 87 -0.43 13.31 -2.99
C VAL A 87 -0.02 11.98 -3.61
N VAL A 88 -0.62 10.90 -3.11
CA VAL A 88 -0.32 9.56 -3.61
C VAL A 88 -1.59 8.82 -4.03
N SER A 89 -1.52 8.10 -5.14
CA SER A 89 -2.67 7.35 -5.65
C SER A 89 -2.58 5.89 -5.24
N LEU A 90 -3.72 5.30 -4.91
CA LEU A 90 -3.77 3.89 -4.52
C LEU A 90 -4.74 3.12 -5.40
N SER A 91 -4.39 1.86 -5.68
CA SER A 91 -5.23 1.01 -6.52
C SER A 91 -5.19 -0.43 -6.02
N VAL A 92 -6.27 -1.16 -6.29
CA VAL A 92 -6.37 -2.56 -5.87
C VAL A 92 -5.59 -3.47 -6.81
N GLY A 93 -4.94 -4.48 -6.24
CA GLY A 93 -4.16 -5.40 -7.05
C GLY A 93 -3.51 -6.49 -6.22
N HIS A 94 -3.87 -7.73 -6.48
CA HIS A 94 -3.32 -8.87 -5.76
C HIS A 94 -2.33 -9.65 -6.62
N SER A 95 -1.15 -9.06 -6.84
CA SER A 95 -0.12 -9.70 -7.65
C SER A 95 0.73 -10.64 -6.81
N GLU A 96 1.19 -11.73 -7.43
CA GLU A 96 2.01 -12.71 -6.74
C GLU A 96 3.28 -12.07 -6.20
N VAL A 97 3.26 -11.72 -4.91
CA VAL A 97 4.41 -11.10 -4.27
C VAL A 97 4.98 -11.99 -3.18
N SER A 98 4.30 -13.11 -2.92
CA SER A 98 4.73 -14.04 -1.89
C SER A 98 5.65 -15.11 -2.48
N THR A 99 6.65 -15.52 -1.71
CA THR A 99 7.59 -16.53 -2.16
C THR A 99 7.75 -16.52 -3.68
N ALA A 100 7.79 -15.32 -4.25
CA ALA A 100 7.93 -15.17 -5.69
C ALA A 100 9.31 -14.62 -6.05
N ILE A 101 10.21 -15.51 -6.43
CA ILE A 101 11.56 -15.12 -6.79
C ILE A 101 11.57 -14.32 -8.09
N ALA A 102 12.59 -13.47 -8.26
CA ALA A 102 12.71 -12.65 -9.44
C ALA A 102 13.39 -13.42 -10.58
N THR A 103 13.23 -14.74 -10.58
CA THR A 103 13.84 -15.59 -11.60
C THR A 103 12.91 -15.73 -12.80
N GLU A 104 13.51 -15.97 -13.97
CA GLU A 104 12.73 -16.14 -15.20
C GLU A 104 13.60 -16.68 -16.32
N GLN A 105 13.07 -17.67 -17.04
CA GLN A 105 13.81 -18.28 -18.15
C GLN A 105 13.87 -17.33 -19.34
N GLN A 106 15.02 -17.33 -20.01
CA GLN A 106 15.22 -16.48 -21.18
C GLN A 106 14.07 -16.62 -22.17
N SER A 107 13.50 -15.49 -22.57
CA SER A 107 12.38 -15.49 -23.52
C SER A 107 12.77 -14.83 -24.82
N TRP A 108 13.17 -15.63 -25.80
CA TRP A 108 13.57 -15.12 -27.10
C TRP A 108 12.39 -15.08 -28.06
N ASN A 109 12.15 -13.91 -28.64
CA ASN A 109 11.04 -13.74 -29.59
C ASN A 109 11.46 -12.87 -30.77
N LEU A 110 11.67 -13.51 -31.91
CA LEU A 110 12.07 -12.79 -33.12
C LEU A 110 10.85 -12.29 -33.89
N ASN A 111 11.04 -11.19 -34.62
CA ASN A 111 9.96 -10.61 -35.41
C ASN A 111 10.29 -10.61 -36.89
N ASN A 112 9.37 -11.10 -37.71
CA ASN A 112 9.57 -11.16 -39.15
C ASN A 112 8.98 -9.92 -39.83
N LEU A 113 9.79 -8.87 -39.93
CA LEU A 113 9.35 -7.63 -40.56
C LEU A 113 8.72 -7.90 -41.92
N SER A 114 8.17 -6.87 -42.54
CA SER A 114 7.55 -6.99 -43.84
C SER A 114 7.53 -5.66 -44.58
N GLY A 115 7.82 -5.68 -45.87
CA GLY A 115 7.85 -4.47 -46.66
C GLY A 115 8.74 -4.60 -47.89
N PRO A 116 8.82 -3.51 -48.67
CA PRO A 116 9.64 -3.48 -49.88
C PRO A 116 11.13 -3.50 -49.58
N SER A 117 11.48 -3.19 -48.34
CA SER A 117 12.88 -3.17 -47.92
C SER A 117 13.60 -4.43 -48.38
N SER A 118 14.86 -4.28 -48.77
CA SER A 118 15.67 -5.40 -49.23
C SER A 118 16.36 -6.09 -48.07
N GLY A 119 15.63 -6.26 -46.97
CA GLY A 119 16.20 -6.90 -45.79
C GLY A 119 16.07 -8.41 -45.85
N GLY A 1 27.82 -15.30 5.60
CA GLY A 1 28.49 -15.98 6.69
C GLY A 1 29.87 -15.40 6.96
N SER A 2 29.93 -14.10 7.25
CA SER A 2 31.20 -13.44 7.52
C SER A 2 32.08 -13.42 6.27
N SER A 3 31.50 -13.00 5.14
CA SER A 3 32.23 -12.95 3.89
C SER A 3 32.18 -11.54 3.30
N GLY A 4 31.00 -10.93 3.33
CA GLY A 4 30.82 -9.60 2.80
C GLY A 4 30.79 -8.53 3.88
N SER A 5 30.78 -7.28 3.47
CA SER A 5 30.75 -6.16 4.42
C SER A 5 29.40 -6.09 5.13
N SER A 6 29.43 -5.67 6.39
CA SER A 6 28.21 -5.57 7.19
C SER A 6 27.21 -4.62 6.53
N GLY A 7 27.67 -3.41 6.23
CA GLY A 7 26.81 -2.43 5.61
C GLY A 7 27.30 -2.01 4.23
N LYS A 8 26.39 -1.98 3.26
CA LYS A 8 26.74 -1.60 1.89
C LYS A 8 26.60 -0.09 1.70
N ASN A 9 25.43 0.44 2.07
CA ASN A 9 25.17 1.87 1.94
C ASN A 9 25.00 2.52 3.31
N VAL A 10 25.81 3.53 3.59
CA VAL A 10 25.74 4.24 4.86
C VAL A 10 24.34 4.76 5.12
N ASN A 11 23.54 4.87 4.06
CA ASN A 11 22.18 5.35 4.17
C ASN A 11 21.42 5.18 2.85
N ARG A 12 20.22 4.61 2.94
CA ARG A 12 19.40 4.38 1.75
C ARG A 12 18.49 5.57 1.49
N VAL A 13 18.40 5.97 0.21
CA VAL A 13 17.56 7.09 -0.18
C VAL A 13 16.35 6.62 -0.99
N LEU A 14 15.40 6.01 -0.30
CA LEU A 14 14.19 5.51 -0.95
C LEU A 14 12.97 6.29 -0.50
N SER A 15 13.18 7.55 -0.11
CA SER A 15 12.10 8.40 0.35
C SER A 15 10.89 8.31 -0.60
N ALA A 16 9.79 8.94 -0.20
CA ALA A 16 8.58 8.93 -1.01
C ALA A 16 8.88 9.34 -2.45
N GLU A 17 9.79 10.30 -2.60
CA GLU A 17 10.15 10.77 -3.93
C GLU A 17 10.92 9.71 -4.71
N ALA A 18 11.70 8.91 -3.98
CA ALA A 18 12.49 7.85 -4.59
C ALA A 18 11.60 6.69 -5.02
N LEU A 19 10.50 6.49 -4.31
CA LEU A 19 9.56 5.41 -4.61
C LEU A 19 9.08 5.50 -6.06
N LYS A 20 8.77 4.35 -6.65
CA LYS A 20 8.30 4.30 -8.02
C LYS A 20 6.91 3.68 -8.09
N PRO A 21 6.11 4.12 -9.07
CA PRO A 21 4.74 3.62 -9.28
C PRO A 21 4.72 2.18 -9.77
N GLY A 22 4.14 1.30 -8.95
CA GLY A 22 4.06 -0.10 -9.31
C GLY A 22 4.38 -1.02 -8.15
N MET A 23 4.88 -0.45 -7.06
CA MET A 23 5.22 -1.22 -5.88
C MET A 23 3.98 -1.56 -5.05
N LEU A 24 3.94 -2.77 -4.53
CA LEU A 24 2.80 -3.21 -3.72
C LEU A 24 3.07 -2.99 -2.23
N LEU A 25 2.20 -2.22 -1.59
CA LEU A 25 2.34 -1.94 -0.16
C LEU A 25 1.01 -2.16 0.57
N THR A 26 1.07 -2.99 1.61
CA THR A 26 -0.12 -3.30 2.40
C THR A 26 -0.25 -2.36 3.58
N GLY A 27 -1.34 -1.61 3.62
CA GLY A 27 -1.56 -0.67 4.72
C GLY A 27 -2.90 -0.89 5.40
N THR A 28 -3.17 -0.09 6.43
CA THR A 28 -4.42 -0.21 7.17
C THR A 28 -5.22 1.08 7.09
N VAL A 29 -6.53 0.94 6.94
CA VAL A 29 -7.42 2.10 6.84
C VAL A 29 -7.35 2.95 8.10
N SER A 30 -7.25 4.27 7.91
CA SER A 30 -7.18 5.19 9.04
C SER A 30 -8.46 6.01 9.16
N SER A 31 -9.07 6.32 8.02
CA SER A 31 -10.30 7.10 7.98
C SER A 31 -11.08 6.84 6.70
N LEU A 32 -12.38 7.08 6.75
CA LEU A 32 -13.24 6.87 5.58
C LEU A 32 -13.82 8.20 5.09
N GLU A 33 -13.82 8.37 3.77
CA GLU A 33 -14.35 9.60 3.17
C GLU A 33 -15.42 9.28 2.14
N ASP A 34 -16.18 10.30 1.75
CA ASP A 34 -17.25 10.13 0.76
C ASP A 34 -16.67 10.11 -0.65
N HIS A 35 -15.52 10.76 -0.83
CA HIS A 35 -14.86 10.82 -2.14
C HIS A 35 -13.84 9.70 -2.28
N GLY A 36 -13.44 9.12 -1.14
CA GLY A 36 -12.46 8.05 -1.17
C GLY A 36 -12.19 7.49 0.21
N TYR A 37 -11.07 6.78 0.34
CA TYR A 37 -10.69 6.18 1.63
C TYR A 37 -9.23 6.45 1.94
N LEU A 38 -8.93 6.74 3.20
CA LEU A 38 -7.57 7.01 3.62
C LEU A 38 -6.85 5.73 4.01
N VAL A 39 -5.64 5.54 3.48
CA VAL A 39 -4.86 4.34 3.77
C VAL A 39 -3.59 4.70 4.54
N ASP A 40 -3.34 3.97 5.62
CA ASP A 40 -2.16 4.21 6.45
C ASP A 40 -0.92 3.55 5.82
N ILE A 41 0.18 4.30 5.78
CA ILE A 41 1.42 3.80 5.22
C ILE A 41 2.57 3.91 6.22
N GLY A 42 2.41 4.80 7.20
CA GLY A 42 3.43 4.98 8.20
C GLY A 42 4.59 5.82 7.71
N VAL A 43 4.26 6.96 7.09
CA VAL A 43 5.28 7.87 6.56
C VAL A 43 5.06 9.29 7.06
N ASP A 44 6.14 9.94 7.47
CA ASP A 44 6.07 11.31 7.96
C ASP A 44 6.22 12.31 6.82
N GLY A 45 5.12 12.95 6.45
CA GLY A 45 5.15 13.92 5.38
C GLY A 45 4.69 13.34 4.05
N THR A 46 3.70 12.46 4.11
CA THR A 46 3.17 11.83 2.91
C THR A 46 1.71 11.43 3.10
N ARG A 47 0.85 11.89 2.20
CA ARG A 47 -0.58 11.57 2.27
C ARG A 47 -1.00 10.71 1.08
N ALA A 48 -1.72 9.64 1.37
CA ALA A 48 -2.18 8.73 0.32
C ALA A 48 -3.71 8.68 0.29
N PHE A 49 -4.27 8.76 -0.92
CA PHE A 49 -5.72 8.72 -1.09
C PHE A 49 -6.11 7.65 -2.10
N LEU A 50 -7.21 6.95 -1.81
CA LEU A 50 -7.70 5.89 -2.68
C LEU A 50 -9.05 6.27 -3.30
N PRO A 51 -9.15 6.13 -4.62
CA PRO A 51 -10.39 6.44 -5.35
C PRO A 51 -11.51 5.46 -5.06
N LEU A 52 -12.74 5.96 -5.06
CA LEU A 52 -13.91 5.12 -4.79
C LEU A 52 -14.04 4.03 -5.84
N LEU A 53 -13.41 4.22 -6.99
CA LEU A 53 -13.45 3.25 -8.07
C LEU A 53 -12.83 1.93 -7.65
N LYS A 54 -11.67 2.01 -6.98
CA LYS A 54 -10.98 0.82 -6.52
C LYS A 54 -11.50 0.37 -5.16
N ALA A 55 -11.76 1.33 -4.28
CA ALA A 55 -12.27 1.04 -2.95
C ALA A 55 -13.67 0.44 -3.02
N GLN A 56 -14.54 1.07 -3.80
CA GLN A 56 -15.92 0.60 -3.96
C GLN A 56 -15.95 -0.78 -4.60
N GLU A 57 -15.04 -1.00 -5.57
CA GLU A 57 -14.96 -2.27 -6.26
C GLU A 57 -14.54 -3.39 -5.31
N TYR A 58 -13.56 -3.09 -4.46
CA TYR A 58 -13.06 -4.07 -3.50
C TYR A 58 -14.07 -4.30 -2.37
N ILE A 59 -14.71 -3.22 -1.94
CA ILE A 59 -15.69 -3.30 -0.87
C ILE A 59 -16.95 -4.04 -1.34
N ARG A 60 -17.37 -3.77 -2.57
CA ARG A 60 -18.56 -4.40 -3.13
C ARG A 60 -18.30 -5.88 -3.41
N GLN A 61 -17.07 -6.19 -3.82
CA GLN A 61 -16.70 -7.57 -4.13
C GLN A 61 -16.39 -8.34 -2.84
N LYS A 62 -15.70 -7.69 -1.91
CA LYS A 62 -15.35 -8.31 -0.64
C LYS A 62 -16.39 -8.00 0.43
N ASN A 63 -16.65 -6.72 0.65
CA ASN A 63 -17.63 -6.30 1.64
C ASN A 63 -19.05 -6.38 1.09
N LYS A 64 -19.21 -7.14 0.02
CA LYS A 64 -20.51 -7.31 -0.62
C LYS A 64 -21.29 -6.00 -0.61
N GLY A 65 -20.56 -4.89 -0.60
CA GLY A 65 -21.20 -3.59 -0.60
C GLY A 65 -21.59 -3.13 0.79
N ALA A 66 -20.60 -2.86 1.63
CA ALA A 66 -20.85 -2.42 2.99
C ALA A 66 -19.78 -1.45 3.47
N LYS A 67 -20.15 -0.56 4.38
CA LYS A 67 -19.22 0.43 4.91
C LYS A 67 -17.95 -0.24 5.42
N LEU A 68 -16.86 0.51 5.45
CA LEU A 68 -15.58 0.00 5.92
C LEU A 68 -15.36 0.34 7.39
N LYS A 69 -14.31 -0.23 7.98
CA LYS A 69 -13.99 0.03 9.38
C LYS A 69 -12.52 0.42 9.54
N VAL A 70 -12.29 1.48 10.30
CA VAL A 70 -10.93 1.97 10.53
C VAL A 70 -10.07 0.91 11.22
N GLY A 71 -8.85 0.74 10.74
CA GLY A 71 -7.95 -0.24 11.32
C GLY A 71 -7.85 -1.50 10.48
N GLN A 72 -8.87 -1.75 9.66
CA GLN A 72 -8.88 -2.93 8.81
C GLN A 72 -7.74 -2.89 7.80
N TYR A 73 -7.23 -4.06 7.43
CA TYR A 73 -6.13 -4.16 6.49
C TYR A 73 -6.65 -4.05 5.05
N LEU A 74 -6.07 -3.14 4.29
CA LEU A 74 -6.46 -2.94 2.90
C LEU A 74 -5.25 -3.00 1.97
N ASN A 75 -5.40 -3.68 0.84
CA ASN A 75 -4.33 -3.81 -0.12
C ASN A 75 -4.29 -2.60 -1.06
N CYS A 76 -3.10 -2.04 -1.24
CA CYS A 76 -2.92 -0.88 -2.10
C CYS A 76 -1.56 -0.91 -2.80
N ILE A 77 -1.48 -0.28 -3.97
CA ILE A 77 -0.24 -0.24 -4.72
C ILE A 77 0.04 1.16 -5.25
N VAL A 78 1.32 1.51 -5.34
CA VAL A 78 1.72 2.83 -5.84
C VAL A 78 1.39 2.98 -7.31
N GLU A 79 0.62 4.03 -7.62
CA GLU A 79 0.23 4.30 -9.01
C GLU A 79 1.02 5.47 -9.59
N LYS A 80 1.15 6.53 -8.80
CA LYS A 80 1.88 7.71 -9.23
C LYS A 80 2.59 8.38 -8.05
N VAL A 81 3.57 9.21 -8.35
CA VAL A 81 4.32 9.91 -7.30
C VAL A 81 4.22 11.42 -7.49
N LYS A 82 3.88 12.12 -6.41
CA LYS A 82 3.75 13.57 -6.44
C LYS A 82 4.90 14.24 -5.68
N GLY A 83 5.70 15.02 -6.39
CA GLY A 83 6.82 15.71 -5.77
C GLY A 83 6.44 16.38 -4.48
N ASN A 84 7.42 16.61 -3.62
CA ASN A 84 7.18 17.26 -2.33
C ASN A 84 6.18 16.45 -1.50
N GLY A 85 6.10 15.15 -1.76
CA GLY A 85 5.19 14.30 -1.04
C GLY A 85 3.84 14.94 -0.81
N GLY A 86 3.30 15.55 -1.86
CA GLY A 86 2.00 16.20 -1.76
C GLY A 86 0.85 15.22 -1.70
N VAL A 87 0.57 14.59 -2.83
CA VAL A 87 -0.52 13.60 -2.90
C VAL A 87 -0.04 12.30 -3.53
N VAL A 88 -0.42 11.19 -2.91
CA VAL A 88 -0.02 9.88 -3.41
C VAL A 88 -1.24 9.09 -3.92
N SER A 89 -1.08 8.46 -5.07
CA SER A 89 -2.16 7.69 -5.67
C SER A 89 -1.97 6.20 -5.41
N LEU A 90 -2.90 5.61 -4.67
CA LEU A 90 -2.85 4.19 -4.34
C LEU A 90 -4.02 3.44 -4.95
N SER A 91 -3.85 2.14 -5.15
CA SER A 91 -4.90 1.31 -5.73
C SER A 91 -4.77 -0.14 -5.26
N VAL A 92 -5.92 -0.78 -5.02
CA VAL A 92 -5.93 -2.16 -4.56
C VAL A 92 -5.78 -3.14 -5.72
N GLY A 93 -5.08 -4.23 -5.49
CA GLY A 93 -4.87 -5.22 -6.53
C GLY A 93 -5.05 -6.64 -6.03
N HIS A 94 -6.16 -7.26 -6.39
CA HIS A 94 -6.44 -8.63 -5.97
C HIS A 94 -5.17 -9.48 -5.95
N SER A 95 -5.01 -10.28 -4.91
CA SER A 95 -3.83 -11.13 -4.76
C SER A 95 -4.16 -12.38 -3.94
N GLU A 96 -3.41 -13.45 -4.20
CA GLU A 96 -3.62 -14.71 -3.48
C GLU A 96 -5.10 -15.09 -3.49
N VAL A 97 -5.76 -14.86 -4.61
CA VAL A 97 -7.18 -15.19 -4.74
C VAL A 97 -7.45 -16.63 -4.33
N SER A 98 -6.56 -17.53 -4.72
CA SER A 98 -6.70 -18.94 -4.39
C SER A 98 -7.22 -19.12 -2.96
N THR A 99 -6.70 -18.32 -2.04
CA THR A 99 -7.10 -18.38 -0.65
C THR A 99 -7.44 -19.80 -0.24
N ALA A 100 -6.63 -20.76 -0.70
CA ALA A 100 -6.85 -22.16 -0.38
C ALA A 100 -6.10 -22.56 0.89
N ILE A 101 -6.01 -21.63 1.83
CA ILE A 101 -5.31 -21.88 3.09
C ILE A 101 -6.22 -22.61 4.08
N ALA A 102 -5.61 -23.33 5.01
CA ALA A 102 -6.36 -24.07 6.02
C ALA A 102 -6.33 -23.35 7.36
N THR A 103 -7.43 -22.66 7.67
CA THR A 103 -7.53 -21.93 8.93
C THR A 103 -8.91 -22.08 9.55
N GLU A 104 -9.06 -21.63 10.79
CA GLU A 104 -10.33 -21.71 11.49
C GLU A 104 -10.29 -20.92 12.79
N GLN A 105 -11.39 -20.24 13.10
CA GLN A 105 -11.48 -19.44 14.32
C GLN A 105 -12.91 -19.41 14.85
N GLN A 106 -13.05 -19.49 16.17
CA GLN A 106 -14.36 -19.47 16.79
C GLN A 106 -14.82 -18.04 17.07
N SER A 107 -16.13 -17.83 17.07
CA SER A 107 -16.70 -16.51 17.32
C SER A 107 -17.77 -16.56 18.40
N TRP A 108 -17.52 -15.88 19.51
CA TRP A 108 -18.46 -15.85 20.63
C TRP A 108 -19.88 -15.66 20.13
N ASN A 109 -20.84 -16.19 20.88
CA ASN A 109 -22.25 -16.07 20.52
C ASN A 109 -22.67 -14.60 20.42
N LEU A 110 -23.61 -14.32 19.54
CA LEU A 110 -24.11 -12.96 19.35
C LEU A 110 -25.60 -12.88 19.64
N ASN A 111 -25.95 -12.63 20.90
CA ASN A 111 -27.35 -12.53 21.30
C ASN A 111 -27.48 -11.82 22.65
N ASN A 112 -28.37 -10.84 22.71
CA ASN A 112 -28.59 -10.08 23.93
C ASN A 112 -28.43 -10.97 25.16
N LEU A 113 -29.03 -12.16 25.11
CA LEU A 113 -28.96 -13.11 26.21
C LEU A 113 -27.84 -14.10 26.00
N SER A 114 -26.92 -14.17 26.97
CA SER A 114 -25.78 -15.07 26.89
C SER A 114 -26.20 -16.41 26.27
N GLY A 115 -25.63 -16.73 25.11
CA GLY A 115 -25.96 -17.97 24.44
C GLY A 115 -25.15 -19.14 24.96
N PRO A 116 -25.76 -20.33 24.98
CA PRO A 116 -25.09 -21.55 25.45
C PRO A 116 -24.00 -22.02 24.50
N SER A 117 -23.44 -23.19 24.78
CA SER A 117 -22.38 -23.75 23.96
C SER A 117 -22.87 -25.00 23.21
N SER A 118 -22.25 -25.25 22.06
CA SER A 118 -22.63 -26.41 21.24
C SER A 118 -22.84 -27.65 22.11
N GLY A 119 -23.92 -28.37 21.84
CA GLY A 119 -24.22 -29.57 22.60
C GLY A 119 -23.02 -30.49 22.72
N GLY A 1 10.67 17.70 19.78
CA GLY A 1 12.01 17.18 19.75
C GLY A 1 12.15 15.96 18.85
N SER A 2 11.68 16.09 17.62
CA SER A 2 11.75 15.00 16.65
C SER A 2 12.00 15.53 15.25
N SER A 3 13.01 14.98 14.58
CA SER A 3 13.37 15.40 13.24
C SER A 3 14.09 14.28 12.49
N GLY A 4 14.33 14.50 11.20
CA GLY A 4 15.02 13.50 10.40
C GLY A 4 14.39 12.13 10.52
N SER A 5 13.27 11.93 9.85
CA SER A 5 12.57 10.65 9.88
C SER A 5 12.44 10.04 8.49
N SER A 6 12.14 10.89 7.52
CA SER A 6 11.99 10.45 6.14
C SER A 6 13.00 11.14 5.22
N GLY A 7 12.81 12.43 5.02
CA GLY A 7 13.72 13.18 4.17
C GLY A 7 15.14 13.17 4.69
N LYS A 8 16.05 13.77 3.93
CA LYS A 8 17.46 13.83 4.31
C LYS A 8 17.92 12.48 4.86
N ASN A 9 17.62 11.42 4.12
CA ASN A 9 18.00 10.07 4.54
C ASN A 9 19.47 9.80 4.19
N VAL A 10 19.93 8.61 4.54
CA VAL A 10 21.31 8.22 4.27
C VAL A 10 21.38 6.87 3.55
N ASN A 11 21.05 6.89 2.25
CA ASN A 11 21.07 5.67 1.45
C ASN A 11 20.64 4.46 2.28
N ARG A 12 19.56 4.63 3.03
CA ARG A 12 19.02 3.56 3.87
C ARG A 12 17.91 2.81 3.16
N VAL A 13 18.07 2.62 1.86
CA VAL A 13 17.08 1.91 1.06
C VAL A 13 15.66 2.29 1.48
N LEU A 14 15.52 3.49 2.02
CA LEU A 14 14.21 3.98 2.47
C LEU A 14 14.06 5.46 2.16
N SER A 15 13.00 5.80 1.42
CA SER A 15 12.74 7.19 1.05
C SER A 15 11.30 7.36 0.57
N ALA A 16 10.96 8.57 0.15
CA ALA A 16 9.62 8.87 -0.33
C ALA A 16 9.66 9.48 -1.73
N GLU A 17 10.77 10.14 -2.05
CA GLU A 17 10.93 10.78 -3.35
C GLU A 17 11.64 9.84 -4.32
N ALA A 18 12.44 8.93 -3.78
CA ALA A 18 13.18 7.97 -4.60
C ALA A 18 12.34 6.74 -4.90
N LEU A 19 11.08 6.79 -4.49
CA LEU A 19 10.17 5.66 -4.71
C LEU A 19 9.74 5.58 -6.18
N LYS A 20 8.85 4.65 -6.48
CA LYS A 20 8.37 4.47 -7.84
C LYS A 20 7.04 3.73 -7.85
N PRO A 21 6.21 3.98 -8.88
CA PRO A 21 4.90 3.35 -9.04
C PRO A 21 5.02 1.87 -9.36
N GLY A 22 4.24 1.04 -8.65
CA GLY A 22 4.26 -0.39 -8.88
C GLY A 22 4.66 -1.16 -7.64
N MET A 23 5.14 -0.45 -6.62
CA MET A 23 5.55 -1.08 -5.38
C MET A 23 4.34 -1.53 -4.56
N LEU A 24 4.33 -2.80 -4.16
CA LEU A 24 3.24 -3.36 -3.38
C LEU A 24 3.48 -3.17 -1.89
N LEU A 25 2.64 -2.34 -1.27
CA LEU A 25 2.77 -2.07 0.16
C LEU A 25 1.43 -2.26 0.86
N THR A 26 1.45 -2.93 2.01
CA THR A 26 0.25 -3.18 2.78
C THR A 26 0.00 -2.07 3.80
N GLY A 27 -1.11 -1.36 3.63
CA GLY A 27 -1.44 -0.28 4.54
C GLY A 27 -2.76 -0.50 5.25
N THR A 28 -2.92 0.11 6.42
CA THR A 28 -4.14 -0.02 7.20
C THR A 28 -4.99 1.25 7.12
N VAL A 29 -6.28 1.07 6.87
CA VAL A 29 -7.20 2.19 6.76
C VAL A 29 -7.25 2.98 8.07
N SER A 30 -6.90 4.26 7.99
CA SER A 30 -6.91 5.12 9.17
C SER A 30 -8.30 5.72 9.40
N SER A 31 -8.91 6.22 8.33
CA SER A 31 -10.23 6.82 8.42
C SER A 31 -10.93 6.79 7.06
N LEU A 32 -12.25 6.83 7.08
CA LEU A 32 -13.04 6.80 5.85
C LEU A 32 -13.57 8.19 5.52
N GLU A 33 -13.53 8.53 4.23
CA GLU A 33 -14.00 9.84 3.78
C GLU A 33 -15.05 9.69 2.68
N ASP A 34 -15.82 10.74 2.46
CA ASP A 34 -16.86 10.73 1.43
C ASP A 34 -16.26 10.76 0.03
N HIS A 35 -15.00 11.18 -0.05
CA HIS A 35 -14.31 11.28 -1.33
C HIS A 35 -13.52 9.99 -1.61
N GLY A 36 -12.89 9.46 -0.56
CA GLY A 36 -12.11 8.25 -0.71
C GLY A 36 -11.76 7.62 0.62
N TYR A 37 -10.77 6.74 0.61
CA TYR A 37 -10.33 6.06 1.84
C TYR A 37 -8.87 6.36 2.13
N LEU A 38 -8.60 6.76 3.37
CA LEU A 38 -7.24 7.07 3.79
C LEU A 38 -6.51 5.81 4.26
N VAL A 39 -5.27 5.64 3.80
CA VAL A 39 -4.47 4.49 4.17
C VAL A 39 -3.23 4.91 4.96
N ASP A 40 -2.90 4.14 5.99
CA ASP A 40 -1.74 4.44 6.82
C ASP A 40 -0.46 3.85 6.21
N ILE A 41 0.57 4.68 6.09
CA ILE A 41 1.84 4.26 5.52
C ILE A 41 2.99 4.50 6.50
N GLY A 42 2.69 5.20 7.58
CA GLY A 42 3.71 5.49 8.58
C GLY A 42 4.77 6.45 8.06
N VAL A 43 4.33 7.60 7.54
CA VAL A 43 5.24 8.60 7.01
C VAL A 43 4.69 10.00 7.23
N ASP A 44 5.57 10.90 7.69
CA ASP A 44 5.18 12.28 7.93
C ASP A 44 5.31 13.12 6.67
N GLY A 45 4.18 13.52 6.10
CA GLY A 45 4.20 14.33 4.90
C GLY A 45 3.49 13.66 3.74
N THR A 46 3.82 12.39 3.49
CA THR A 46 3.22 11.64 2.40
C THR A 46 1.75 11.36 2.69
N ARG A 47 0.89 11.77 1.76
CA ARG A 47 -0.55 11.57 1.90
C ARG A 47 -1.06 10.56 0.88
N ALA A 48 -1.83 9.58 1.36
CA ALA A 48 -2.39 8.55 0.50
C ALA A 48 -3.90 8.64 0.45
N PHE A 49 -4.46 8.54 -0.76
CA PHE A 49 -5.90 8.61 -0.94
C PHE A 49 -6.39 7.48 -1.84
N LEU A 50 -7.58 6.94 -1.52
CA LEU A 50 -8.15 5.85 -2.29
C LEU A 50 -9.42 6.31 -3.01
N PRO A 51 -9.45 6.09 -4.34
CA PRO A 51 -10.60 6.47 -5.17
C PRO A 51 -11.82 5.60 -4.89
N LEU A 52 -12.96 6.24 -4.65
CA LEU A 52 -14.21 5.53 -4.38
C LEU A 52 -14.63 4.69 -5.57
N LEU A 53 -14.03 4.97 -6.73
CA LEU A 53 -14.34 4.24 -7.95
C LEU A 53 -13.74 2.83 -7.91
N LYS A 54 -12.48 2.74 -7.49
CA LYS A 54 -11.79 1.46 -7.40
C LYS A 54 -12.14 0.75 -6.09
N ALA A 55 -12.28 1.52 -5.02
CA ALA A 55 -12.61 0.96 -3.72
C ALA A 55 -14.00 0.32 -3.72
N GLN A 56 -14.89 0.88 -4.54
CA GLN A 56 -16.25 0.37 -4.64
C GLN A 56 -16.26 -1.05 -5.21
N GLU A 57 -15.43 -1.29 -6.21
CA GLU A 57 -15.34 -2.60 -6.84
C GLU A 57 -14.85 -3.65 -5.85
N TYR A 58 -13.83 -3.28 -5.07
CA TYR A 58 -13.26 -4.19 -4.08
C TYR A 58 -14.21 -4.37 -2.90
N ILE A 59 -14.88 -3.30 -2.52
CA ILE A 59 -15.82 -3.34 -1.40
C ILE A 59 -17.06 -4.15 -1.76
N ARG A 60 -17.60 -3.90 -2.95
CA ARG A 60 -18.79 -4.61 -3.41
C ARG A 60 -18.52 -6.11 -3.52
N GLN A 61 -17.34 -6.46 -4.01
CA GLN A 61 -16.97 -7.85 -4.17
C GLN A 61 -16.49 -8.44 -2.84
N LYS A 62 -16.08 -7.57 -1.93
CA LYS A 62 -15.61 -8.00 -0.63
C LYS A 62 -16.69 -7.85 0.43
N ASN A 63 -17.01 -6.61 0.78
CA ASN A 63 -18.04 -6.34 1.78
C ASN A 63 -19.43 -6.34 1.15
N LYS A 64 -19.61 -7.22 0.16
CA LYS A 64 -20.90 -7.32 -0.52
C LYS A 64 -21.54 -5.94 -0.69
N GLY A 65 -20.72 -4.92 -0.80
CA GLY A 65 -21.23 -3.57 -0.96
C GLY A 65 -21.61 -2.93 0.36
N ALA A 66 -20.61 -2.55 1.14
CA ALA A 66 -20.85 -1.93 2.45
C ALA A 66 -19.63 -1.11 2.90
N LYS A 67 -19.87 -0.11 3.73
CA LYS A 67 -18.81 0.74 4.23
C LYS A 67 -17.65 -0.09 4.75
N LEU A 68 -16.48 0.53 4.90
CA LEU A 68 -15.30 -0.15 5.40
C LEU A 68 -15.14 0.06 6.90
N LYS A 69 -14.06 -0.49 7.46
CA LYS A 69 -13.79 -0.36 8.89
C LYS A 69 -12.49 0.41 9.12
N VAL A 70 -12.20 0.68 10.39
CA VAL A 70 -10.98 1.40 10.76
C VAL A 70 -9.91 0.45 11.28
N GLY A 71 -8.66 0.75 10.95
CA GLY A 71 -7.56 -0.09 11.40
C GLY A 71 -7.48 -1.40 10.64
N GLN A 72 -8.48 -1.65 9.79
CA GLN A 72 -8.52 -2.87 9.00
C GLN A 72 -7.38 -2.90 7.98
N TYR A 73 -6.89 -4.10 7.69
CA TYR A 73 -5.80 -4.27 6.73
C TYR A 73 -6.31 -4.24 5.30
N LEU A 74 -5.72 -3.37 4.48
CA LEU A 74 -6.12 -3.25 3.09
C LEU A 74 -4.91 -3.36 2.17
N ASN A 75 -5.11 -4.00 1.02
CA ASN A 75 -4.03 -4.18 0.05
C ASN A 75 -4.12 -3.13 -1.06
N CYS A 76 -3.04 -2.39 -1.25
CA CYS A 76 -2.99 -1.35 -2.27
C CYS A 76 -1.63 -1.29 -2.93
N ILE A 77 -1.55 -0.64 -4.09
CA ILE A 77 -0.30 -0.51 -4.82
C ILE A 77 -0.13 0.90 -5.37
N VAL A 78 1.09 1.42 -5.27
CA VAL A 78 1.39 2.76 -5.76
C VAL A 78 1.24 2.84 -7.28
N GLU A 79 0.36 3.71 -7.73
CA GLU A 79 0.13 3.88 -9.16
C GLU A 79 0.75 5.18 -9.67
N LYS A 80 0.75 6.20 -8.81
CA LYS A 80 1.32 7.49 -9.17
C LYS A 80 1.99 8.14 -7.97
N VAL A 81 3.21 8.65 -8.18
CA VAL A 81 3.96 9.29 -7.12
C VAL A 81 4.25 10.76 -7.46
N LYS A 82 3.99 11.64 -6.51
CA LYS A 82 4.22 13.07 -6.70
C LYS A 82 5.66 13.44 -6.33
N GLY A 83 6.12 14.55 -6.87
CA GLY A 83 7.47 15.01 -6.60
C GLY A 83 7.65 15.44 -5.15
N ASN A 84 6.97 16.52 -4.78
CA ASN A 84 7.05 17.05 -3.42
C ASN A 84 6.12 16.29 -2.48
N GLY A 85 6.08 14.97 -2.64
CA GLY A 85 5.24 14.14 -1.81
C GLY A 85 3.88 14.77 -1.56
N GLY A 86 3.34 15.42 -2.58
CA GLY A 86 2.04 16.06 -2.45
C GLY A 86 0.93 15.07 -2.17
N VAL A 87 0.54 14.32 -3.19
CA VAL A 87 -0.53 13.33 -3.03
C VAL A 87 -0.12 11.99 -3.66
N VAL A 88 -0.39 10.90 -2.95
CA VAL A 88 -0.06 9.58 -3.42
C VAL A 88 -1.31 8.82 -3.87
N SER A 89 -1.20 8.10 -4.98
CA SER A 89 -2.30 7.34 -5.52
C SER A 89 -2.20 5.86 -5.15
N LEU A 90 -3.33 5.26 -4.80
CA LEU A 90 -3.35 3.84 -4.42
C LEU A 90 -4.29 3.06 -5.33
N SER A 91 -4.00 1.76 -5.48
CA SER A 91 -4.81 0.90 -6.33
C SER A 91 -4.60 -0.57 -5.96
N VAL A 92 -5.69 -1.34 -6.01
CA VAL A 92 -5.63 -2.76 -5.68
C VAL A 92 -5.13 -3.57 -6.86
N GLY A 93 -4.19 -4.49 -6.58
CA GLY A 93 -3.63 -5.31 -7.63
C GLY A 93 -2.98 -6.57 -7.09
N HIS A 94 -3.67 -7.70 -7.21
CA HIS A 94 -3.15 -8.97 -6.73
C HIS A 94 -2.10 -9.54 -7.70
N SER A 95 -1.01 -8.81 -7.87
CA SER A 95 0.05 -9.24 -8.77
C SER A 95 1.34 -9.53 -7.99
N GLU A 96 1.84 -10.76 -8.13
CA GLU A 96 3.05 -11.17 -7.44
C GLU A 96 4.29 -10.72 -8.22
N VAL A 97 4.87 -9.61 -7.80
CA VAL A 97 6.07 -9.07 -8.46
C VAL A 97 7.32 -9.35 -7.62
N SER A 98 7.34 -8.84 -6.40
CA SER A 98 8.47 -9.04 -5.51
C SER A 98 8.01 -9.54 -4.14
N THR A 99 8.57 -10.67 -3.71
CA THR A 99 8.22 -11.25 -2.42
C THR A 99 8.12 -10.18 -1.34
N ALA A 100 7.16 -10.36 -0.43
CA ALA A 100 6.96 -9.40 0.65
C ALA A 100 7.62 -9.89 1.94
N ILE A 101 7.45 -9.13 3.01
CA ILE A 101 8.04 -9.48 4.30
C ILE A 101 7.12 -10.41 5.08
N ALA A 102 7.71 -11.37 5.79
CA ALA A 102 6.95 -12.33 6.58
C ALA A 102 6.89 -11.90 8.04
N THR A 103 7.12 -10.62 8.29
CA THR A 103 7.08 -10.09 9.64
C THR A 103 6.51 -8.68 9.68
N GLU A 104 5.77 -8.36 10.74
CA GLU A 104 5.16 -7.05 10.88
C GLU A 104 5.60 -6.38 12.18
N GLN A 105 5.40 -5.07 12.26
CA GLN A 105 5.78 -4.32 13.45
C GLN A 105 4.55 -3.97 14.29
N GLN A 106 4.77 -3.72 15.57
CA GLN A 106 3.68 -3.38 16.48
C GLN A 106 2.97 -2.10 16.02
N SER A 107 1.71 -1.96 16.43
CA SER A 107 0.92 -0.79 16.07
C SER A 107 0.12 -0.27 17.26
N TRP A 108 0.35 0.97 17.63
CA TRP A 108 -0.34 1.58 18.75
C TRP A 108 -1.07 2.85 18.33
N ASN A 109 -2.29 3.03 18.82
CA ASN A 109 -3.08 4.20 18.48
C ASN A 109 -3.93 4.66 19.68
N LEU A 110 -3.84 5.95 20.00
CA LEU A 110 -4.59 6.50 21.11
C LEU A 110 -6.02 6.81 20.71
N ASN A 111 -6.84 7.21 21.68
CA ASN A 111 -8.24 7.55 21.42
C ASN A 111 -8.73 8.59 22.41
N ASN A 112 -9.01 9.79 21.92
CA ASN A 112 -9.51 10.88 22.75
C ASN A 112 -10.88 10.55 23.33
N LEU A 113 -11.77 10.08 22.47
CA LEU A 113 -13.13 9.72 22.90
C LEU A 113 -13.38 8.23 22.70
N SER A 114 -14.57 7.78 23.07
CA SER A 114 -14.94 6.38 22.95
C SER A 114 -16.44 6.23 22.70
N GLY A 115 -16.79 5.39 21.72
CA GLY A 115 -18.19 5.18 21.41
C GLY A 115 -18.60 3.72 21.53
N PRO A 116 -19.85 3.48 21.95
CA PRO A 116 -20.39 2.13 22.11
C PRO A 116 -20.59 1.41 20.78
N SER A 117 -21.16 0.22 20.84
CA SER A 117 -21.40 -0.56 19.63
C SER A 117 -22.68 -1.38 19.76
N SER A 118 -23.31 -1.69 18.63
CA SER A 118 -24.54 -2.46 18.61
C SER A 118 -24.28 -3.93 18.92
N GLY A 119 -25.18 -4.54 19.68
CA GLY A 119 -25.02 -5.95 20.03
C GLY A 119 -25.19 -6.19 21.51
N GLY A 1 -0.54 -20.01 6.29
CA GLY A 1 -0.37 -19.87 7.72
C GLY A 1 -0.95 -18.56 8.24
N SER A 2 -0.19 -17.88 9.08
CA SER A 2 -0.62 -16.62 9.66
C SER A 2 -0.58 -15.50 8.62
N SER A 3 -1.53 -14.58 8.71
CA SER A 3 -1.60 -13.46 7.78
C SER A 3 -0.70 -12.31 8.23
N GLY A 4 0.42 -12.14 7.53
CA GLY A 4 1.35 -11.08 7.87
C GLY A 4 2.10 -10.54 6.67
N SER A 5 1.56 -9.50 6.05
CA SER A 5 2.18 -8.90 4.87
C SER A 5 3.52 -8.29 5.23
N SER A 6 3.50 -7.30 6.12
CA SER A 6 4.72 -6.62 6.54
C SER A 6 5.82 -7.62 6.85
N GLY A 7 7.06 -7.15 6.95
CA GLY A 7 8.18 -8.02 7.25
C GLY A 7 9.49 -7.47 6.73
N LYS A 8 9.60 -7.37 5.41
CA LYS A 8 10.81 -6.86 4.77
C LYS A 8 11.38 -5.68 5.56
N ASN A 9 10.59 -4.63 5.68
CA ASN A 9 11.01 -3.43 6.41
C ASN A 9 9.82 -2.58 6.80
N VAL A 10 9.48 -2.60 8.09
CA VAL A 10 8.35 -1.82 8.60
C VAL A 10 8.57 -0.32 8.38
N ASN A 11 7.49 0.39 8.11
CA ASN A 11 7.56 1.83 7.88
C ASN A 11 8.80 2.19 7.08
N ARG A 12 9.02 1.47 5.99
CA ARG A 12 10.18 1.71 5.13
C ARG A 12 10.49 3.21 5.04
N VAL A 13 11.72 3.57 5.40
CA VAL A 13 12.14 4.96 5.36
C VAL A 13 11.97 5.56 3.97
N LEU A 14 11.86 4.68 2.98
CA LEU A 14 11.70 5.12 1.59
C LEU A 14 10.38 5.87 1.42
N SER A 15 10.48 7.18 1.19
CA SER A 15 9.29 8.01 1.01
C SER A 15 8.80 7.94 -0.43
N ALA A 16 7.66 8.56 -0.70
CA ALA A 16 7.09 8.57 -2.03
C ALA A 16 8.16 8.85 -3.09
N GLU A 17 9.01 9.83 -2.83
CA GLU A 17 10.07 10.19 -3.75
C GLU A 17 10.89 8.97 -4.15
N ALA A 18 11.39 8.25 -3.15
CA ALA A 18 12.19 7.06 -3.40
C ALA A 18 11.32 5.90 -3.89
N LEU A 19 10.02 5.98 -3.59
CA LEU A 19 9.08 4.94 -3.99
C LEU A 19 8.92 4.92 -5.51
N LYS A 20 8.02 4.07 -5.99
CA LYS A 20 7.76 3.95 -7.41
C LYS A 20 6.42 3.29 -7.68
N PRO A 21 5.78 3.66 -8.80
CA PRO A 21 4.48 3.11 -9.20
C PRO A 21 4.56 1.65 -9.61
N GLY A 22 4.02 0.77 -8.77
CA GLY A 22 4.06 -0.66 -9.07
C GLY A 22 4.39 -1.49 -7.85
N MET A 23 4.73 -0.82 -6.75
CA MET A 23 5.08 -1.52 -5.51
C MET A 23 3.84 -1.82 -4.69
N LEU A 24 3.82 -2.99 -4.05
CA LEU A 24 2.69 -3.39 -3.22
C LEU A 24 2.97 -3.12 -1.74
N LEU A 25 2.06 -2.38 -1.10
CA LEU A 25 2.20 -2.06 0.31
C LEU A 25 0.91 -2.32 1.06
N THR A 26 1.00 -3.11 2.13
CA THR A 26 -0.16 -3.43 2.94
C THR A 26 -0.25 -2.55 4.17
N GLY A 27 -1.33 -1.79 4.28
CA GLY A 27 -1.51 -0.90 5.42
C GLY A 27 -2.88 -1.04 6.06
N THR A 28 -3.25 -0.09 6.90
CA THR A 28 -4.54 -0.11 7.58
C THR A 28 -5.26 1.22 7.42
N VAL A 29 -6.57 1.15 7.18
CA VAL A 29 -7.39 2.35 7.02
C VAL A 29 -7.35 3.21 8.27
N SER A 30 -7.04 4.50 8.10
CA SER A 30 -6.98 5.43 9.22
C SER A 30 -8.35 6.03 9.50
N SER A 31 -9.02 6.47 8.45
CA SER A 31 -10.34 7.08 8.58
C SER A 31 -11.12 6.97 7.27
N LEU A 32 -12.45 7.01 7.38
CA LEU A 32 -13.31 6.92 6.20
C LEU A 32 -13.65 8.30 5.66
N GLU A 33 -13.15 8.61 4.47
CA GLU A 33 -13.40 9.89 3.84
C GLU A 33 -14.60 9.82 2.90
N ASP A 34 -15.38 10.90 2.86
CA ASP A 34 -16.56 10.96 2.00
C ASP A 34 -16.16 10.96 0.53
N HIS A 35 -14.90 11.29 0.26
CA HIS A 35 -14.40 11.33 -1.11
C HIS A 35 -13.63 10.06 -1.44
N GLY A 36 -13.02 9.45 -0.42
CA GLY A 36 -12.26 8.24 -0.62
C GLY A 36 -11.92 7.55 0.68
N TYR A 37 -10.86 6.75 0.66
CA TYR A 37 -10.42 6.02 1.86
C TYR A 37 -8.96 6.31 2.17
N LEU A 38 -8.71 6.75 3.40
CA LEU A 38 -7.35 7.07 3.83
C LEU A 38 -6.63 5.82 4.34
N VAL A 39 -5.39 5.63 3.92
CA VAL A 39 -4.61 4.48 4.33
C VAL A 39 -3.43 4.91 5.21
N ASP A 40 -3.14 4.11 6.24
CA ASP A 40 -2.05 4.41 7.15
C ASP A 40 -0.74 3.83 6.63
N ILE A 41 0.31 4.65 6.62
CA ILE A 41 1.61 4.21 6.15
C ILE A 41 2.69 4.51 7.19
N GLY A 42 2.48 5.55 7.98
CA GLY A 42 3.45 5.92 9.00
C GLY A 42 4.66 6.64 8.43
N VAL A 43 4.41 7.53 7.48
CA VAL A 43 5.49 8.29 6.85
C VAL A 43 5.28 9.79 7.03
N ASP A 44 6.38 10.52 7.19
CA ASP A 44 6.32 11.97 7.36
C ASP A 44 6.53 12.68 6.03
N GLY A 45 5.46 13.26 5.51
CA GLY A 45 5.54 13.98 4.24
C GLY A 45 5.01 13.15 3.08
N THR A 46 3.99 12.34 3.35
CA THR A 46 3.39 11.51 2.32
C THR A 46 1.89 11.39 2.51
N ARG A 47 1.13 11.76 1.48
CA ARG A 47 -0.32 11.71 1.53
C ARG A 47 -0.87 10.71 0.51
N ALA A 48 -1.58 9.70 0.99
CA ALA A 48 -2.15 8.69 0.13
C ALA A 48 -3.68 8.71 0.17
N PHE A 49 -4.31 8.65 -1.00
CA PHE A 49 -5.77 8.68 -1.08
C PHE A 49 -6.27 7.57 -2.00
N LEU A 50 -7.41 7.00 -1.65
CA LEU A 50 -8.01 5.93 -2.45
C LEU A 50 -9.32 6.37 -3.06
N PRO A 51 -9.44 6.20 -4.39
CA PRO A 51 -10.64 6.59 -5.14
C PRO A 51 -11.83 5.68 -4.82
N LEU A 52 -12.99 6.29 -4.63
CA LEU A 52 -14.20 5.52 -4.33
C LEU A 52 -14.57 4.60 -5.48
N LEU A 53 -14.12 4.95 -6.68
CA LEU A 53 -14.39 4.14 -7.87
C LEU A 53 -13.74 2.77 -7.76
N LYS A 54 -12.49 2.75 -7.28
CA LYS A 54 -11.76 1.50 -7.13
C LYS A 54 -12.14 0.80 -5.82
N ALA A 55 -12.33 1.58 -4.77
CA ALA A 55 -12.70 1.05 -3.47
C ALA A 55 -14.03 0.32 -3.54
N GLN A 56 -15.03 0.97 -4.14
CA GLN A 56 -16.35 0.38 -4.26
C GLN A 56 -16.29 -0.94 -5.03
N GLU A 57 -15.43 -1.00 -6.04
CA GLU A 57 -15.28 -2.20 -6.85
C GLU A 57 -14.73 -3.35 -6.02
N TYR A 58 -13.76 -3.05 -5.18
CA TYR A 58 -13.14 -4.06 -4.33
C TYR A 58 -14.07 -4.46 -3.19
N ILE A 59 -14.77 -3.47 -2.63
CA ILE A 59 -15.71 -3.71 -1.54
C ILE A 59 -16.91 -4.51 -2.02
N ARG A 60 -17.40 -4.18 -3.21
CA ARG A 60 -18.55 -4.86 -3.78
C ARG A 60 -18.19 -6.29 -4.18
N GLN A 61 -16.98 -6.48 -4.69
CA GLN A 61 -16.53 -7.80 -5.11
C GLN A 61 -16.02 -8.59 -3.91
N LYS A 62 -15.56 -7.90 -2.89
CA LYS A 62 -15.04 -8.55 -1.69
C LYS A 62 -16.02 -8.37 -0.52
N ASN A 63 -16.21 -7.12 -0.11
CA ASN A 63 -17.11 -6.81 0.99
C ASN A 63 -18.56 -6.77 0.52
N LYS A 64 -18.83 -7.47 -0.58
CA LYS A 64 -20.18 -7.52 -1.14
C LYS A 64 -20.90 -6.18 -0.94
N GLY A 65 -20.13 -5.09 -0.95
CA GLY A 65 -20.71 -3.78 -0.78
C GLY A 65 -20.93 -3.43 0.68
N ALA A 66 -19.94 -3.72 1.51
CA ALA A 66 -20.02 -3.43 2.95
C ALA A 66 -19.04 -2.34 3.35
N LYS A 67 -19.57 -1.19 3.75
CA LYS A 67 -18.73 -0.08 4.16
C LYS A 67 -17.56 -0.56 5.01
N LEU A 68 -16.34 -0.18 4.61
CA LEU A 68 -15.14 -0.58 5.33
C LEU A 68 -15.18 -0.08 6.77
N LYS A 69 -14.09 -0.29 7.50
CA LYS A 69 -14.00 0.15 8.89
C LYS A 69 -12.58 0.61 9.22
N VAL A 70 -12.48 1.53 10.18
CA VAL A 70 -11.18 2.05 10.59
C VAL A 70 -10.34 0.97 11.27
N GLY A 71 -9.03 1.00 11.03
CA GLY A 71 -8.14 0.03 11.61
C GLY A 71 -8.05 -1.24 10.79
N GLN A 72 -9.04 -1.47 9.95
CA GLN A 72 -9.06 -2.65 9.10
C GLN A 72 -7.91 -2.62 8.08
N TYR A 73 -7.41 -3.79 7.73
CA TYR A 73 -6.32 -3.90 6.77
C TYR A 73 -6.84 -3.80 5.34
N LEU A 74 -6.17 -2.98 4.54
CA LEU A 74 -6.56 -2.79 3.14
C LEU A 74 -5.35 -2.83 2.22
N ASN A 75 -5.48 -3.55 1.11
CA ASN A 75 -4.39 -3.68 0.15
C ASN A 75 -4.40 -2.51 -0.83
N CYS A 76 -3.22 -1.97 -1.10
CA CYS A 76 -3.08 -0.85 -2.03
C CYS A 76 -1.75 -0.90 -2.76
N ILE A 77 -1.72 -0.36 -3.98
CA ILE A 77 -0.50 -0.34 -4.78
C ILE A 77 -0.24 1.05 -5.34
N VAL A 78 1.03 1.46 -5.32
CA VAL A 78 1.41 2.77 -5.84
C VAL A 78 1.12 2.88 -7.33
N GLU A 79 0.34 3.88 -7.71
CA GLU A 79 -0.01 4.10 -9.10
C GLU A 79 0.73 5.30 -9.68
N LYS A 80 0.75 6.40 -8.92
CA LYS A 80 1.43 7.62 -9.34
C LYS A 80 2.27 8.19 -8.21
N VAL A 81 3.36 8.85 -8.58
CA VAL A 81 4.25 9.45 -7.59
C VAL A 81 4.35 10.96 -7.78
N LYS A 82 4.10 11.71 -6.72
CA LYS A 82 4.16 13.16 -6.79
C LYS A 82 5.55 13.67 -6.41
N GLY A 83 6.21 14.35 -7.36
CA GLY A 83 7.54 14.86 -7.11
C GLY A 83 7.68 15.45 -5.72
N ASN A 84 6.83 16.42 -5.40
CA ASN A 84 6.87 17.07 -4.09
C ASN A 84 6.05 16.28 -3.07
N GLY A 85 6.07 14.96 -3.20
CA GLY A 85 5.33 14.12 -2.28
C GLY A 85 4.02 14.75 -1.85
N GLY A 86 3.31 15.35 -2.79
CA GLY A 86 2.04 15.99 -2.48
C GLY A 86 0.92 14.98 -2.30
N VAL A 87 0.45 14.42 -3.40
CA VAL A 87 -0.63 13.43 -3.36
C VAL A 87 -0.21 12.13 -4.04
N VAL A 88 -0.44 11.02 -3.35
CA VAL A 88 -0.10 9.70 -3.89
C VAL A 88 -1.35 8.94 -4.31
N SER A 89 -1.26 8.24 -5.43
CA SER A 89 -2.38 7.47 -5.95
C SER A 89 -2.22 5.99 -5.60
N LEU A 90 -3.20 5.45 -4.86
CA LEU A 90 -3.17 4.05 -4.46
C LEU A 90 -4.34 3.29 -5.09
N SER A 91 -4.15 1.99 -5.29
CA SER A 91 -5.18 1.14 -5.87
C SER A 91 -5.11 -0.27 -5.29
N VAL A 92 -6.28 -0.91 -5.19
CA VAL A 92 -6.36 -2.26 -4.66
C VAL A 92 -5.83 -3.29 -5.66
N GLY A 93 -4.90 -4.11 -5.21
CA GLY A 93 -4.32 -5.13 -6.09
C GLY A 93 -4.67 -6.54 -5.65
N HIS A 94 -5.84 -7.02 -6.07
CA HIS A 94 -6.28 -8.36 -5.72
C HIS A 94 -5.69 -9.41 -6.66
N SER A 95 -4.40 -9.23 -6.98
CA SER A 95 -3.72 -10.15 -7.88
C SER A 95 -2.51 -10.78 -7.18
N GLU A 96 -2.69 -11.13 -5.91
CA GLU A 96 -1.62 -11.74 -5.13
C GLU A 96 -1.86 -13.24 -4.97
N VAL A 97 -1.31 -14.02 -5.89
CA VAL A 97 -1.45 -15.47 -5.86
C VAL A 97 -0.36 -16.12 -5.03
N SER A 98 0.65 -15.32 -4.66
CA SER A 98 1.76 -15.81 -3.87
C SER A 98 1.77 -15.17 -2.48
N THR A 99 1.83 -16.01 -1.45
CA THR A 99 1.84 -15.54 -0.07
C THR A 99 3.21 -15.74 0.57
N ALA A 100 3.73 -14.68 1.18
CA ALA A 100 5.03 -14.74 1.84
C ALA A 100 4.91 -14.41 3.33
N ILE A 101 4.98 -15.44 4.16
CA ILE A 101 4.88 -15.27 5.60
C ILE A 101 6.26 -15.11 6.23
N ALA A 102 6.33 -14.31 7.29
CA ALA A 102 7.59 -14.07 7.99
C ALA A 102 7.45 -14.34 9.48
N THR A 103 7.62 -15.59 9.88
CA THR A 103 7.52 -15.98 11.27
C THR A 103 8.55 -15.25 12.12
N GLU A 104 8.13 -14.82 13.31
CA GLU A 104 9.02 -14.10 14.22
C GLU A 104 8.60 -14.33 15.68
N GLN A 105 9.55 -14.17 16.59
CA GLN A 105 9.29 -14.35 18.01
C GLN A 105 9.52 -13.05 18.77
N GLN A 106 8.51 -12.19 18.79
CA GLN A 106 8.60 -10.91 19.48
C GLN A 106 7.43 -10.74 20.45
N SER A 107 7.55 -9.75 21.34
CA SER A 107 6.51 -9.48 22.33
C SER A 107 6.80 -8.18 23.07
N TRP A 108 6.04 -7.14 22.74
CA TRP A 108 6.21 -5.84 23.37
C TRP A 108 4.86 -5.25 23.77
N ASN A 109 4.61 -5.20 25.08
CA ASN A 109 3.35 -4.65 25.59
C ASN A 109 3.52 -4.15 27.02
N LEU A 110 3.17 -2.89 27.24
CA LEU A 110 3.29 -2.28 28.56
C LEU A 110 2.27 -1.15 28.73
N ASN A 111 2.34 -0.47 29.87
CA ASN A 111 1.43 0.63 30.16
C ASN A 111 1.91 1.44 31.34
N ASN A 112 2.29 2.69 31.08
CA ASN A 112 2.79 3.58 32.13
C ASN A 112 2.50 5.04 31.78
N LEU A 113 2.70 5.92 32.75
CA LEU A 113 2.47 7.35 32.54
C LEU A 113 3.71 8.16 32.93
N SER A 114 4.57 8.41 31.94
CA SER A 114 5.79 9.17 32.18
C SER A 114 5.49 10.67 32.22
N GLY A 115 5.24 11.17 33.43
CA GLY A 115 4.95 12.59 33.59
C GLY A 115 5.43 13.13 34.92
N PRO A 116 5.85 14.40 34.93
CA PRO A 116 6.35 15.06 36.14
C PRO A 116 5.24 15.33 37.15
N SER A 117 4.00 15.11 36.73
CA SER A 117 2.85 15.33 37.60
C SER A 117 2.40 14.02 38.25
N SER A 118 2.13 14.07 39.54
CA SER A 118 1.69 12.89 40.27
C SER A 118 0.22 12.59 40.00
N GLY A 119 -0.60 13.63 39.97
CA GLY A 119 -2.02 13.45 39.71
C GLY A 119 -2.88 14.39 40.55
N GLY A 1 32.38 8.48 -17.35
CA GLY A 1 33.58 9.30 -17.20
C GLY A 1 34.80 8.47 -16.84
N SER A 2 34.71 7.74 -15.74
CA SER A 2 35.82 6.90 -15.29
C SER A 2 35.36 5.48 -14.99
N SER A 3 34.43 5.37 -14.04
CA SER A 3 33.90 4.06 -13.66
C SER A 3 32.39 4.12 -13.46
N GLY A 4 31.74 2.96 -13.44
CA GLY A 4 30.31 2.91 -13.25
C GLY A 4 29.92 2.72 -11.80
N SER A 5 30.11 1.50 -11.30
CA SER A 5 29.77 1.18 -9.91
C SER A 5 31.03 1.12 -9.05
N SER A 6 31.18 2.12 -8.20
CA SER A 6 32.35 2.19 -7.31
C SER A 6 31.91 2.25 -5.85
N GLY A 7 30.89 3.07 -5.58
CA GLY A 7 30.40 3.22 -4.22
C GLY A 7 29.05 3.92 -4.17
N LYS A 8 28.83 4.69 -3.12
CA LYS A 8 27.58 5.42 -2.95
C LYS A 8 27.14 6.07 -4.26
N ASN A 9 25.94 5.76 -4.71
CA ASN A 9 25.40 6.30 -5.95
C ASN A 9 25.35 7.83 -5.88
N VAL A 10 25.70 8.48 -6.98
CA VAL A 10 25.69 9.94 -7.05
C VAL A 10 24.49 10.51 -6.29
N ASN A 11 23.41 9.74 -6.24
CA ASN A 11 22.20 10.18 -5.55
C ASN A 11 21.54 9.01 -4.84
N ARG A 12 21.33 9.16 -3.53
CA ARG A 12 20.69 8.12 -2.73
C ARG A 12 19.25 7.88 -3.19
N VAL A 13 18.93 6.61 -3.45
CA VAL A 13 17.59 6.25 -3.89
C VAL A 13 16.71 5.86 -2.71
N LEU A 14 16.88 6.55 -1.59
CA LEU A 14 16.10 6.28 -0.39
C LEU A 14 15.10 7.39 -0.13
N SER A 15 13.96 7.33 -0.83
CA SER A 15 12.91 8.34 -0.67
C SER A 15 11.60 7.85 -1.27
N ALA A 16 10.49 8.39 -0.76
CA ALA A 16 9.17 8.02 -1.25
C ALA A 16 9.02 8.32 -2.73
N GLU A 17 9.48 9.49 -3.14
CA GLU A 17 9.39 9.92 -4.54
C GLU A 17 10.27 9.04 -5.42
N ALA A 18 11.24 8.36 -4.80
CA ALA A 18 12.14 7.48 -5.54
C ALA A 18 11.46 6.17 -5.90
N LEU A 19 10.57 5.71 -5.02
CA LEU A 19 9.85 4.47 -5.24
C LEU A 19 9.31 4.40 -6.67
N LYS A 20 8.97 3.19 -7.11
CA LYS A 20 8.44 2.99 -8.45
C LYS A 20 6.96 2.59 -8.40
N PRO A 21 6.20 3.00 -9.43
CA PRO A 21 4.77 2.69 -9.51
C PRO A 21 4.51 1.22 -9.77
N GLY A 22 3.84 0.57 -8.82
CA GLY A 22 3.54 -0.85 -8.95
C GLY A 22 4.00 -1.66 -7.77
N MET A 23 4.66 -1.00 -6.81
CA MET A 23 5.16 -1.67 -5.62
C MET A 23 4.00 -2.14 -4.74
N LEU A 24 4.15 -3.32 -4.15
CA LEU A 24 3.12 -3.87 -3.27
C LEU A 24 3.30 -3.39 -1.85
N LEU A 25 2.37 -2.56 -1.38
CA LEU A 25 2.43 -2.03 -0.03
C LEU A 25 1.15 -2.31 0.73
N THR A 26 1.28 -2.71 1.99
CA THR A 26 0.12 -3.01 2.82
C THR A 26 -0.04 -2.00 3.94
N GLY A 27 -1.21 -1.39 4.03
CA GLY A 27 -1.47 -0.41 5.07
C GLY A 27 -2.84 -0.57 5.69
N THR A 28 -3.02 0.00 6.89
CA THR A 28 -4.28 -0.08 7.59
C THR A 28 -5.07 1.22 7.49
N VAL A 29 -6.38 1.11 7.31
CA VAL A 29 -7.24 2.28 7.20
C VAL A 29 -7.19 3.12 8.47
N SER A 30 -6.81 4.39 8.31
CA SER A 30 -6.72 5.30 9.45
C SER A 30 -8.06 5.98 9.71
N SER A 31 -8.71 6.41 8.64
CA SER A 31 -10.01 7.08 8.76
C SER A 31 -10.79 6.97 7.46
N LEU A 32 -12.12 7.08 7.56
CA LEU A 32 -12.98 6.98 6.40
C LEU A 32 -13.41 8.37 5.92
N GLU A 33 -13.12 8.67 4.65
CA GLU A 33 -13.47 9.96 4.08
C GLU A 33 -14.62 9.83 3.08
N ASP A 34 -15.45 10.86 3.01
CA ASP A 34 -16.59 10.85 2.09
C ASP A 34 -16.12 10.81 0.64
N HIS A 35 -14.94 11.34 0.39
CA HIS A 35 -14.37 11.38 -0.95
C HIS A 35 -13.54 10.12 -1.22
N GLY A 36 -12.90 9.60 -0.18
CA GLY A 36 -12.09 8.41 -0.33
C GLY A 36 -11.76 7.77 1.00
N TYR A 37 -10.70 6.96 1.02
CA TYR A 37 -10.29 6.29 2.25
C TYR A 37 -8.82 6.57 2.56
N LEU A 38 -8.56 6.98 3.80
CA LEU A 38 -7.20 7.29 4.23
C LEU A 38 -6.48 6.03 4.71
N VAL A 39 -5.24 5.85 4.25
CA VAL A 39 -4.44 4.70 4.64
C VAL A 39 -3.27 5.12 5.52
N ASP A 40 -2.96 4.28 6.51
CA ASP A 40 -1.85 4.56 7.42
C ASP A 40 -0.55 3.99 6.88
N ILE A 41 0.45 4.86 6.75
CA ILE A 41 1.76 4.45 6.23
C ILE A 41 2.87 4.81 7.22
N GLY A 42 2.64 5.84 8.01
CA GLY A 42 3.63 6.26 8.98
C GLY A 42 4.70 7.14 8.37
N VAL A 43 4.30 8.04 7.49
CA VAL A 43 5.25 8.94 6.83
C VAL A 43 4.79 10.39 6.95
N ASP A 44 5.75 11.29 7.14
CA ASP A 44 5.45 12.71 7.27
C ASP A 44 5.56 13.41 5.92
N GLY A 45 4.50 14.12 5.54
CA GLY A 45 4.49 14.83 4.27
C GLY A 45 3.75 14.06 3.19
N THR A 46 4.08 12.79 3.04
CA THR A 46 3.46 11.94 2.03
C THR A 46 2.00 11.67 2.38
N ARG A 47 1.11 12.03 1.45
CA ARG A 47 -0.32 11.82 1.66
C ARG A 47 -0.87 10.81 0.66
N ALA A 48 -1.61 9.82 1.17
CA ALA A 48 -2.19 8.79 0.32
C ALA A 48 -3.72 8.83 0.37
N PHE A 49 -4.35 8.86 -0.79
CA PHE A 49 -5.80 8.91 -0.88
C PHE A 49 -6.32 7.87 -1.87
N LEU A 50 -7.36 7.14 -1.46
CA LEU A 50 -7.95 6.12 -2.31
C LEU A 50 -9.33 6.55 -2.81
N PRO A 51 -9.52 6.51 -4.14
CA PRO A 51 -10.79 6.90 -4.76
C PRO A 51 -11.89 5.89 -4.47
N LEU A 52 -13.07 6.40 -4.10
CA LEU A 52 -14.22 5.56 -3.80
C LEU A 52 -14.63 4.73 -5.02
N LEU A 53 -14.23 5.21 -6.19
CA LEU A 53 -14.55 4.52 -7.44
C LEU A 53 -13.86 3.16 -7.51
N LYS A 54 -12.58 3.13 -7.15
CA LYS A 54 -11.80 1.91 -7.17
C LYS A 54 -12.13 1.05 -5.95
N ALA A 55 -12.47 1.69 -4.84
CA ALA A 55 -12.81 0.98 -3.61
C ALA A 55 -14.15 0.27 -3.74
N GLN A 56 -15.10 0.94 -4.38
CA GLN A 56 -16.43 0.37 -4.58
C GLN A 56 -16.36 -0.94 -5.35
N GLU A 57 -15.41 -1.03 -6.27
CA GLU A 57 -15.24 -2.22 -7.09
C GLU A 57 -14.76 -3.39 -6.23
N TYR A 58 -13.78 -3.14 -5.38
CA TYR A 58 -13.24 -4.17 -4.50
C TYR A 58 -14.21 -4.52 -3.39
N ILE A 59 -14.90 -3.50 -2.88
CA ILE A 59 -15.88 -3.70 -1.81
C ILE A 59 -17.10 -4.43 -2.32
N ARG A 60 -17.57 -4.06 -3.51
CA ARG A 60 -18.74 -4.69 -4.10
C ARG A 60 -18.43 -6.12 -4.52
N GLN A 61 -17.21 -6.34 -5.01
CA GLN A 61 -16.79 -7.66 -5.45
C GLN A 61 -16.36 -8.52 -4.27
N LYS A 62 -15.74 -7.88 -3.27
CA LYS A 62 -15.29 -8.59 -2.08
C LYS A 62 -16.27 -8.42 -0.93
N ASN A 63 -16.50 -7.17 -0.53
CA ASN A 63 -17.43 -6.88 0.56
C ASN A 63 -18.87 -6.89 0.06
N LYS A 64 -19.10 -7.56 -1.06
CA LYS A 64 -20.44 -7.64 -1.65
C LYS A 64 -21.20 -6.34 -1.47
N GLY A 65 -20.46 -5.23 -1.39
CA GLY A 65 -21.09 -3.93 -1.22
C GLY A 65 -21.27 -3.57 0.24
N ALA A 66 -20.23 -3.76 1.04
CA ALA A 66 -20.28 -3.44 2.46
C ALA A 66 -19.49 -2.18 2.77
N LYS A 67 -19.52 -1.77 4.04
CA LYS A 67 -18.81 -0.58 4.47
C LYS A 67 -17.49 -0.95 5.15
N LEU A 68 -16.44 -0.20 4.82
CA LEU A 68 -15.12 -0.44 5.40
C LEU A 68 -15.07 0.00 6.86
N LYS A 69 -14.07 -0.49 7.58
CA LYS A 69 -13.90 -0.14 8.99
C LYS A 69 -12.48 0.35 9.26
N VAL A 70 -12.35 1.23 10.25
CA VAL A 70 -11.04 1.77 10.61
C VAL A 70 -10.18 0.71 11.28
N GLY A 71 -8.86 0.84 11.12
CA GLY A 71 -7.95 -0.12 11.73
C GLY A 71 -7.79 -1.37 10.89
N GLN A 72 -8.82 -1.70 10.11
CA GLN A 72 -8.79 -2.88 9.26
C GLN A 72 -7.69 -2.77 8.21
N TYR A 73 -7.12 -3.91 7.84
CA TYR A 73 -6.06 -3.94 6.83
C TYR A 73 -6.63 -3.87 5.43
N LEU A 74 -6.10 -2.96 4.62
CA LEU A 74 -6.56 -2.80 3.24
C LEU A 74 -5.41 -2.97 2.26
N ASN A 75 -5.68 -3.63 1.13
CA ASN A 75 -4.67 -3.85 0.12
C ASN A 75 -4.60 -2.68 -0.86
N CYS A 76 -3.40 -2.16 -1.07
CA CYS A 76 -3.21 -1.03 -1.98
C CYS A 76 -1.85 -1.12 -2.66
N ILE A 77 -1.77 -0.60 -3.89
CA ILE A 77 -0.53 -0.62 -4.65
C ILE A 77 -0.26 0.74 -5.29
N VAL A 78 1.01 1.16 -5.26
CA VAL A 78 1.40 2.44 -5.84
C VAL A 78 1.14 2.45 -7.35
N GLU A 79 0.29 3.38 -7.78
CA GLU A 79 -0.04 3.50 -9.20
C GLU A 79 0.80 4.59 -9.86
N LYS A 80 0.99 5.69 -9.15
CA LYS A 80 1.78 6.81 -9.66
C LYS A 80 2.39 7.61 -8.52
N VAL A 81 3.52 8.27 -8.80
CA VAL A 81 4.21 9.07 -7.80
C VAL A 81 4.38 10.51 -8.28
N LYS A 82 3.96 11.46 -7.45
CA LYS A 82 4.07 12.87 -7.79
C LYS A 82 5.50 13.37 -7.59
N GLY A 83 5.73 14.64 -7.91
CA GLY A 83 7.05 15.21 -7.76
C GLY A 83 7.38 15.55 -6.31
N ASN A 84 6.78 16.63 -5.81
CA ASN A 84 7.01 17.06 -4.44
C ASN A 84 6.17 16.24 -3.46
N GLY A 85 6.18 14.93 -3.66
CA GLY A 85 5.42 14.05 -2.78
C GLY A 85 4.12 14.67 -2.33
N GLY A 86 3.46 15.39 -3.23
CA GLY A 86 2.20 16.03 -2.90
C GLY A 86 1.11 15.03 -2.60
N VAL A 87 0.77 14.21 -3.59
CA VAL A 87 -0.27 13.20 -3.43
C VAL A 87 0.18 11.85 -3.96
N VAL A 88 -0.28 10.78 -3.32
CA VAL A 88 0.08 9.43 -3.72
C VAL A 88 -1.12 8.67 -4.26
N SER A 89 -0.92 7.92 -5.33
CA SER A 89 -1.99 7.15 -5.94
C SER A 89 -1.94 5.68 -5.50
N LEU A 90 -3.00 5.24 -4.83
CA LEU A 90 -3.07 3.86 -4.35
C LEU A 90 -4.28 3.14 -4.94
N SER A 91 -4.13 1.84 -5.17
CA SER A 91 -5.21 1.04 -5.73
C SER A 91 -5.17 -0.38 -5.18
N VAL A 92 -6.35 -0.98 -5.01
CA VAL A 92 -6.45 -2.34 -4.48
C VAL A 92 -6.11 -3.36 -5.57
N GLY A 93 -5.11 -4.20 -5.28
CA GLY A 93 -4.71 -5.21 -6.24
C GLY A 93 -4.42 -6.55 -5.58
N HIS A 94 -5.41 -7.42 -5.54
CA HIS A 94 -5.26 -8.74 -4.94
C HIS A 94 -3.94 -9.38 -5.36
N SER A 95 -3.41 -10.25 -4.51
CA SER A 95 -2.15 -10.93 -4.78
C SER A 95 -2.11 -11.43 -6.22
N GLU A 96 -0.91 -11.74 -6.70
CA GLU A 96 -0.74 -12.24 -8.06
C GLU A 96 0.26 -13.38 -8.10
N VAL A 97 -0.22 -14.58 -8.42
CA VAL A 97 0.63 -15.76 -8.49
C VAL A 97 1.67 -15.61 -9.59
N SER A 98 1.21 -15.43 -10.81
CA SER A 98 2.11 -15.28 -11.95
C SER A 98 2.75 -13.90 -11.97
N THR A 99 3.85 -13.76 -11.24
CA THR A 99 4.56 -12.49 -11.16
C THR A 99 5.79 -12.49 -12.06
N ALA A 100 6.13 -11.32 -12.59
CA ALA A 100 7.29 -11.19 -13.47
C ALA A 100 8.54 -10.85 -12.67
N ILE A 101 9.37 -11.87 -12.44
CA ILE A 101 10.60 -11.69 -11.69
C ILE A 101 11.70 -11.11 -12.57
N ALA A 102 12.59 -10.32 -11.96
CA ALA A 102 13.69 -9.71 -12.69
C ALA A 102 15.01 -10.36 -12.32
N THR A 103 15.50 -11.24 -13.20
CA THR A 103 16.76 -11.94 -12.98
C THR A 103 17.74 -11.68 -14.11
N GLU A 104 19.02 -11.58 -13.77
CA GLU A 104 20.06 -11.33 -14.76
C GLU A 104 20.39 -12.61 -15.54
N GLN A 105 21.24 -12.47 -16.55
CA GLN A 105 21.63 -13.62 -17.37
C GLN A 105 23.13 -13.60 -17.64
N GLN A 106 23.62 -14.67 -18.27
CA GLN A 106 25.05 -14.77 -18.58
C GLN A 106 25.53 -13.55 -19.33
N SER A 107 26.85 -13.37 -19.38
CA SER A 107 27.45 -12.24 -20.08
C SER A 107 28.81 -12.61 -20.65
N TRP A 108 29.00 -12.30 -21.93
CA TRP A 108 30.26 -12.60 -22.60
C TRP A 108 30.64 -11.48 -23.56
N ASN A 109 31.92 -11.43 -23.93
CA ASN A 109 32.41 -10.40 -24.84
C ASN A 109 32.85 -11.03 -26.17
N LEU A 110 32.50 -10.37 -27.27
CA LEU A 110 32.86 -10.85 -28.59
C LEU A 110 33.99 -10.02 -29.18
N ASN A 111 35.11 -10.69 -29.48
CA ASN A 111 36.27 -10.01 -30.05
C ASN A 111 35.84 -8.98 -31.10
N ASN A 112 36.61 -7.92 -31.22
CA ASN A 112 36.32 -6.86 -32.19
C ASN A 112 36.88 -7.21 -33.57
N LEU A 113 36.02 -7.73 -34.44
CA LEU A 113 36.43 -8.10 -35.79
C LEU A 113 36.76 -6.86 -36.62
N SER A 114 38.02 -6.44 -36.57
CA SER A 114 38.46 -5.27 -37.33
C SER A 114 39.83 -5.53 -37.96
N GLY A 115 39.93 -5.29 -39.26
CA GLY A 115 41.18 -5.49 -39.96
C GLY A 115 41.51 -6.96 -40.17
N PRO A 116 42.27 -7.26 -41.22
CA PRO A 116 42.67 -8.63 -41.55
C PRO A 116 43.66 -9.20 -40.54
N SER A 117 44.27 -8.33 -39.76
CA SER A 117 45.25 -8.74 -38.75
C SER A 117 44.67 -9.82 -37.85
N SER A 118 44.97 -11.08 -38.17
CA SER A 118 44.48 -12.20 -37.40
C SER A 118 45.23 -12.32 -36.06
N GLY A 119 44.68 -13.12 -35.15
CA GLY A 119 45.30 -13.30 -33.86
C GLY A 119 45.29 -14.76 -33.41
N GLY A 1 14.30 -4.50 19.19
CA GLY A 1 14.42 -4.50 20.63
C GLY A 1 15.86 -4.49 21.10
N SER A 2 16.47 -3.31 21.13
CA SER A 2 17.87 -3.17 21.54
C SER A 2 18.72 -4.28 20.93
N SER A 3 18.49 -4.56 19.66
CA SER A 3 19.24 -5.60 18.95
C SER A 3 20.15 -4.99 17.89
N GLY A 4 21.35 -4.57 18.31
CA GLY A 4 22.29 -3.97 17.38
C GLY A 4 22.28 -2.46 17.46
N SER A 5 23.39 -1.84 17.05
CA SER A 5 23.52 -0.39 17.07
C SER A 5 23.70 0.16 15.66
N SER A 6 24.64 -0.43 14.92
CA SER A 6 24.93 0.01 13.56
C SER A 6 23.67 -0.01 12.71
N GLY A 7 23.78 0.49 11.48
CA GLY A 7 22.64 0.52 10.58
C GLY A 7 22.70 1.68 9.60
N LYS A 8 23.83 1.83 8.94
CA LYS A 8 24.01 2.90 7.97
C LYS A 8 24.27 2.34 6.57
N ASN A 9 23.53 2.85 5.60
CA ASN A 9 23.67 2.40 4.21
C ASN A 9 23.90 3.59 3.28
N VAL A 10 24.11 3.29 2.00
CA VAL A 10 24.34 4.33 1.01
C VAL A 10 23.23 4.33 -0.05
N ASN A 11 22.79 5.52 -0.41
CA ASN A 11 21.74 5.67 -1.42
C ASN A 11 20.45 4.97 -0.96
N ARG A 12 20.11 5.14 0.31
CA ARG A 12 18.91 4.52 0.87
C ARG A 12 17.67 4.94 0.08
N VAL A 13 16.74 4.00 -0.09
CA VAL A 13 15.50 4.27 -0.81
C VAL A 13 14.30 4.26 0.12
N LEU A 14 14.20 5.29 0.96
CA LEU A 14 13.10 5.42 1.90
C LEU A 14 12.46 6.80 1.82
N SER A 15 12.30 7.30 0.60
CA SER A 15 11.71 8.62 0.38
C SER A 15 10.79 8.60 -0.83
N ALA A 16 9.65 9.29 -0.70
CA ALA A 16 8.68 9.35 -1.79
C ALA A 16 9.37 9.53 -3.14
N GLU A 17 10.46 10.29 -3.15
CA GLU A 17 11.21 10.52 -4.37
C GLU A 17 11.95 9.26 -4.82
N ALA A 18 12.46 8.51 -3.85
CA ALA A 18 13.19 7.28 -4.14
C ALA A 18 12.23 6.16 -4.50
N LEU A 19 11.02 6.20 -3.95
CA LEU A 19 10.01 5.19 -4.21
C LEU A 19 9.71 5.11 -5.71
N LYS A 20 9.05 4.02 -6.12
CA LYS A 20 8.68 3.83 -7.52
C LYS A 20 7.30 3.22 -7.64
N PRO A 21 6.61 3.51 -8.75
CA PRO A 21 5.27 3.01 -9.01
C PRO A 21 5.26 1.50 -9.29
N GLY A 22 4.38 0.78 -8.62
CA GLY A 22 4.28 -0.65 -8.81
C GLY A 22 4.70 -1.43 -7.58
N MET A 23 5.19 -0.72 -6.56
CA MET A 23 5.62 -1.35 -5.32
C MET A 23 4.44 -1.93 -4.57
N LEU A 24 4.62 -3.12 -4.00
CA LEU A 24 3.56 -3.78 -3.24
C LEU A 24 3.69 -3.48 -1.76
N LEU A 25 2.75 -2.70 -1.24
CA LEU A 25 2.75 -2.34 0.18
C LEU A 25 1.39 -2.56 0.80
N THR A 26 1.37 -3.03 2.04
CA THR A 26 0.12 -3.29 2.76
C THR A 26 -0.06 -2.31 3.91
N GLY A 27 -1.18 -1.61 3.92
CA GLY A 27 -1.45 -0.65 4.97
C GLY A 27 -2.80 -0.88 5.63
N THR A 28 -3.17 0.02 6.53
CA THR A 28 -4.46 -0.09 7.23
C THR A 28 -5.25 1.21 7.12
N VAL A 29 -6.56 1.08 6.97
CA VAL A 29 -7.43 2.24 6.86
C VAL A 29 -7.37 3.10 8.11
N SER A 30 -6.97 4.36 7.94
CA SER A 30 -6.86 5.28 9.07
C SER A 30 -8.20 5.97 9.35
N SER A 31 -8.89 6.36 8.28
CA SER A 31 -10.18 7.02 8.40
C SER A 31 -11.01 6.86 7.14
N LEU A 32 -12.32 6.96 7.28
CA LEU A 32 -13.23 6.82 6.14
C LEU A 32 -13.77 8.17 5.71
N GLU A 33 -13.58 8.50 4.43
CA GLU A 33 -14.05 9.77 3.88
C GLU A 33 -15.13 9.55 2.82
N ASP A 34 -16.10 10.45 2.77
CA ASP A 34 -17.17 10.35 1.80
C ASP A 34 -16.66 10.56 0.38
N HIS A 35 -15.47 11.14 0.27
CA HIS A 35 -14.86 11.38 -1.03
C HIS A 35 -13.86 10.28 -1.40
N GLY A 36 -13.40 9.55 -0.38
CA GLY A 36 -12.45 8.48 -0.61
C GLY A 36 -12.10 7.74 0.67
N TYR A 37 -11.05 6.92 0.60
CA TYR A 37 -10.61 6.16 1.76
C TYR A 37 -9.13 6.42 2.05
N LEU A 38 -8.82 6.67 3.33
CA LEU A 38 -7.46 6.93 3.74
C LEU A 38 -6.73 5.63 4.09
N VAL A 39 -5.52 5.46 3.56
CA VAL A 39 -4.73 4.27 3.82
C VAL A 39 -3.45 4.61 4.57
N ASP A 40 -3.14 3.83 5.60
CA ASP A 40 -1.95 4.04 6.40
C ASP A 40 -0.71 3.45 5.71
N ILE A 41 0.32 4.27 5.55
CA ILE A 41 1.55 3.82 4.91
C ILE A 41 2.74 3.93 5.86
N GLY A 42 2.57 4.74 6.90
CA GLY A 42 3.64 4.94 7.86
C GLY A 42 4.68 5.93 7.40
N VAL A 43 4.21 7.04 6.82
CA VAL A 43 5.12 8.08 6.32
C VAL A 43 4.61 9.46 6.68
N ASP A 44 5.46 10.26 7.30
CA ASP A 44 5.10 11.61 7.69
C ASP A 44 5.31 12.60 6.54
N GLY A 45 4.29 13.39 6.27
CA GLY A 45 4.37 14.37 5.19
C GLY A 45 3.66 13.89 3.93
N THR A 46 3.86 12.62 3.58
CA THR A 46 3.23 12.05 2.40
C THR A 46 1.74 11.82 2.62
N ARG A 47 0.93 12.26 1.65
CA ARG A 47 -0.51 12.09 1.75
C ARG A 47 -1.01 11.05 0.75
N ALA A 48 -1.68 10.02 1.24
CA ALA A 48 -2.21 8.97 0.39
C ALA A 48 -3.73 8.95 0.41
N PHE A 49 -4.34 9.00 -0.77
CA PHE A 49 -5.80 8.99 -0.88
C PHE A 49 -6.25 7.98 -1.92
N LEU A 50 -7.33 7.26 -1.61
CA LEU A 50 -7.88 6.25 -2.52
C LEU A 50 -9.24 6.67 -3.04
N PRO A 51 -9.43 6.54 -4.37
CA PRO A 51 -10.69 6.89 -5.03
C PRO A 51 -11.82 5.94 -4.67
N LEU A 52 -13.01 6.50 -4.46
CA LEU A 52 -14.18 5.70 -4.11
C LEU A 52 -14.53 4.73 -5.23
N LEU A 53 -14.15 5.09 -6.45
CA LEU A 53 -14.42 4.25 -7.62
C LEU A 53 -13.62 2.96 -7.57
N LYS A 54 -12.34 3.08 -7.23
CA LYS A 54 -11.46 1.92 -7.14
C LYS A 54 -11.69 1.16 -5.84
N ALA A 55 -12.02 1.90 -4.79
CA ALA A 55 -12.28 1.30 -3.48
C ALA A 55 -13.62 0.57 -3.46
N GLN A 56 -14.63 1.17 -4.09
CA GLN A 56 -15.96 0.59 -4.15
C GLN A 56 -15.92 -0.79 -4.79
N GLU A 57 -15.04 -0.95 -5.78
CA GLU A 57 -14.90 -2.22 -6.49
C GLU A 57 -14.44 -3.32 -5.54
N TYR A 58 -13.47 -2.99 -4.70
CA TYR A 58 -12.92 -3.95 -3.74
C TYR A 58 -13.91 -4.22 -2.62
N ILE A 59 -14.62 -3.18 -2.20
CA ILE A 59 -15.61 -3.30 -1.12
C ILE A 59 -16.79 -4.16 -1.57
N ARG A 60 -17.20 -3.99 -2.82
CA ARG A 60 -18.32 -4.75 -3.36
C ARG A 60 -17.95 -6.22 -3.54
N GLN A 61 -16.73 -6.47 -4.00
CA GLN A 61 -16.26 -7.83 -4.20
C GLN A 61 -15.81 -8.46 -2.89
N LYS A 62 -15.52 -7.61 -1.91
CA LYS A 62 -15.07 -8.07 -0.60
C LYS A 62 -16.21 -8.02 0.41
N ASN A 63 -16.61 -6.80 0.78
CA ASN A 63 -17.69 -6.62 1.74
C ASN A 63 -19.05 -6.68 1.05
N LYS A 64 -19.15 -7.55 0.04
CA LYS A 64 -20.40 -7.71 -0.70
C LYS A 64 -21.14 -6.37 -0.82
N GLY A 65 -20.38 -5.29 -0.89
CA GLY A 65 -20.98 -3.97 -1.02
C GLY A 65 -21.46 -3.43 0.32
N ALA A 66 -20.51 -3.12 1.20
CA ALA A 66 -20.84 -2.59 2.51
C ALA A 66 -19.82 -1.55 2.96
N LYS A 67 -20.14 -0.84 4.04
CA LYS A 67 -19.24 0.19 4.56
C LYS A 67 -18.00 -0.43 5.18
N LEU A 68 -16.88 0.28 5.07
CA LEU A 68 -15.61 -0.20 5.63
C LEU A 68 -15.46 0.21 7.08
N LYS A 69 -14.36 -0.21 7.69
CA LYS A 69 -14.09 0.13 9.10
C LYS A 69 -12.66 0.61 9.27
N VAL A 70 -12.44 1.44 10.28
CA VAL A 70 -11.12 1.98 10.56
C VAL A 70 -10.23 0.95 11.25
N GLY A 71 -8.99 0.82 10.78
CA GLY A 71 -8.07 -0.13 11.37
C GLY A 71 -7.94 -1.40 10.55
N GLN A 72 -8.96 -1.67 9.73
CA GLN A 72 -8.95 -2.87 8.88
C GLN A 72 -7.82 -2.80 7.86
N TYR A 73 -7.29 -3.95 7.50
CA TYR A 73 -6.20 -4.03 6.53
C TYR A 73 -6.74 -3.96 5.11
N LEU A 74 -6.18 -3.05 4.31
CA LEU A 74 -6.60 -2.87 2.93
C LEU A 74 -5.42 -3.05 1.97
N ASN A 75 -5.69 -3.66 0.82
CA ASN A 75 -4.65 -3.89 -0.18
C ASN A 75 -4.60 -2.74 -1.18
N CYS A 76 -3.40 -2.22 -1.42
CA CYS A 76 -3.22 -1.12 -2.36
C CYS A 76 -1.80 -1.11 -2.92
N ILE A 77 -1.64 -0.58 -4.12
CA ILE A 77 -0.34 -0.51 -4.77
C ILE A 77 -0.09 0.88 -5.35
N VAL A 78 1.14 1.36 -5.20
CA VAL A 78 1.51 2.68 -5.71
C VAL A 78 1.39 2.73 -7.24
N GLU A 79 0.62 3.68 -7.74
CA GLU A 79 0.43 3.84 -9.17
C GLU A 79 1.26 4.99 -9.72
N LYS A 80 1.22 6.12 -9.01
CA LYS A 80 1.97 7.31 -9.43
C LYS A 80 2.53 8.04 -8.22
N VAL A 81 3.56 8.84 -8.44
CA VAL A 81 4.19 9.60 -7.37
C VAL A 81 4.19 11.10 -7.69
N LYS A 82 3.78 11.90 -6.71
CA LYS A 82 3.74 13.35 -6.88
C LYS A 82 5.11 13.97 -6.70
N GLY A 83 5.47 14.90 -7.58
CA GLY A 83 6.77 15.55 -7.49
C GLY A 83 7.12 15.96 -6.08
N ASN A 84 6.37 16.91 -5.53
CA ASN A 84 6.61 17.39 -4.18
C ASN A 84 5.92 16.50 -3.15
N GLY A 85 6.05 15.19 -3.34
CA GLY A 85 5.43 14.25 -2.41
C GLY A 85 4.09 14.73 -1.90
N GLY A 86 3.33 15.39 -2.76
CA GLY A 86 2.03 15.90 -2.38
C GLY A 86 1.03 14.79 -2.13
N VAL A 87 0.36 14.36 -3.19
CA VAL A 87 -0.64 13.30 -3.08
C VAL A 87 -0.14 12.02 -3.72
N VAL A 88 -0.50 10.88 -3.12
CA VAL A 88 -0.09 9.58 -3.63
C VAL A 88 -1.28 8.81 -4.21
N SER A 89 -1.05 8.13 -5.33
CA SER A 89 -2.09 7.36 -5.99
C SER A 89 -1.99 5.88 -5.63
N LEU A 90 -3.03 5.37 -4.98
CA LEU A 90 -3.06 3.96 -4.58
C LEU A 90 -4.19 3.21 -5.29
N SER A 91 -3.97 1.92 -5.54
CA SER A 91 -4.96 1.10 -6.20
C SER A 91 -4.77 -0.37 -5.86
N VAL A 92 -5.87 -1.10 -5.70
CA VAL A 92 -5.82 -2.52 -5.37
C VAL A 92 -5.36 -3.34 -6.58
N GLY A 93 -4.56 -4.37 -6.31
CA GLY A 93 -4.07 -5.22 -7.37
C GLY A 93 -4.88 -6.48 -7.53
N HIS A 94 -5.33 -7.04 -6.41
CA HIS A 94 -6.12 -8.26 -6.43
C HIS A 94 -5.54 -9.27 -7.41
N SER A 95 -4.24 -9.20 -7.63
CA SER A 95 -3.56 -10.09 -8.56
C SER A 95 -2.13 -10.38 -8.10
N GLU A 96 -1.65 -11.58 -8.39
CA GLU A 96 -0.30 -11.97 -8.01
C GLU A 96 -0.18 -12.13 -6.50
N VAL A 97 -1.20 -12.74 -5.90
CA VAL A 97 -1.22 -12.96 -4.45
C VAL A 97 -0.26 -14.07 -4.06
N SER A 98 -0.01 -14.98 -4.99
CA SER A 98 0.89 -16.11 -4.73
C SER A 98 2.30 -15.62 -4.42
N THR A 99 2.88 -16.13 -3.35
CA THR A 99 4.23 -15.74 -2.94
C THR A 99 5.26 -16.70 -3.52
N ALA A 100 6.50 -16.21 -3.65
CA ALA A 100 7.58 -17.02 -4.20
C ALA A 100 7.56 -18.42 -3.60
N ILE A 101 8.31 -19.33 -4.23
CA ILE A 101 8.38 -20.71 -3.76
C ILE A 101 8.68 -20.78 -2.26
N ALA A 102 8.20 -21.83 -1.62
CA ALA A 102 8.43 -22.01 -0.19
C ALA A 102 9.53 -23.03 0.07
N THR A 103 10.72 -22.52 0.39
CA THR A 103 11.86 -23.38 0.66
C THR A 103 12.16 -23.45 2.15
N GLU A 104 12.10 -24.66 2.72
CA GLU A 104 12.36 -24.86 4.13
C GLU A 104 13.86 -25.04 4.39
N GLN A 105 14.57 -25.48 3.38
CA GLN A 105 16.02 -25.69 3.50
C GLN A 105 16.78 -24.40 3.20
N GLN A 106 17.99 -24.31 3.74
CA GLN A 106 18.82 -23.12 3.54
C GLN A 106 20.30 -23.46 3.73
N SER A 107 21.16 -22.49 3.45
CA SER A 107 22.60 -22.67 3.59
C SER A 107 23.03 -22.59 5.05
N TRP A 108 24.07 -23.33 5.41
CA TRP A 108 24.57 -23.34 6.78
C TRP A 108 25.68 -22.31 6.95
N ASN A 109 25.98 -21.98 8.20
CA ASN A 109 27.03 -21.00 8.50
C ASN A 109 28.09 -21.61 9.41
N LEU A 110 29.24 -20.93 9.49
CA LEU A 110 30.35 -21.40 10.33
C LEU A 110 31.00 -20.24 11.06
N ASN A 111 31.04 -20.35 12.39
CA ASN A 111 31.64 -19.30 13.22
C ASN A 111 33.14 -19.54 13.39
N ASN A 112 33.82 -18.58 14.01
CA ASN A 112 35.26 -18.69 14.23
C ASN A 112 35.76 -17.55 15.11
N LEU A 113 37.01 -17.63 15.52
CA LEU A 113 37.61 -16.60 16.36
C LEU A 113 36.86 -16.48 17.69
N SER A 114 36.71 -17.61 18.37
CA SER A 114 36.01 -17.63 19.66
C SER A 114 36.94 -18.13 20.76
N GLY A 115 37.15 -17.29 21.78
CA GLY A 115 38.01 -17.67 22.89
C GLY A 115 37.62 -16.97 24.18
N PRO A 116 37.80 -17.68 25.31
CA PRO A 116 37.47 -17.14 26.64
C PRO A 116 38.42 -16.03 27.06
N SER A 117 38.21 -15.50 28.26
CA SER A 117 39.06 -14.44 28.79
C SER A 117 39.04 -14.43 30.31
N SER A 118 39.97 -13.69 30.91
CA SER A 118 40.06 -13.60 32.36
C SER A 118 39.70 -12.21 32.84
N GLY A 119 39.63 -12.04 34.17
CA GLY A 119 39.29 -10.75 34.73
C GLY A 119 39.40 -10.74 36.24
N GLY A 1 37.31 -1.22 20.79
CA GLY A 1 36.58 -0.12 20.21
C GLY A 1 35.36 -0.58 19.43
N SER A 2 34.31 -0.96 20.15
CA SER A 2 33.08 -1.44 19.53
C SER A 2 31.97 -0.40 19.67
N SER A 3 31.35 -0.05 18.54
CA SER A 3 30.27 0.93 18.54
C SER A 3 29.01 0.37 19.18
N GLY A 4 28.62 -0.83 18.74
CA GLY A 4 27.43 -1.46 19.28
C GLY A 4 26.35 -1.64 18.24
N SER A 5 25.13 -1.23 18.57
CA SER A 5 23.99 -1.35 17.67
C SER A 5 23.62 0.00 17.07
N SER A 6 23.64 0.10 15.75
CA SER A 6 23.30 1.34 15.07
C SER A 6 22.70 1.06 13.70
N GLY A 7 21.89 2.01 13.21
CA GLY A 7 21.27 1.84 11.91
C GLY A 7 22.28 1.76 10.78
N LYS A 8 21.81 1.99 9.56
CA LYS A 8 22.69 1.95 8.39
C LYS A 8 23.21 3.34 8.05
N ASN A 9 22.30 4.31 8.03
CA ASN A 9 22.67 5.69 7.72
C ASN A 9 21.63 6.67 8.27
N VAL A 10 22.06 7.91 8.51
CA VAL A 10 21.17 8.94 9.03
C VAL A 10 20.33 9.55 7.91
N ASN A 11 19.03 9.66 8.15
CA ASN A 11 18.12 10.22 7.16
C ASN A 11 18.45 9.72 5.76
N ARG A 12 18.71 8.42 5.65
CA ARG A 12 19.04 7.81 4.37
C ARG A 12 18.24 8.45 3.24
N VAL A 13 18.84 8.51 2.05
CA VAL A 13 18.19 9.10 0.89
C VAL A 13 16.83 8.45 0.64
N LEU A 14 16.62 7.28 1.24
CA LEU A 14 15.36 6.56 1.08
C LEU A 14 14.19 7.40 1.55
N SER A 15 13.38 7.88 0.61
CA SER A 15 12.23 8.70 0.94
C SER A 15 11.09 8.45 -0.05
N ALA A 16 9.92 9.01 0.24
CA ALA A 16 8.76 8.85 -0.62
C ALA A 16 9.11 9.17 -2.08
N GLU A 17 10.08 10.05 -2.26
CA GLU A 17 10.51 10.46 -3.60
C GLU A 17 11.21 9.30 -4.31
N ALA A 18 11.90 8.47 -3.54
CA ALA A 18 12.62 7.33 -4.09
C ALA A 18 11.66 6.22 -4.50
N LEU A 19 10.49 6.20 -3.86
CA LEU A 19 9.48 5.19 -4.17
C LEU A 19 9.10 5.22 -5.65
N LYS A 20 8.67 4.08 -6.16
CA LYS A 20 8.27 3.98 -7.56
C LYS A 20 6.90 3.31 -7.69
N PRO A 21 6.15 3.70 -8.73
CA PRO A 21 4.81 3.15 -8.98
C PRO A 21 4.86 1.70 -9.44
N GLY A 22 4.23 0.82 -8.68
CA GLY A 22 4.21 -0.59 -9.03
C GLY A 22 4.49 -1.49 -7.84
N MET A 23 4.94 -0.89 -6.74
CA MET A 23 5.25 -1.64 -5.53
C MET A 23 3.97 -1.92 -4.73
N LEU A 24 3.90 -3.13 -4.17
CA LEU A 24 2.73 -3.52 -3.39
C LEU A 24 2.97 -3.28 -1.90
N LEU A 25 2.13 -2.46 -1.30
CA LEU A 25 2.25 -2.15 0.13
C LEU A 25 0.91 -2.32 0.83
N THR A 26 0.89 -3.12 1.88
CA THR A 26 -0.32 -3.36 2.65
C THR A 26 -0.42 -2.43 3.85
N GLY A 27 -1.48 -1.63 3.89
CA GLY A 27 -1.67 -0.70 4.99
C GLY A 27 -3.00 -0.88 5.68
N THR A 28 -3.30 0.01 6.62
CA THR A 28 -4.56 -0.05 7.35
C THR A 28 -5.34 1.25 7.23
N VAL A 29 -6.66 1.14 7.14
CA VAL A 29 -7.52 2.31 7.01
C VAL A 29 -7.39 3.22 8.22
N SER A 30 -6.97 4.46 7.98
CA SER A 30 -6.81 5.43 9.06
C SER A 30 -8.13 6.13 9.37
N SER A 31 -8.87 6.48 8.34
CA SER A 31 -10.15 7.15 8.50
C SER A 31 -11.04 6.95 7.27
N LEU A 32 -12.35 7.05 7.48
CA LEU A 32 -13.31 6.86 6.39
C LEU A 32 -13.70 8.20 5.79
N GLU A 33 -13.21 8.47 4.58
CA GLU A 33 -13.52 9.73 3.89
C GLU A 33 -14.71 9.55 2.96
N ASP A 34 -15.46 10.64 2.78
CA ASP A 34 -16.63 10.61 1.91
C ASP A 34 -16.22 10.54 0.44
N HIS A 35 -15.07 11.14 0.12
CA HIS A 35 -14.57 11.16 -1.24
C HIS A 35 -13.80 9.88 -1.55
N GLY A 36 -13.20 9.29 -0.52
CA GLY A 36 -12.44 8.06 -0.69
C GLY A 36 -12.07 7.41 0.62
N TYR A 37 -11.04 6.57 0.60
CA TYR A 37 -10.60 5.88 1.80
C TYR A 37 -9.13 6.17 2.08
N LEU A 38 -8.83 6.52 3.32
CA LEU A 38 -7.46 6.83 3.73
C LEU A 38 -6.71 5.56 4.12
N VAL A 39 -5.52 5.38 3.56
CA VAL A 39 -4.70 4.21 3.85
C VAL A 39 -3.45 4.60 4.62
N ASP A 40 -3.15 3.85 5.68
CA ASP A 40 -1.97 4.11 6.49
C ASP A 40 -0.72 3.51 5.85
N ILE A 41 0.37 4.27 5.87
CA ILE A 41 1.63 3.82 5.30
C ILE A 41 2.77 3.93 6.30
N GLY A 42 2.67 4.91 7.19
CA GLY A 42 3.70 5.10 8.20
C GLY A 42 4.83 5.98 7.70
N VAL A 43 4.50 7.18 7.23
CA VAL A 43 5.49 8.11 6.73
C VAL A 43 5.17 9.54 7.16
N ASP A 44 6.20 10.38 7.21
CA ASP A 44 6.03 11.77 7.60
C ASP A 44 6.02 12.68 6.37
N GLY A 45 4.91 13.39 6.18
CA GLY A 45 4.79 14.28 5.04
C GLY A 45 4.33 13.56 3.78
N THR A 46 3.34 12.69 3.92
CA THR A 46 2.83 11.94 2.79
C THR A 46 1.31 11.75 2.90
N ARG A 47 0.60 12.03 1.81
CA ARG A 47 -0.85 11.89 1.80
C ARG A 47 -1.27 10.81 0.80
N ALA A 48 -2.04 9.84 1.27
CA ALA A 48 -2.52 8.76 0.42
C ALA A 48 -4.05 8.70 0.42
N PHE A 49 -4.63 8.81 -0.78
CA PHE A 49 -6.08 8.77 -0.92
C PHE A 49 -6.49 7.69 -1.92
N LEU A 50 -7.58 6.99 -1.61
CA LEU A 50 -8.08 5.94 -2.48
C LEU A 50 -9.40 6.35 -3.14
N PRO A 51 -9.47 6.19 -4.47
CA PRO A 51 -10.66 6.54 -5.25
C PRO A 51 -11.83 5.59 -4.97
N LEU A 52 -13.02 6.16 -4.79
CA LEU A 52 -14.21 5.36 -4.52
C LEU A 52 -14.53 4.45 -5.70
N LEU A 53 -14.06 4.83 -6.88
CA LEU A 53 -14.30 4.05 -8.09
C LEU A 53 -13.61 2.69 -8.00
N LYS A 54 -12.36 2.70 -7.56
CA LYS A 54 -11.60 1.46 -7.41
C LYS A 54 -11.87 0.79 -6.07
N ALA A 55 -12.15 1.60 -5.05
CA ALA A 55 -12.43 1.08 -3.72
C ALA A 55 -13.76 0.34 -3.71
N GLN A 56 -14.78 0.91 -4.34
CA GLN A 56 -16.09 0.29 -4.40
C GLN A 56 -16.02 -1.09 -5.05
N GLU A 57 -15.12 -1.24 -6.01
CA GLU A 57 -14.95 -2.51 -6.72
C GLU A 57 -14.45 -3.59 -5.77
N TYR A 58 -13.48 -3.23 -4.94
CA TYR A 58 -12.91 -4.18 -3.98
C TYR A 58 -13.88 -4.45 -2.83
N ILE A 59 -14.53 -3.39 -2.36
CA ILE A 59 -15.49 -3.52 -1.26
C ILE A 59 -16.74 -4.28 -1.71
N ARG A 60 -17.19 -3.99 -2.93
CA ARG A 60 -18.37 -4.66 -3.47
C ARG A 60 -18.08 -6.12 -3.78
N GLN A 61 -16.85 -6.39 -4.24
CA GLN A 61 -16.45 -7.75 -4.58
C GLN A 61 -16.05 -8.52 -3.33
N LYS A 62 -15.45 -7.83 -2.37
CA LYS A 62 -15.02 -8.45 -1.12
C LYS A 62 -16.02 -8.16 0.00
N ASN A 63 -16.21 -6.88 0.30
CA ASN A 63 -17.13 -6.48 1.35
C ASN A 63 -18.58 -6.49 0.85
N LYS A 64 -18.80 -7.23 -0.23
CA LYS A 64 -20.14 -7.34 -0.81
C LYS A 64 -20.87 -6.01 -0.75
N GLY A 65 -20.11 -4.92 -0.72
CA GLY A 65 -20.70 -3.60 -0.67
C GLY A 65 -20.98 -3.14 0.74
N ALA A 66 -20.00 -3.32 1.63
CA ALA A 66 -20.14 -2.93 3.03
C ALA A 66 -19.11 -1.87 3.40
N LYS A 67 -19.59 -0.68 3.75
CA LYS A 67 -18.71 0.41 4.15
C LYS A 67 -17.53 -0.10 4.96
N LEU A 68 -16.33 0.35 4.61
CA LEU A 68 -15.12 -0.06 5.32
C LEU A 68 -15.08 0.53 6.72
N LYS A 69 -14.11 0.09 7.51
CA LYS A 69 -13.96 0.58 8.88
C LYS A 69 -12.54 1.09 9.12
N VAL A 70 -12.31 1.65 10.31
CA VAL A 70 -10.99 2.17 10.66
C VAL A 70 -10.16 1.11 11.37
N GLY A 71 -8.91 0.96 10.94
CA GLY A 71 -8.02 -0.02 11.54
C GLY A 71 -7.88 -1.27 10.69
N GLN A 72 -8.90 -1.57 9.92
CA GLN A 72 -8.89 -2.74 9.05
C GLN A 72 -7.78 -2.64 8.01
N TYR A 73 -7.22 -3.79 7.64
CA TYR A 73 -6.16 -3.83 6.65
C TYR A 73 -6.71 -3.76 5.24
N LEU A 74 -6.21 -2.82 4.45
CA LEU A 74 -6.66 -2.63 3.07
C LEU A 74 -5.50 -2.80 2.09
N ASN A 75 -5.76 -3.48 0.99
CA ASN A 75 -4.73 -3.71 -0.03
C ASN A 75 -4.67 -2.53 -1.00
N CYS A 76 -3.45 -2.10 -1.31
CA CYS A 76 -3.25 -0.99 -2.22
C CYS A 76 -1.86 -1.05 -2.86
N ILE A 77 -1.73 -0.45 -4.04
CA ILE A 77 -0.46 -0.44 -4.75
C ILE A 77 -0.15 0.95 -5.30
N VAL A 78 1.13 1.33 -5.24
CA VAL A 78 1.56 2.63 -5.74
C VAL A 78 1.34 2.75 -7.24
N GLU A 79 0.51 3.72 -7.63
CA GLU A 79 0.22 3.94 -9.05
C GLU A 79 1.06 5.08 -9.62
N LYS A 80 1.13 6.18 -8.88
CA LYS A 80 1.92 7.33 -9.30
C LYS A 80 2.43 8.11 -8.10
N VAL A 81 3.49 8.89 -8.32
CA VAL A 81 4.08 9.68 -7.25
C VAL A 81 4.06 11.16 -7.60
N LYS A 82 3.56 11.97 -6.66
CA LYS A 82 3.48 13.42 -6.86
C LYS A 82 4.69 14.12 -6.25
N GLY A 83 4.98 15.31 -6.76
CA GLY A 83 6.12 16.07 -6.25
C GLY A 83 5.88 16.60 -4.85
N ASN A 84 6.96 16.92 -4.15
CA ASN A 84 6.86 17.43 -2.79
C ASN A 84 5.94 16.58 -1.94
N GLY A 85 5.96 15.27 -2.20
CA GLY A 85 5.11 14.35 -1.46
C GLY A 85 3.72 14.90 -1.24
N GLY A 86 3.20 15.61 -2.23
CA GLY A 86 1.87 16.18 -2.12
C GLY A 86 0.80 15.13 -1.92
N VAL A 87 0.38 14.50 -3.01
CA VAL A 87 -0.65 13.46 -2.94
C VAL A 87 -0.14 12.14 -3.52
N VAL A 88 -0.59 11.03 -2.95
CA VAL A 88 -0.19 9.72 -3.41
C VAL A 88 -1.36 8.96 -4.02
N SER A 89 -1.10 8.28 -5.13
CA SER A 89 -2.14 7.50 -5.81
C SER A 89 -2.03 6.02 -5.48
N LEU A 90 -3.07 5.49 -4.86
CA LEU A 90 -3.10 4.08 -4.47
C LEU A 90 -4.23 3.34 -5.21
N SER A 91 -4.08 2.03 -5.32
CA SER A 91 -5.07 1.21 -6.00
C SER A 91 -5.03 -0.23 -5.48
N VAL A 92 -6.21 -0.84 -5.36
CA VAL A 92 -6.32 -2.21 -4.87
C VAL A 92 -5.83 -3.20 -5.92
N GLY A 93 -4.98 -4.14 -5.50
CA GLY A 93 -4.45 -5.13 -6.42
C GLY A 93 -3.96 -6.37 -5.71
N HIS A 94 -4.85 -7.37 -5.59
CA HIS A 94 -4.50 -8.62 -4.93
C HIS A 94 -3.48 -9.41 -5.75
N SER A 95 -3.79 -9.62 -7.02
CA SER A 95 -2.92 -10.36 -7.92
C SER A 95 -1.51 -9.78 -7.90
N GLU A 96 -0.58 -10.46 -8.58
CA GLU A 96 0.79 -10.00 -8.65
C GLU A 96 1.35 -10.16 -10.07
N VAL A 97 1.88 -9.06 -10.61
CA VAL A 97 2.45 -9.08 -11.96
C VAL A 97 3.97 -9.21 -11.91
N SER A 98 4.60 -8.44 -11.02
CA SER A 98 6.05 -8.46 -10.88
C SER A 98 6.56 -9.89 -10.77
N THR A 99 7.79 -10.10 -11.22
CA THR A 99 8.41 -11.43 -11.18
C THR A 99 8.99 -11.72 -9.80
N ALA A 100 9.29 -12.98 -9.54
CA ALA A 100 9.86 -13.40 -8.27
C ALA A 100 11.38 -13.27 -8.28
N ILE A 101 11.96 -13.12 -7.10
CA ILE A 101 13.41 -12.99 -6.97
C ILE A 101 14.13 -14.11 -7.71
N ALA A 102 15.25 -13.78 -8.33
CA ALA A 102 16.04 -14.76 -9.07
C ALA A 102 16.81 -15.67 -8.12
N THR A 103 17.01 -15.19 -6.90
CA THR A 103 17.74 -15.95 -5.90
C THR A 103 19.03 -16.54 -6.48
N GLU A 104 19.58 -15.85 -7.47
CA GLU A 104 20.81 -16.31 -8.11
C GLU A 104 21.96 -16.36 -7.12
N GLN A 105 22.58 -17.53 -6.99
CA GLN A 105 23.69 -17.71 -6.07
C GLN A 105 24.98 -17.16 -6.65
N GLN A 106 25.21 -17.45 -7.93
CA GLN A 106 26.41 -16.98 -8.62
C GLN A 106 26.72 -15.54 -8.25
N SER A 107 27.83 -15.32 -7.57
CA SER A 107 28.24 -13.98 -7.15
C SER A 107 29.49 -13.53 -7.91
N TRP A 108 29.40 -12.36 -8.54
CA TRP A 108 30.52 -11.82 -9.30
C TRP A 108 31.76 -11.72 -8.44
N ASN A 109 31.58 -11.42 -7.16
CA ASN A 109 32.70 -11.30 -6.23
C ASN A 109 33.62 -12.50 -6.34
N LEU A 110 34.87 -12.32 -5.91
CA LEU A 110 35.86 -13.40 -5.95
C LEU A 110 36.10 -13.99 -4.57
N ASN A 111 35.50 -15.13 -4.30
CA ASN A 111 35.65 -15.80 -3.02
C ASN A 111 35.27 -17.27 -3.12
N ASN A 112 35.94 -18.11 -2.33
CA ASN A 112 35.68 -19.54 -2.32
C ASN A 112 34.92 -19.96 -1.06
N LEU A 113 33.84 -20.70 -1.25
CA LEU A 113 33.02 -21.17 -0.14
C LEU A 113 33.51 -22.51 0.37
N SER A 114 34.35 -22.48 1.40
CA SER A 114 34.90 -23.71 1.99
C SER A 114 34.11 -24.12 3.22
N GLY A 115 33.63 -25.35 3.23
CA GLY A 115 32.86 -25.85 4.35
C GLY A 115 31.48 -26.35 3.94
N PRO A 116 31.43 -27.61 3.47
CA PRO A 116 30.17 -28.24 3.03
C PRO A 116 29.25 -28.53 4.20
N SER A 117 28.15 -27.78 4.28
CA SER A 117 27.17 -27.95 5.35
C SER A 117 26.55 -29.34 5.28
N SER A 118 26.33 -29.94 6.44
CA SER A 118 25.73 -31.27 6.52
C SER A 118 25.01 -31.46 7.85
N GLY A 119 23.90 -32.21 7.81
CA GLY A 119 23.14 -32.46 9.01
C GLY A 119 23.98 -33.10 10.11
#